data_6H6K
#
_entry.id   6H6K
#
_cell.length_a   76.710
_cell.length_b   76.750
_cell.length_c   146.790
_cell.angle_alpha   101.463
_cell.angle_beta   92.077
_cell.angle_gamma   95.974
#
_symmetry.space_group_name_H-M   'P 1'
#
loop_
_entity.id
_entity.type
_entity.pdbx_description
1 polymer 'Translation initiation factor 2 subunit gamma'
2 non-polymer 'PHOSPHOMETHYLPHOSPHONIC ACID GUANYLATE ESTER'
3 non-polymer 'SODIUM ION'
4 non-polymer 1,2-ETHANEDIOL
5 water water
#
_entity_poly.entity_id   1
_entity_poly.type   'polypeptide(L)'
_entity_poly.pdbx_seq_one_letter_code
;MAWPKVQPEVNIGVVGHVDHGKTTLVQAITGIWTSKHSEELKRGMTIKLGYAETNIGVCESCKKPEAYVTEPSCKSCGSD
DEPKFLRRISFIDAPGHEVLMATMLSGAALMDGAILVVAANEPFPQPQTREHFVALGIIGVKNLIIVQNKVDVVSKEEAL
SQYRQIKQFTKGTWAENVPIIPVSALHKINIDSLIEGIEEYIKTPYRDLSQKPVMLVIRSADVNAPGTQFNELKGGVIGG
SIIQGLFKVDQEIKVLPGLRVEKQGKVSYEPIFTKISSIAFGDEEFKEAKPGGLVAIGTYLDPSLTKADNLLGSIITLAD
AEVPVLWNIRIKYNLLERVVGAKEMLKVDPIRAKETLMLSVGSSTTLGIVTSVKKDEIEVELRRPVAVWSNNIRTVISRQ
IAGRWRMIGWGLVEI
;
_entity_poly.pdbx_strand_id   A,B,C,D,E
#
loop_
_chem_comp.id
_chem_comp.type
_chem_comp.name
_chem_comp.formula
EDO non-polymer 1,2-ETHANEDIOL 'C2 H6 O2'
GCP non-polymer 'PHOSPHOMETHYLPHOSPHONIC ACID GUANYLATE ESTER' 'C11 H18 N5 O13 P3'
NA non-polymer 'SODIUM ION' 'Na 1'
#
# COMPACT_ATOMS: atom_id res chain seq x y z
N ALA A 2 -22.16 -12.45 3.25
CA ALA A 2 -21.85 -11.05 3.43
C ALA A 2 -21.32 -10.43 2.14
N TRP A 3 -21.73 -9.20 1.86
CA TRP A 3 -21.27 -8.52 0.66
C TRP A 3 -19.78 -8.18 0.76
N PRO A 4 -19.05 -8.27 -0.34
CA PRO A 4 -17.62 -7.95 -0.30
C PRO A 4 -17.38 -6.48 -0.02
N LYS A 5 -16.18 -6.20 0.49
CA LYS A 5 -15.73 -4.84 0.78
C LYS A 5 -14.84 -4.38 -0.37
N VAL A 6 -15.41 -3.57 -1.27
CA VAL A 6 -14.69 -3.07 -2.44
C VAL A 6 -14.82 -1.56 -2.49
N GLN A 7 -13.96 -0.93 -3.28
CA GLN A 7 -14.05 0.51 -3.47
C GLN A 7 -15.23 0.82 -4.40
N PRO A 8 -15.78 2.03 -4.32
CA PRO A 8 -16.77 2.45 -5.30
C PRO A 8 -16.15 2.51 -6.69
N GLU A 9 -16.90 2.06 -7.70
CA GLU A 9 -16.38 1.95 -9.05
C GLU A 9 -16.92 3.02 -10.00
N VAL A 10 -17.74 3.94 -9.52
CA VAL A 10 -18.32 4.97 -10.38
C VAL A 10 -18.74 6.13 -9.51
N ASN A 11 -18.52 7.35 -10.02
CA ASN A 11 -18.92 8.58 -9.35
C ASN A 11 -20.12 9.15 -10.07
N ILE A 12 -21.22 9.37 -9.34
CA ILE A 12 -22.44 9.94 -9.90
C ILE A 12 -22.62 11.33 -9.30
N GLY A 13 -22.60 12.34 -10.16
CA GLY A 13 -22.86 13.69 -9.69
C GLY A 13 -24.33 13.94 -9.47
N VAL A 14 -24.63 14.81 -8.51
CA VAL A 14 -26.00 15.22 -8.21
C VAL A 14 -26.03 16.73 -8.28
N VAL A 15 -26.70 17.28 -9.29
CA VAL A 15 -26.67 18.71 -9.60
C VAL A 15 -28.10 19.20 -9.75
N GLY A 16 -28.24 20.52 -9.83
CA GLY A 16 -29.55 21.14 -9.96
C GLY A 16 -29.72 22.45 -9.21
N HIS A 17 -30.86 23.12 -9.44
CA HIS A 17 -31.07 24.46 -8.89
C HIS A 17 -31.17 24.40 -7.37
N VAL A 18 -30.91 25.57 -6.74
CA VAL A 18 -30.86 25.63 -5.29
C VAL A 18 -32.16 25.11 -4.69
N ASP A 19 -32.01 24.36 -3.58
CA ASP A 19 -33.10 23.80 -2.78
C ASP A 19 -33.99 22.82 -3.53
N HIS A 20 -33.59 22.36 -4.71
CA HIS A 20 -34.43 21.37 -5.39
C HIS A 20 -34.33 19.98 -4.78
N GLY A 21 -33.40 19.76 -3.85
CA GLY A 21 -33.41 18.54 -3.07
C GLY A 21 -32.26 17.57 -3.32
N LYS A 22 -31.10 18.11 -3.74
CA LYS A 22 -29.97 17.24 -4.09
C LYS A 22 -29.47 16.45 -2.88
N THR A 23 -29.23 17.14 -1.77
CA THR A 23 -28.71 16.46 -0.58
C THR A 23 -29.70 15.46 -0.03
N THR A 24 -31.00 15.77 -0.11
CA THR A 24 -32.02 14.86 0.39
C THR A 24 -32.12 13.60 -0.48
N LEU A 25 -31.89 13.72 -1.78
CA LEU A 25 -31.91 12.55 -2.65
C LEU A 25 -30.74 11.62 -2.35
N VAL A 26 -29.55 12.18 -2.13
CA VAL A 26 -28.40 11.38 -1.73
C VAL A 26 -28.69 10.65 -0.42
N GLN A 27 -29.36 11.33 0.51
CA GLN A 27 -29.76 10.69 1.76
C GLN A 27 -30.77 9.58 1.51
N ALA A 28 -31.68 9.79 0.57
CA ALA A 28 -32.67 8.75 0.26
C ALA A 28 -31.98 7.50 -0.28
N ILE A 29 -30.93 7.67 -1.08
CA ILE A 29 -30.26 6.53 -1.68
C ILE A 29 -29.31 5.87 -0.70
N THR A 30 -28.51 6.68 0.01
CA THR A 30 -27.39 6.17 0.79
C THR A 30 -27.65 6.09 2.28
N GLY A 31 -28.70 6.76 2.78
CA GLY A 31 -28.88 6.92 4.21
C GLY A 31 -27.99 7.95 4.86
N ILE A 32 -27.18 8.66 4.07
CA ILE A 32 -26.18 9.59 4.58
C ILE A 32 -26.61 11.01 4.26
N TRP A 33 -26.70 11.85 5.28
CA TRP A 33 -26.91 13.28 5.09
C TRP A 33 -25.54 13.96 5.00
N THR A 34 -25.21 14.51 3.83
CA THR A 34 -23.83 14.93 3.59
C THR A 34 -23.51 16.31 4.17
N SER A 35 -24.49 17.21 4.22
CA SER A 35 -24.23 18.59 4.63
C SER A 35 -24.77 18.84 6.03
N LYS A 36 -23.89 19.20 6.96
CA LYS A 36 -24.36 19.74 8.24
C LYS A 36 -25.24 20.95 7.94
N HIS A 37 -26.55 20.78 8.14
CA HIS A 37 -27.53 21.69 7.54
C HIS A 37 -28.30 22.55 8.53
N SER A 38 -28.20 22.32 9.83
CA SER A 38 -28.86 23.19 10.81
C SER A 38 -28.44 24.64 10.58
N GLU A 39 -27.16 24.92 10.74
CA GLU A 39 -26.54 26.16 10.28
C GLU A 39 -25.19 25.81 9.67
N GLU A 40 -24.65 26.73 8.88
CA GLU A 40 -23.40 26.46 8.17
C GLU A 40 -22.25 27.30 8.71
N LEU A 41 -22.14 28.56 8.27
CA LEU A 41 -20.98 29.37 8.62
C LEU A 41 -21.33 30.63 9.39
N LYS A 42 -22.36 31.36 8.97
CA LYS A 42 -22.72 32.62 9.61
C LYS A 42 -24.23 32.80 9.66
N GLY A 44 -26.08 31.52 3.57
CA GLY A 44 -27.29 30.78 3.92
C GLY A 44 -27.51 29.55 3.06
N MET A 45 -26.44 28.80 2.83
CA MET A 45 -26.51 27.58 2.04
C MET A 45 -25.26 26.75 2.31
N THR A 46 -25.21 25.55 1.73
CA THR A 46 -24.04 24.70 1.79
C THR A 46 -23.09 25.07 0.66
N ILE A 47 -21.81 25.22 0.99
CA ILE A 47 -20.80 25.61 0.01
C ILE A 47 -19.88 24.46 -0.39
N LYS A 48 -19.75 23.42 0.43
CA LYS A 48 -18.85 22.33 0.12
C LYS A 48 -19.56 21.26 -0.71
N LEU A 49 -18.75 20.49 -1.44
CA LEU A 49 -19.27 19.29 -2.09
C LEU A 49 -19.67 18.26 -1.03
N GLY A 50 -20.72 17.51 -1.32
CA GLY A 50 -21.13 16.41 -0.48
C GLY A 50 -20.75 15.09 -1.11
N TYR A 51 -20.40 14.11 -0.27
CA TYR A 51 -19.97 12.81 -0.74
C TYR A 51 -20.55 11.71 0.13
N ALA A 52 -21.14 10.71 -0.52
CA ALA A 52 -21.64 9.52 0.18
C ALA A 52 -21.54 8.32 -0.76
N GLU A 53 -21.48 7.13 -0.16
CA GLU A 53 -21.35 5.88 -0.90
C GLU A 53 -22.46 4.92 -0.51
N THR A 54 -22.77 4.00 -1.41
CA THR A 54 -23.65 2.89 -1.08
C THR A 54 -23.33 1.68 -1.95
N ASN A 55 -23.57 0.50 -1.40
CA ASN A 55 -23.61 -0.71 -2.18
C ASN A 55 -24.93 -0.82 -2.91
N ILE A 56 -24.92 -1.52 -4.03
CA ILE A 56 -26.12 -1.76 -4.84
C ILE A 56 -26.23 -3.25 -5.10
N GLY A 57 -27.42 -3.81 -4.84
CA GLY A 57 -27.67 -5.22 -5.08
C GLY A 57 -29.02 -5.44 -5.72
N VAL A 58 -29.34 -6.71 -5.97
CA VAL A 58 -30.62 -7.07 -6.55
C VAL A 58 -31.02 -8.47 -6.08
N CYS A 59 -32.29 -8.62 -5.75
CA CYS A 59 -32.85 -9.90 -5.32
C CYS A 59 -33.34 -10.64 -6.55
N GLU A 60 -32.71 -11.78 -6.84
CA GLU A 60 -32.84 -12.42 -8.15
C GLU A 60 -34.29 -12.71 -8.51
N SER A 61 -34.96 -13.56 -7.73
CA SER A 61 -36.31 -14.00 -8.08
C SER A 61 -37.37 -13.12 -7.43
N CYS A 62 -37.23 -11.80 -7.58
CA CYS A 62 -38.13 -10.84 -6.98
C CYS A 62 -38.55 -9.80 -8.00
N LYS A 63 -39.73 -9.21 -7.77
CA LYS A 63 -40.27 -8.21 -8.69
C LYS A 63 -39.35 -7.00 -8.76
N LYS A 64 -39.11 -6.53 -9.98
CA LYS A 64 -38.43 -5.28 -10.21
C LYS A 64 -39.44 -4.15 -10.39
N PRO A 65 -39.12 -2.90 -9.99
CA PRO A 65 -37.80 -2.46 -9.50
C PRO A 65 -37.59 -2.68 -8.02
N GLU A 66 -38.58 -3.22 -7.32
CA GLU A 66 -38.46 -3.40 -5.88
C GLU A 66 -37.33 -4.34 -5.49
N ALA A 67 -36.89 -5.20 -6.43
CA ALA A 67 -35.80 -6.14 -6.14
C ALA A 67 -34.46 -5.46 -5.91
N TYR A 68 -34.28 -4.24 -6.42
CA TYR A 68 -33.02 -3.53 -6.23
C TYR A 68 -32.92 -3.00 -4.82
N VAL A 69 -31.78 -3.24 -4.17
CA VAL A 69 -31.59 -2.91 -2.76
C VAL A 69 -30.24 -2.23 -2.57
N THR A 70 -30.13 -1.50 -1.46
CA THR A 70 -28.91 -0.80 -1.08
C THR A 70 -28.33 -1.37 0.22
N GLU A 71 -28.78 -2.55 0.62
CA GLU A 71 -28.28 -3.24 1.79
C GLU A 71 -28.45 -4.73 1.54
N PRO A 72 -27.65 -5.58 2.20
CA PRO A 72 -27.70 -7.03 1.89
C PRO A 72 -28.88 -7.76 2.52
N SER A 73 -30.09 -7.43 2.09
CA SER A 73 -31.28 -8.11 2.59
C SER A 73 -32.33 -8.17 1.49
N CYS A 74 -33.05 -9.30 1.44
CA CYS A 74 -34.16 -9.48 0.50
C CYS A 74 -35.49 -9.73 1.21
N LYS A 75 -35.57 -9.49 2.51
CA LYS A 75 -36.81 -9.76 3.23
C LYS A 75 -37.94 -8.86 2.78
N SER A 76 -37.65 -7.76 2.08
CA SER A 76 -38.72 -6.88 1.62
C SER A 76 -39.48 -7.46 0.44
N CYS A 77 -38.95 -8.48 -0.23
CA CYS A 77 -39.62 -9.08 -1.39
C CYS A 77 -39.89 -10.56 -1.19
N GLY A 78 -39.87 -11.04 0.05
CA GLY A 78 -40.24 -12.41 0.34
C GLY A 78 -39.17 -13.44 0.07
N SER A 79 -37.93 -13.01 -0.19
CA SER A 79 -36.83 -13.93 -0.44
C SER A 79 -36.04 -14.15 0.85
N ASP A 80 -35.57 -15.37 1.03
CA ASP A 80 -34.72 -15.73 2.15
C ASP A 80 -33.25 -15.81 1.77
N ASP A 81 -32.91 -15.46 0.54
CA ASP A 81 -31.53 -15.45 0.09
C ASP A 81 -30.91 -14.08 0.28
N GLU A 82 -29.61 -14.02 0.18
CA GLU A 82 -28.93 -12.73 0.12
C GLU A 82 -29.08 -12.15 -1.28
N PRO A 83 -29.16 -10.83 -1.41
CA PRO A 83 -29.20 -10.23 -2.75
C PRO A 83 -27.84 -10.36 -3.43
N LYS A 84 -27.88 -10.32 -4.75
CA LYS A 84 -26.66 -10.38 -5.55
C LYS A 84 -25.99 -9.01 -5.55
N PHE A 85 -24.78 -8.94 -5.03
CA PHE A 85 -24.02 -7.69 -5.07
C PHE A 85 -23.73 -7.29 -6.50
N LEU A 86 -24.07 -6.05 -6.86
CA LEU A 86 -23.85 -5.55 -8.21
C LEU A 86 -22.60 -4.69 -8.29
N ARG A 87 -22.54 -3.61 -7.53
CA ARG A 87 -21.37 -2.73 -7.48
C ARG A 87 -21.56 -1.77 -6.32
N ARG A 88 -20.48 -1.11 -5.96
CA ARG A 88 -20.52 0.02 -5.02
C ARG A 88 -20.41 1.31 -5.82
N ILE A 89 -21.24 2.29 -5.47
CA ILE A 89 -21.27 3.57 -6.17
C ILE A 89 -21.08 4.70 -5.17
N SER A 90 -20.70 5.86 -5.70
CA SER A 90 -20.51 7.05 -4.89
C SER A 90 -21.24 8.22 -5.55
N PHE A 91 -21.55 9.22 -4.74
CA PHE A 91 -22.29 10.39 -5.20
C PHE A 91 -21.49 11.64 -4.87
N ILE A 92 -21.38 12.54 -5.83
CA ILE A 92 -20.76 13.85 -5.64
C ILE A 92 -21.88 14.88 -5.64
N ASP A 93 -22.15 15.44 -4.47
CA ASP A 93 -23.29 16.34 -4.26
C ASP A 93 -22.82 17.78 -4.43
N ALA A 94 -23.28 18.43 -5.50
CA ALA A 94 -22.79 19.78 -5.75
C ALA A 94 -23.75 20.83 -5.21
N PRO A 95 -23.24 21.94 -4.66
CA PRO A 95 -24.14 22.99 -4.17
C PRO A 95 -24.87 23.68 -5.31
N GLY A 96 -26.08 24.15 -5.02
CA GLY A 96 -26.93 24.70 -6.05
C GLY A 96 -26.86 26.20 -6.25
N HIS A 97 -26.33 26.94 -5.28
CA HIS A 97 -26.34 28.39 -5.35
C HIS A 97 -25.51 28.89 -6.52
N GLU A 98 -26.01 29.95 -7.18
CA GLU A 98 -25.38 30.44 -8.40
C GLU A 98 -23.98 31.00 -8.14
N VAL A 99 -23.70 31.45 -6.92
CA VAL A 99 -22.38 31.97 -6.59
C VAL A 99 -21.34 30.87 -6.48
N LEU A 100 -21.76 29.60 -6.47
CA LEU A 100 -20.88 28.47 -6.23
C LEU A 100 -20.65 27.61 -7.48
N MET A 101 -20.78 28.22 -8.66
CA MET A 101 -20.63 27.47 -9.91
C MET A 101 -19.24 26.86 -10.03
N ALA A 102 -18.20 27.56 -9.54
CA ALA A 102 -16.86 27.01 -9.62
C ALA A 102 -16.74 25.69 -8.86
N THR A 103 -17.48 25.56 -7.75
CA THR A 103 -17.46 24.32 -6.98
C THR A 103 -18.14 23.20 -7.76
N MET A 104 -19.27 23.50 -8.41
CA MET A 104 -19.93 22.50 -9.25
C MET A 104 -19.00 22.02 -10.36
N LEU A 105 -18.34 22.96 -11.05
CA LEU A 105 -17.42 22.60 -12.12
C LEU A 105 -16.25 21.77 -11.58
N SER A 106 -15.80 22.09 -10.37
CA SER A 106 -14.74 21.31 -9.74
C SER A 106 -15.20 19.89 -9.46
N GLY A 107 -16.43 19.72 -8.97
CA GLY A 107 -16.96 18.39 -8.75
C GLY A 107 -17.26 17.67 -10.05
N ALA A 108 -17.66 18.39 -11.09
CA ALA A 108 -17.99 17.77 -12.36
C ALA A 108 -16.80 17.08 -13.00
N ALA A 109 -15.58 17.48 -12.66
CA ALA A 109 -14.40 16.79 -13.15
C ALA A 109 -14.25 15.39 -12.57
N LEU A 110 -14.98 15.08 -11.50
CA LEU A 110 -14.90 13.78 -10.85
C LEU A 110 -15.99 12.82 -11.30
N MET A 111 -16.96 13.28 -12.08
CA MET A 111 -18.17 12.52 -12.34
C MET A 111 -18.02 11.58 -13.52
N ASP A 112 -18.49 10.34 -13.34
CA ASP A 112 -18.67 9.40 -14.43
C ASP A 112 -20.09 9.44 -15.01
N GLY A 113 -21.05 9.92 -14.23
CA GLY A 113 -22.42 10.12 -14.65
C GLY A 113 -23.00 11.22 -13.80
N ALA A 114 -24.28 11.52 -14.01
CA ALA A 114 -24.89 12.60 -13.26
C ALA A 114 -26.39 12.41 -13.12
N ILE A 115 -26.92 12.96 -12.03
CA ILE A 115 -28.35 13.09 -11.82
C ILE A 115 -28.67 14.58 -11.76
N LEU A 116 -29.56 15.04 -12.63
CA LEU A 116 -30.05 16.41 -12.61
C LEU A 116 -31.37 16.41 -11.84
N VAL A 117 -31.38 17.04 -10.67
CA VAL A 117 -32.55 17.10 -9.81
C VAL A 117 -33.40 18.29 -10.22
N VAL A 118 -34.64 18.04 -10.60
CA VAL A 118 -35.61 19.07 -10.98
C VAL A 118 -36.78 18.99 -10.01
N ALA A 119 -37.05 20.11 -9.33
CA ALA A 119 -38.17 20.16 -8.40
C ALA A 119 -39.49 20.21 -9.18
N ALA A 120 -40.43 19.35 -8.80
CA ALA A 120 -41.70 19.27 -9.51
C ALA A 120 -42.61 20.46 -9.22
N ASN A 121 -42.36 21.19 -8.13
CA ASN A 121 -43.21 22.31 -7.72
C ASN A 121 -42.60 23.66 -8.10
N GLU A 122 -41.76 23.69 -9.13
CA GLU A 122 -41.05 24.90 -9.53
C GLU A 122 -41.11 25.00 -11.05
N PRO A 123 -41.24 26.21 -11.59
CA PRO A 123 -41.25 26.36 -13.05
C PRO A 123 -39.92 25.92 -13.66
N PHE A 124 -40.00 25.07 -14.67
CA PHE A 124 -38.88 24.51 -15.40
C PHE A 124 -38.61 25.29 -16.68
N PRO A 125 -37.34 25.59 -17.00
CA PRO A 125 -36.19 25.32 -16.14
C PRO A 125 -35.71 26.53 -15.34
N GLN A 126 -35.30 26.30 -14.10
CA GLN A 126 -34.72 27.35 -13.28
C GLN A 126 -33.31 27.68 -13.76
N PRO A 127 -32.77 28.85 -13.37
CA PRO A 127 -31.44 29.25 -13.87
C PRO A 127 -30.34 28.20 -13.71
N GLN A 128 -30.14 27.66 -12.51
CA GLN A 128 -29.08 26.68 -12.33
C GLN A 128 -29.46 25.30 -12.84
N THR A 129 -30.76 25.02 -13.00
CA THR A 129 -31.15 23.85 -13.76
C THR A 129 -30.56 23.91 -15.17
N ARG A 130 -30.69 25.07 -15.82
CA ARG A 130 -30.14 25.23 -17.16
C ARG A 130 -28.62 25.26 -17.14
N GLU A 131 -28.02 25.97 -16.18
CA GLU A 131 -26.57 26.13 -16.17
C GLU A 131 -25.87 24.82 -15.83
N HIS A 132 -26.39 24.07 -14.84
CA HIS A 132 -25.76 22.79 -14.53
C HIS A 132 -25.91 21.80 -15.68
N PHE A 133 -27.04 21.84 -16.38
CA PHE A 133 -27.23 20.96 -17.52
C PHE A 133 -26.23 21.27 -18.62
N VAL A 134 -26.05 22.55 -18.94
CA VAL A 134 -25.13 22.93 -20.00
C VAL A 134 -23.69 22.57 -19.63
N ALA A 135 -23.32 22.79 -18.36
CA ALA A 135 -21.98 22.43 -17.92
C ALA A 135 -21.74 20.93 -18.04
N LEU A 136 -22.76 20.12 -17.75
CA LEU A 136 -22.61 18.67 -17.88
C LEU A 136 -22.29 18.26 -19.32
N GLY A 137 -23.02 18.82 -20.28
CA GLY A 137 -22.73 18.51 -21.68
C GLY A 137 -21.41 19.07 -22.14
N ILE A 138 -21.03 20.24 -21.63
CA ILE A 138 -19.75 20.85 -22.00
C ILE A 138 -18.59 19.97 -21.54
N ILE A 139 -18.68 19.45 -20.31
CA ILE A 139 -17.59 18.64 -19.76
C ILE A 139 -17.65 17.20 -20.25
N GLY A 140 -18.78 16.76 -20.79
CA GLY A 140 -18.91 15.40 -21.29
C GLY A 140 -19.52 14.41 -20.33
N VAL A 141 -20.19 14.88 -19.27
CA VAL A 141 -20.88 13.98 -18.33
C VAL A 141 -22.28 13.78 -18.90
N LYS A 142 -22.36 12.94 -19.94
CA LYS A 142 -23.60 12.78 -20.69
C LYS A 142 -24.37 11.52 -20.32
N ASN A 143 -23.84 10.67 -19.43
CA ASN A 143 -24.63 9.59 -18.85
C ASN A 143 -25.50 10.19 -17.75
N LEU A 144 -26.67 10.68 -18.14
CA LEU A 144 -27.49 11.54 -17.29
C LEU A 144 -28.83 10.88 -17.00
N ILE A 145 -29.28 11.03 -15.75
CA ILE A 145 -30.66 10.76 -15.36
C ILE A 145 -31.25 12.06 -14.86
N ILE A 146 -32.44 12.39 -15.34
CA ILE A 146 -33.19 13.55 -14.85
C ILE A 146 -34.18 13.04 -13.82
N VAL A 147 -34.05 13.48 -12.58
CA VAL A 147 -34.91 13.05 -11.49
C VAL A 147 -35.90 14.17 -11.19
N GLN A 148 -37.20 13.84 -11.28
CA GLN A 148 -38.26 14.77 -10.94
C GLN A 148 -38.55 14.60 -9.45
N ASN A 149 -37.96 15.48 -8.64
CA ASN A 149 -38.08 15.38 -7.20
C ASN A 149 -39.33 16.12 -6.71
N LYS A 150 -39.71 15.86 -5.46
CA LYS A 150 -40.83 16.53 -4.79
C LYS A 150 -42.16 16.27 -5.49
N VAL A 151 -42.35 15.10 -6.09
CA VAL A 151 -43.63 14.79 -6.72
C VAL A 151 -44.74 14.62 -5.69
N ASP A 152 -44.39 14.48 -4.41
CA ASP A 152 -45.40 14.44 -3.36
C ASP A 152 -46.11 15.78 -3.17
N VAL A 153 -45.54 16.87 -3.68
CA VAL A 153 -46.12 18.19 -3.48
C VAL A 153 -47.24 18.47 -4.46
N VAL A 154 -47.23 17.83 -5.63
CA VAL A 154 -48.12 18.18 -6.73
C VAL A 154 -48.92 16.95 -7.14
N SER A 155 -49.99 17.20 -7.88
CA SER A 155 -50.81 16.13 -8.42
C SER A 155 -50.08 15.41 -9.54
N LYS A 156 -50.58 14.21 -9.87
CA LYS A 156 -50.03 13.46 -10.99
C LYS A 156 -50.15 14.25 -12.30
N GLU A 157 -51.19 15.09 -12.42
CA GLU A 157 -51.37 15.90 -13.62
C GLU A 157 -50.26 16.94 -13.76
N GLU A 158 -49.99 17.69 -12.68
CA GLU A 158 -48.97 18.73 -12.75
C GLU A 158 -47.59 18.15 -12.98
N ALA A 159 -47.31 16.98 -12.39
CA ALA A 159 -46.01 16.33 -12.60
C ALA A 159 -45.83 15.92 -14.06
N LEU A 160 -46.86 15.31 -14.65
CA LEU A 160 -46.77 14.92 -16.07
C LEU A 160 -46.68 16.14 -16.97
N SER A 161 -47.34 17.24 -16.60
CA SER A 161 -47.21 18.47 -17.38
C SER A 161 -45.76 18.93 -17.43
N GLN A 162 -45.10 18.97 -16.26
CA GLN A 162 -43.69 19.33 -16.24
C GLN A 162 -42.84 18.29 -16.95
N TYR A 163 -43.23 17.02 -16.88
CA TYR A 163 -42.52 15.96 -17.59
C TYR A 163 -42.44 16.26 -19.08
N ARG A 164 -43.57 16.68 -19.68
CA ARG A 164 -43.57 16.97 -21.11
C ARG A 164 -42.75 18.21 -21.43
N GLN A 165 -42.67 19.17 -20.51
CA GLN A 165 -41.78 20.32 -20.71
C GLN A 165 -40.33 19.89 -20.79
N ILE A 166 -39.91 18.96 -19.92
CA ILE A 166 -38.52 18.53 -19.91
C ILE A 166 -38.18 17.78 -21.18
N LYS A 167 -39.06 16.89 -21.64
CA LYS A 167 -38.82 16.15 -22.87
C LYS A 167 -38.70 17.08 -24.07
N GLN A 168 -39.49 18.16 -24.09
CA GLN A 168 -39.37 19.13 -25.16
C GLN A 168 -38.11 19.97 -25.03
N PHE A 169 -37.67 20.22 -23.78
CA PHE A 169 -36.41 20.91 -23.58
C PHE A 169 -35.24 20.08 -24.09
N THR A 170 -35.26 18.77 -23.81
CA THR A 170 -34.16 17.90 -24.22
C THR A 170 -34.26 17.48 -25.68
N LYS A 171 -35.45 17.57 -26.28
CA LYS A 171 -35.60 17.22 -27.69
C LYS A 171 -34.69 18.07 -28.55
N GLY A 172 -33.97 17.42 -29.47
CA GLY A 172 -33.04 18.11 -30.34
C GLY A 172 -31.68 18.37 -29.74
N THR A 173 -31.39 17.86 -28.55
CA THR A 173 -30.09 18.00 -27.91
C THR A 173 -29.49 16.61 -27.68
N TRP A 174 -28.32 16.59 -27.05
CA TRP A 174 -27.68 15.32 -26.70
C TRP A 174 -28.46 14.53 -25.66
N ALA A 175 -29.29 15.20 -24.85
CA ALA A 175 -30.03 14.56 -23.79
C ALA A 175 -31.43 14.13 -24.21
N GLU A 176 -31.67 13.98 -25.51
CA GLU A 176 -33.02 13.72 -26.00
C GLU A 176 -33.59 12.43 -25.44
N ASN A 177 -32.76 11.40 -25.34
CA ASN A 177 -33.19 10.09 -24.83
C ASN A 177 -32.95 9.92 -23.34
N VAL A 178 -32.62 11.00 -22.63
CA VAL A 178 -32.35 10.90 -21.19
C VAL A 178 -33.65 10.58 -20.45
N PRO A 179 -33.67 9.60 -19.56
CA PRO A 179 -34.90 9.26 -18.86
C PRO A 179 -35.22 10.26 -17.76
N ILE A 180 -36.51 10.35 -17.44
CA ILE A 180 -37.00 11.19 -16.35
C ILE A 180 -37.68 10.28 -15.35
N ILE A 181 -37.21 10.30 -14.11
CA ILE A 181 -37.68 9.41 -13.07
C ILE A 181 -38.25 10.25 -11.93
N PRO A 182 -39.54 10.15 -11.63
CA PRO A 182 -40.11 10.93 -10.52
C PRO A 182 -39.95 10.21 -9.20
N VAL A 183 -39.56 10.98 -8.18
CA VAL A 183 -39.35 10.47 -6.83
C VAL A 183 -39.81 11.54 -5.85
N SER A 184 -39.95 11.13 -4.58
CA SER A 184 -39.94 12.03 -3.43
C SER A 184 -38.73 11.66 -2.59
N ALA A 185 -37.69 12.50 -2.64
CA ALA A 185 -36.50 12.21 -1.85
C ALA A 185 -36.79 12.28 -0.35
N LEU A 186 -37.61 13.24 0.06
CA LEU A 186 -37.84 13.46 1.49
C LEU A 186 -38.64 12.32 2.11
N HIS A 187 -39.65 11.81 1.41
CA HIS A 187 -40.49 10.74 1.91
C HIS A 187 -40.11 9.38 1.34
N LYS A 188 -39.03 9.32 0.55
CA LYS A 188 -38.50 8.07 0.00
C LYS A 188 -39.58 7.29 -0.72
N ILE A 189 -40.04 7.88 -1.82
CA ILE A 189 -41.04 7.28 -2.70
C ILE A 189 -40.42 7.07 -4.07
N ASN A 190 -40.54 5.85 -4.58
CA ASN A 190 -40.09 5.44 -5.91
C ASN A 190 -38.56 5.47 -6.04
N ILE A 191 -37.83 5.36 -4.93
CA ILE A 191 -36.38 5.33 -4.99
C ILE A 191 -35.89 4.07 -5.72
N ASP A 192 -36.65 2.98 -5.61
CA ASP A 192 -36.26 1.73 -6.27
C ASP A 192 -36.17 1.90 -7.79
N SER A 193 -37.09 2.66 -8.38
CA SER A 193 -37.01 2.90 -9.83
C SER A 193 -35.80 3.74 -10.19
N LEU A 194 -35.35 4.60 -9.26
CA LEU A 194 -34.14 5.38 -9.51
C LEU A 194 -32.90 4.51 -9.45
N ILE A 195 -32.85 3.57 -8.50
CA ILE A 195 -31.74 2.63 -8.43
C ILE A 195 -31.67 1.80 -9.71
N GLU A 196 -32.83 1.31 -10.17
CA GLU A 196 -32.87 0.60 -11.44
C GLU A 196 -32.41 1.48 -12.59
N GLY A 197 -32.81 2.74 -12.59
CA GLY A 197 -32.36 3.66 -13.63
C GLY A 197 -30.86 3.90 -13.58
N ILE A 198 -30.29 3.95 -12.38
CA ILE A 198 -28.85 4.13 -12.24
C ILE A 198 -28.11 2.92 -12.83
N GLU A 199 -28.60 1.72 -12.53
CA GLU A 199 -27.98 0.51 -13.09
C GLU A 199 -28.11 0.45 -14.60
N GLU A 200 -29.18 1.01 -15.15
CA GLU A 200 -29.43 0.90 -16.59
C GLU A 200 -28.78 2.02 -17.39
N TYR A 201 -28.68 3.22 -16.85
CA TYR A 201 -28.22 4.37 -17.63
C TYR A 201 -26.88 4.93 -17.21
N ILE A 202 -26.38 4.58 -16.02
CA ILE A 202 -25.07 5.05 -15.60
C ILE A 202 -24.17 3.84 -15.40
N LYS A 203 -23.77 3.21 -16.51
CA LYS A 203 -22.87 2.08 -16.45
C LYS A 203 -21.49 2.51 -15.97
N THR A 204 -20.80 1.59 -15.31
CA THR A 204 -19.41 1.82 -14.92
C THR A 204 -18.56 1.91 -16.17
N PRO A 205 -17.79 2.99 -16.34
CA PRO A 205 -17.04 3.17 -17.60
C PRO A 205 -15.86 2.21 -17.71
N TYR A 206 -15.48 1.93 -18.96
CA TYR A 206 -14.22 1.25 -19.22
C TYR A 206 -13.07 2.04 -18.61
N ARG A 207 -12.19 1.35 -17.88
CA ARG A 207 -11.03 1.98 -17.26
C ARG A 207 -9.76 1.45 -17.92
N ASP A 208 -9.00 2.36 -18.54
CA ASP A 208 -7.68 2.00 -19.08
C ASP A 208 -6.68 2.08 -17.93
N LEU A 209 -6.51 0.95 -17.24
CA LEU A 209 -5.64 0.92 -16.07
C LEU A 209 -4.15 0.93 -16.41
N SER A 210 -3.79 1.08 -17.69
CA SER A 210 -2.38 1.20 -18.05
C SER A 210 -1.94 2.66 -18.20
N GLN A 211 -2.88 3.60 -18.17
CA GLN A 211 -2.56 5.01 -18.31
C GLN A 211 -1.71 5.50 -17.14
N LYS A 212 -0.99 6.58 -17.37
CA LYS A 212 -0.25 7.26 -16.33
C LYS A 212 -1.18 7.61 -15.17
N PRO A 213 -0.90 7.16 -13.96
CA PRO A 213 -1.83 7.41 -12.84
C PRO A 213 -1.93 8.90 -12.53
N VAL A 214 -3.17 9.39 -12.45
CA VAL A 214 -3.43 10.81 -12.15
C VAL A 214 -4.62 10.89 -11.20
N MET A 215 -4.46 11.63 -10.10
CA MET A 215 -5.50 11.85 -9.12
C MET A 215 -5.76 13.35 -9.00
N LEU A 216 -7.02 13.75 -9.15
CA LEU A 216 -7.43 15.13 -8.91
C LEU A 216 -7.70 15.33 -7.43
N VAL A 217 -7.04 16.31 -6.83
CA VAL A 217 -7.08 16.51 -5.40
C VAL A 217 -8.29 17.37 -5.02
N ILE A 218 -8.98 16.97 -3.95
CA ILE A 218 -10.06 17.75 -3.36
C ILE A 218 -9.63 18.11 -1.94
N ARG A 219 -9.55 19.40 -1.65
CA ARG A 219 -9.14 19.86 -0.34
C ARG A 219 -10.13 19.39 0.72
N SER A 220 -9.60 19.13 1.92
CA SER A 220 -10.45 18.65 3.01
C SER A 220 -11.52 19.66 3.37
N ALA A 221 -11.23 20.95 3.24
CA ALA A 221 -12.19 22.00 3.56
C ALA A 221 -13.22 22.22 2.46
N ASP A 222 -13.10 21.53 1.32
CA ASP A 222 -14.03 21.72 0.21
C ASP A 222 -15.01 20.57 0.04
N VAL A 223 -15.00 19.58 0.93
CA VAL A 223 -15.88 18.42 0.79
C VAL A 223 -16.32 17.96 2.17
N ASN A 224 -17.59 17.59 2.28
CA ASN A 224 -18.15 16.94 3.46
C ASN A 224 -18.31 15.46 3.13
N ALA A 225 -17.49 14.61 3.73
CA ALA A 225 -17.52 13.16 3.51
C ALA A 225 -17.64 12.48 4.87
N PRO A 226 -18.86 12.35 5.40
CA PRO A 226 -19.02 11.75 6.74
C PRO A 226 -18.50 10.32 6.84
N GLY A 227 -18.56 9.55 5.75
CA GLY A 227 -18.13 8.16 5.81
C GLY A 227 -16.63 7.95 5.74
N THR A 228 -15.87 8.96 5.33
CA THR A 228 -14.42 8.88 5.25
C THR A 228 -13.79 9.68 6.39
N GLN A 229 -12.66 9.17 6.89
CA GLN A 229 -11.98 9.81 8.01
C GLN A 229 -10.49 9.86 7.74
N PHE A 230 -9.86 10.92 8.24
CA PHE A 230 -8.42 11.15 8.06
C PHE A 230 -7.68 10.56 9.26
N ASN A 231 -7.23 9.31 9.12
CA ASN A 231 -6.33 8.73 10.11
C ASN A 231 -4.91 9.14 9.72
N GLU A 232 -4.31 10.01 10.53
CA GLU A 232 -3.08 10.70 10.17
C GLU A 232 -1.97 10.42 11.16
N LEU A 233 -1.91 9.20 11.68
CA LEU A 233 -0.80 8.83 12.56
C LEU A 233 0.50 8.73 11.77
N LYS A 234 0.44 8.16 10.56
CA LYS A 234 1.64 8.10 9.71
C LYS A 234 1.95 9.44 9.08
N GLY A 235 0.97 10.30 8.91
CA GLY A 235 1.19 11.58 8.28
C GLY A 235 -0.08 12.11 7.64
N GLY A 236 0.09 13.23 6.95
CA GLY A 236 -1.06 13.89 6.35
C GLY A 236 -1.71 13.03 5.28
N VAL A 237 -3.03 13.17 5.16
CA VAL A 237 -3.83 12.45 4.19
C VAL A 237 -4.34 13.43 3.15
N ILE A 238 -4.26 13.04 1.88
CA ILE A 238 -4.71 13.88 0.77
C ILE A 238 -5.87 13.17 0.09
N GLY A 239 -7.00 13.87 -0.04
CA GLY A 239 -8.19 13.31 -0.63
C GLY A 239 -8.38 13.76 -2.08
N GLY A 240 -9.21 13.02 -2.79
CA GLY A 240 -9.48 13.32 -4.18
C GLY A 240 -10.00 12.10 -4.91
N SER A 241 -9.97 12.18 -6.23
CA SER A 241 -10.48 11.12 -7.08
C SER A 241 -9.49 10.81 -8.19
N ILE A 242 -9.29 9.51 -8.43
CA ILE A 242 -8.39 9.06 -9.48
C ILE A 242 -9.14 9.09 -10.81
N ILE A 243 -8.60 9.82 -11.78
CA ILE A 243 -9.27 9.92 -13.07
C ILE A 243 -8.66 9.00 -14.13
N GLN A 244 -7.47 8.46 -13.89
CA GLN A 244 -6.89 7.48 -14.80
C GLN A 244 -5.81 6.68 -14.08
N GLY A 245 -5.58 5.46 -14.56
CA GLY A 245 -4.56 4.62 -13.98
C GLY A 245 -4.95 4.10 -12.61
N LEU A 246 -3.94 3.71 -11.85
CA LEU A 246 -4.16 3.23 -10.49
C LEU A 246 -2.93 3.48 -9.65
N PHE A 247 -3.16 3.63 -8.34
CA PHE A 247 -2.11 3.84 -7.37
C PHE A 247 -2.07 2.65 -6.41
N LYS A 248 -0.89 2.40 -5.84
CA LYS A 248 -0.71 1.31 -4.89
C LYS A 248 0.05 1.82 -3.67
N VAL A 249 -0.21 1.18 -2.53
CA VAL A 249 0.55 1.45 -1.33
C VAL A 249 2.03 1.25 -1.61
N ASP A 250 2.87 2.10 -1.00
CA ASP A 250 4.33 2.13 -1.07
C ASP A 250 4.84 2.77 -2.36
N GLN A 251 3.97 3.25 -3.25
CA GLN A 251 4.43 3.94 -4.45
C GLN A 251 4.89 5.35 -4.12
N GLU A 252 5.99 5.75 -4.74
CA GLU A 252 6.50 7.11 -4.60
C GLU A 252 5.71 8.05 -5.50
N ILE A 253 5.21 9.15 -4.92
CA ILE A 253 4.32 10.07 -5.62
C ILE A 253 4.84 11.49 -5.45
N LYS A 254 4.19 12.43 -6.16
CA LYS A 254 4.47 13.84 -6.01
C LYS A 254 3.18 14.64 -6.12
N VAL A 255 3.12 15.75 -5.37
CA VAL A 255 1.98 16.65 -5.37
C VAL A 255 2.32 17.86 -6.24
N LEU A 256 1.46 18.16 -7.21
CA LEU A 256 1.71 19.21 -8.18
C LEU A 256 0.54 20.19 -8.23
N PRO A 257 0.81 21.47 -8.50
CA PRO A 257 2.10 22.14 -8.70
C PRO A 257 3.03 22.07 -7.49
N GLY A 258 2.48 22.09 -6.27
CA GLY A 258 3.25 21.86 -5.07
C GLY A 258 3.20 23.06 -4.13
N LEU A 259 4.25 23.19 -3.32
CA LEU A 259 4.30 24.17 -2.24
C LEU A 259 4.78 25.51 -2.74
N ARG A 260 4.03 26.56 -2.42
CA ARG A 260 4.42 27.92 -2.77
C ARG A 260 5.67 28.32 -1.99
N VAL A 261 6.67 28.83 -2.71
CA VAL A 261 7.91 29.32 -2.11
C VAL A 261 8.23 30.68 -2.71
N GLU A 262 8.64 31.61 -1.86
CA GLU A 262 9.05 32.95 -2.29
C GLU A 262 10.52 33.12 -1.91
N LYS A 263 11.41 32.91 -2.88
CA LYS A 263 12.86 33.07 -2.69
C LYS A 263 13.28 34.40 -3.30
N GLN A 264 13.69 35.33 -2.44
CA GLN A 264 14.17 36.65 -2.88
C GLN A 264 13.11 37.38 -3.69
N GLY A 265 11.86 37.29 -3.25
CA GLY A 265 10.75 37.93 -3.92
C GLY A 265 10.24 37.22 -5.16
N LYS A 266 10.82 36.09 -5.53
CA LYS A 266 10.39 35.33 -6.69
C LYS A 266 9.48 34.19 -6.23
N VAL A 267 8.24 34.21 -6.68
CA VAL A 267 7.24 33.22 -6.27
C VAL A 267 7.32 32.03 -7.21
N SER A 268 7.59 30.85 -6.67
CA SER A 268 7.57 29.60 -7.41
C SER A 268 6.81 28.55 -6.63
N TYR A 269 6.60 27.39 -7.25
CA TYR A 269 5.89 26.28 -6.63
C TYR A 269 6.76 25.03 -6.77
N GLU A 270 7.18 24.47 -5.62
CA GLU A 270 8.07 23.32 -5.60
C GLU A 270 7.26 22.05 -5.44
N PRO A 271 7.42 21.05 -6.31
CA PRO A 271 6.69 19.79 -6.13
C PRO A 271 7.09 19.13 -4.81
N ILE A 272 6.12 18.50 -4.17
CA ILE A 272 6.32 17.82 -2.90
C ILE A 272 6.27 16.32 -3.14
N PHE A 273 7.34 15.63 -2.76
CA PHE A 273 7.47 14.20 -2.96
C PHE A 273 7.19 13.45 -1.66
N THR A 274 6.51 12.32 -1.79
CA THR A 274 6.23 11.46 -0.63
C THR A 274 5.92 10.06 -1.15
N LYS A 275 5.58 9.18 -0.22
CA LYS A 275 5.17 7.81 -0.54
C LYS A 275 3.76 7.57 -0.01
N ILE A 276 3.04 6.68 -0.68
CA ILE A 276 1.69 6.32 -0.24
C ILE A 276 1.82 5.38 0.95
N SER A 277 1.46 5.87 2.14
CA SER A 277 1.49 5.04 3.34
C SER A 277 0.26 4.14 3.45
N SER A 278 -0.89 4.62 2.99
CA SER A 278 -2.12 3.84 3.07
C SER A 278 -3.10 4.36 2.04
N ILE A 279 -4.12 3.55 1.77
CA ILE A 279 -5.18 3.87 0.83
C ILE A 279 -6.51 3.50 1.48
N ALA A 280 -7.45 4.45 1.52
CA ALA A 280 -8.72 4.22 2.18
C ALA A 280 -9.86 4.75 1.33
N PHE A 281 -10.94 3.97 1.26
CA PHE A 281 -12.23 4.41 0.75
C PHE A 281 -13.23 4.24 1.88
N GLY A 282 -13.76 5.34 2.39
CA GLY A 282 -14.64 5.25 3.53
C GLY A 282 -13.88 4.73 4.74
N ASP A 283 -14.41 3.68 5.36
CA ASP A 283 -13.84 3.14 6.59
C ASP A 283 -12.98 1.90 6.35
N GLU A 284 -12.63 1.61 5.09
CA GLU A 284 -11.89 0.39 4.75
C GLU A 284 -10.55 0.74 4.13
N GLU A 285 -9.55 -0.07 4.45
CA GLU A 285 -8.21 0.06 3.87
C GLU A 285 -8.09 -0.83 2.63
N PHE A 286 -7.26 -0.39 1.69
CA PHE A 286 -7.05 -1.13 0.46
C PHE A 286 -5.57 -1.04 0.07
N LYS A 287 -5.13 -2.00 -0.75
CA LYS A 287 -3.76 -2.00 -1.24
C LYS A 287 -3.59 -1.25 -2.55
N GLU A 288 -4.69 -1.04 -3.29
CA GLU A 288 -4.64 -0.27 -4.52
C GLU A 288 -5.87 0.63 -4.58
N ALA A 289 -5.81 1.59 -5.50
CA ALA A 289 -6.90 2.56 -5.68
C ALA A 289 -7.07 2.84 -7.16
N LYS A 290 -8.29 2.68 -7.65
CA LYS A 290 -8.63 2.82 -9.06
C LYS A 290 -9.60 4.00 -9.21
N PRO A 291 -9.96 4.40 -10.43
CA PRO A 291 -10.98 5.44 -10.59
C PRO A 291 -12.29 5.04 -9.93
N GLY A 292 -13.08 6.04 -9.56
CA GLY A 292 -14.31 5.82 -8.84
C GLY A 292 -14.12 6.05 -7.36
N GLY A 293 -14.99 6.86 -6.77
CA GLY A 293 -14.96 7.11 -5.34
C GLY A 293 -13.96 8.18 -4.94
N LEU A 294 -14.18 8.72 -3.75
CA LEU A 294 -13.27 9.67 -3.13
C LEU A 294 -12.28 8.90 -2.28
N VAL A 295 -11.01 8.91 -2.69
CA VAL A 295 -9.97 8.13 -2.03
C VAL A 295 -9.25 9.02 -1.04
N ALA A 296 -8.81 8.42 0.06
CA ALA A 296 -7.94 9.07 1.03
C ALA A 296 -6.55 8.46 0.88
N ILE A 297 -5.61 9.23 0.34
CA ILE A 297 -4.24 8.78 0.15
C ILE A 297 -3.44 9.17 1.39
N GLY A 298 -3.09 8.19 2.20
CA GLY A 298 -2.26 8.44 3.36
C GLY A 298 -0.81 8.61 2.93
N THR A 299 -0.17 9.66 3.42
CA THR A 299 1.23 9.94 3.12
C THR A 299 2.04 9.98 4.41
N TYR A 300 3.34 10.19 4.27
CA TYR A 300 4.23 10.39 5.41
C TYR A 300 4.50 11.87 5.68
N LEU A 301 3.84 12.77 4.95
CA LEU A 301 4.08 14.19 5.13
C LEU A 301 3.48 14.69 6.43
N ASP A 302 4.10 15.72 6.99
CA ASP A 302 3.57 16.35 8.19
C ASP A 302 2.21 16.96 7.88
N PRO A 303 1.22 16.77 8.76
CA PRO A 303 -0.14 17.29 8.46
C PRO A 303 -0.20 18.80 8.28
N SER A 304 0.65 19.55 8.98
CA SER A 304 0.68 20.99 8.79
C SER A 304 1.05 21.38 7.37
N LEU A 305 1.71 20.48 6.63
CA LEU A 305 2.05 20.74 5.23
C LEU A 305 0.86 20.42 4.33
N THR A 306 0.24 19.26 4.52
CA THR A 306 -0.83 18.85 3.62
C THR A 306 -2.07 19.72 3.74
N LYS A 307 -2.27 20.35 4.90
CA LYS A 307 -3.42 21.22 5.13
C LYS A 307 -3.09 22.70 4.96
N ALA A 308 -1.86 23.03 4.57
CA ALA A 308 -1.46 24.43 4.45
C ALA A 308 -2.09 25.06 3.23
N ASP A 309 -2.51 26.32 3.37
CA ASP A 309 -3.05 27.07 2.24
C ASP A 309 -1.99 27.32 1.17
N ASN A 310 -0.72 27.35 1.56
CA ASN A 310 0.37 27.55 0.61
C ASN A 310 0.61 26.32 -0.26
N LEU A 311 0.01 25.18 0.07
CA LEU A 311 0.18 23.96 -0.72
C LEU A 311 -0.83 23.98 -1.86
N LEU A 312 -0.36 24.34 -3.06
CA LEU A 312 -1.19 24.27 -4.25
C LEU A 312 -1.19 22.82 -4.72
N GLY A 313 -2.00 22.00 -4.05
CA GLY A 313 -2.07 20.59 -4.36
C GLY A 313 -3.25 20.28 -5.26
N SER A 314 -3.05 20.34 -6.56
CA SER A 314 -4.12 20.15 -7.54
C SER A 314 -4.19 18.73 -8.07
N ILE A 315 -3.05 18.08 -8.30
CA ILE A 315 -3.04 16.69 -8.75
C ILE A 315 -1.95 15.92 -8.01
N ILE A 316 -2.06 14.60 -8.05
CA ILE A 316 -1.04 13.69 -7.58
C ILE A 316 -0.71 12.74 -8.72
N THR A 317 0.57 12.50 -8.96
CA THR A 317 1.03 11.53 -9.94
C THR A 317 2.16 10.71 -9.34
N LEU A 318 2.63 9.72 -10.09
CA LEU A 318 3.84 9.02 -9.69
C LEU A 318 5.03 9.98 -9.77
N ALA A 319 6.05 9.69 -8.97
CA ALA A 319 7.17 10.62 -8.80
C ALA A 319 7.87 10.92 -10.12
N ASP A 320 8.10 9.90 -10.95
CA ASP A 320 8.86 10.08 -12.18
C ASP A 320 7.97 10.34 -13.39
N ALA A 321 6.69 10.67 -13.18
CA ALA A 321 5.83 11.03 -14.29
C ALA A 321 6.17 12.42 -14.81
N GLU A 322 6.04 12.60 -16.12
CA GLU A 322 6.35 13.87 -16.76
C GLU A 322 5.07 14.71 -16.81
N VAL A 323 5.01 15.76 -15.99
CA VAL A 323 3.84 16.62 -15.94
C VAL A 323 4.27 18.08 -15.99
N PRO A 324 4.01 18.78 -17.08
CA PRO A 324 4.33 20.22 -17.12
C PRO A 324 3.49 21.02 -16.14
N VAL A 325 4.14 21.98 -15.49
CA VAL A 325 3.49 22.95 -14.62
C VAL A 325 3.67 24.30 -15.29
N LEU A 326 2.58 24.84 -15.86
CA LEU A 326 2.66 25.98 -16.75
C LEU A 326 2.09 27.24 -16.09
N TRP A 327 2.84 28.34 -16.20
CA TRP A 327 2.35 29.67 -15.84
C TRP A 327 1.68 30.37 -17.01
N ASN A 328 1.78 29.82 -18.21
CA ASN A 328 1.16 30.36 -19.40
C ASN A 328 0.60 29.18 -20.19
N ILE A 329 -0.63 29.32 -20.68
CA ILE A 329 -1.28 28.24 -21.41
C ILE A 329 -1.98 28.80 -22.65
N ARG A 330 -2.10 27.94 -23.65
CA ARG A 330 -2.86 28.23 -24.86
C ARG A 330 -4.09 27.33 -24.89
N ILE A 331 -5.24 27.92 -25.20
CA ILE A 331 -6.52 27.22 -25.13
C ILE A 331 -7.25 27.37 -26.45
N LYS A 332 -7.59 26.24 -27.08
CA LYS A 332 -8.50 26.24 -28.22
C LYS A 332 -9.92 26.29 -27.66
N TYR A 333 -10.54 27.46 -27.70
CA TYR A 333 -11.76 27.72 -26.96
C TYR A 333 -12.98 27.80 -27.87
N ASN A 334 -14.15 27.64 -27.25
CA ASN A 334 -15.44 27.84 -27.87
C ASN A 334 -16.33 28.59 -26.88
N LEU A 335 -17.02 29.61 -27.35
CA LEU A 335 -17.90 30.40 -26.51
C LEU A 335 -19.34 29.90 -26.62
N LEU A 336 -20.08 30.03 -25.52
CA LEU A 336 -21.51 29.79 -25.56
C LEU A 336 -22.19 30.87 -26.39
N GLU A 337 -23.50 30.75 -26.55
CA GLU A 337 -24.28 31.74 -27.27
C GLU A 337 -24.99 32.71 -26.33
N ARG A 338 -24.93 32.48 -25.03
CA ARG A 338 -25.77 33.19 -24.08
C ARG A 338 -25.31 32.84 -22.66
N VAL A 339 -25.41 33.82 -21.77
CA VAL A 339 -25.12 33.60 -20.35
C VAL A 339 -26.25 32.75 -19.77
N VAL A 340 -25.95 31.49 -19.46
CA VAL A 340 -27.00 30.52 -19.18
C VAL A 340 -27.46 30.61 -17.74
N GLY A 341 -26.53 30.83 -16.80
CA GLY A 341 -26.86 30.80 -15.39
C GLY A 341 -27.48 32.05 -14.80
N ALA A 342 -27.84 33.02 -15.62
CA ALA A 342 -28.39 34.26 -15.11
C ALA A 342 -29.92 34.22 -15.09
N LYS A 343 -30.51 35.06 -14.24
CA LYS A 343 -31.97 35.13 -14.18
C LYS A 343 -32.57 35.63 -15.49
N GLU A 344 -31.80 36.40 -16.26
CA GLU A 344 -32.15 36.77 -17.62
C GLU A 344 -30.96 36.43 -18.51
N MET A 345 -31.22 35.74 -19.61
CA MET A 345 -30.16 35.16 -20.43
C MET A 345 -29.52 36.24 -21.28
N LEU A 346 -28.44 36.82 -20.78
CA LEU A 346 -27.66 37.79 -21.51
C LEU A 346 -26.94 37.13 -22.69
N LYS A 347 -26.44 37.96 -23.60
CA LYS A 347 -25.60 37.50 -24.70
C LYS A 347 -24.13 37.70 -24.31
N VAL A 348 -23.31 36.71 -24.64
CA VAL A 348 -21.91 36.72 -24.23
C VAL A 348 -21.08 37.49 -25.25
N ASP A 349 -20.28 38.43 -24.77
CA ASP A 349 -19.39 39.19 -25.62
C ASP A 349 -18.11 38.39 -25.89
N PRO A 350 -17.47 38.61 -27.04
CA PRO A 350 -16.26 37.86 -27.37
C PRO A 350 -15.14 38.13 -26.37
N ILE A 351 -14.17 37.20 -26.36
CA ILE A 351 -13.00 37.35 -25.50
C ILE A 351 -12.18 38.54 -25.97
N ARG A 352 -11.84 39.43 -25.06
CA ARG A 352 -11.02 40.59 -25.37
C ARG A 352 -9.73 40.55 -24.55
N ALA A 353 -8.66 41.06 -25.15
CA ALA A 353 -7.35 41.00 -24.51
C ALA A 353 -7.35 41.82 -23.22
N LYS A 354 -6.41 41.48 -22.34
CA LYS A 354 -6.16 42.13 -21.06
C LYS A 354 -7.27 41.94 -20.04
N GLU A 355 -8.30 41.15 -20.35
CA GLU A 355 -9.36 40.91 -19.38
C GLU A 355 -9.04 39.68 -18.53
N THR A 356 -9.64 39.64 -17.35
CA THR A 356 -9.43 38.55 -16.41
C THR A 356 -10.51 37.49 -16.60
N LEU A 357 -10.08 36.24 -16.74
CA LEU A 357 -10.98 35.11 -16.88
C LEU A 357 -10.70 34.08 -15.80
N MET A 358 -11.71 33.28 -15.49
CA MET A 358 -11.58 32.17 -14.55
C MET A 358 -11.53 30.87 -15.35
N LEU A 359 -10.54 30.03 -15.05
CA LEU A 359 -10.31 28.78 -15.77
C LEU A 359 -10.48 27.62 -14.80
N SER A 360 -11.41 26.72 -15.11
CA SER A 360 -11.61 25.49 -14.36
C SER A 360 -10.87 24.37 -15.09
N VAL A 361 -9.83 23.83 -14.45
CA VAL A 361 -9.01 22.77 -15.02
C VAL A 361 -8.90 21.65 -14.01
N GLY A 362 -9.37 20.46 -14.39
CA GLY A 362 -9.48 19.40 -13.41
C GLY A 362 -10.37 19.84 -12.28
N SER A 363 -9.87 19.76 -11.06
CA SER A 363 -10.63 20.16 -9.87
C SER A 363 -10.23 21.52 -9.33
N SER A 364 -9.36 22.25 -10.05
CA SER A 364 -8.88 23.54 -9.59
C SER A 364 -9.51 24.67 -10.40
N THR A 365 -9.46 25.88 -9.83
CA THR A 365 -9.91 27.09 -10.51
C THR A 365 -8.78 28.12 -10.44
N THR A 366 -8.50 28.75 -11.58
CA THR A 366 -7.38 29.68 -11.68
C THR A 366 -7.81 30.91 -12.45
N LEU A 367 -7.39 32.08 -11.98
CA LEU A 367 -7.61 33.32 -12.70
C LEU A 367 -6.40 33.62 -13.59
N GLY A 368 -6.65 34.33 -14.68
CA GLY A 368 -5.58 34.61 -15.63
C GLY A 368 -5.93 35.80 -16.50
N ILE A 369 -4.89 36.34 -17.14
CA ILE A 369 -5.00 37.50 -18.01
C ILE A 369 -4.86 37.04 -19.46
N VAL A 370 -5.80 37.43 -20.30
CA VAL A 370 -5.74 37.08 -21.71
C VAL A 370 -4.67 37.93 -22.38
N THR A 371 -3.62 37.30 -22.87
CA THR A 371 -2.53 38.00 -23.54
C THR A 371 -2.58 37.88 -25.06
N SER A 372 -3.48 37.07 -25.60
CA SER A 372 -3.60 36.91 -27.04
C SER A 372 -4.99 36.37 -27.36
N VAL A 373 -5.67 37.00 -28.31
CA VAL A 373 -7.01 36.61 -28.73
C VAL A 373 -6.98 36.30 -30.21
N LYS A 374 -7.49 35.12 -30.57
CA LYS A 374 -7.71 34.78 -31.97
C LYS A 374 -9.13 34.24 -32.13
N LYS A 375 -9.46 33.71 -33.32
CA LYS A 375 -10.81 33.23 -33.56
C LYS A 375 -11.13 32.01 -32.70
N ASP A 376 -10.23 31.04 -32.67
CA ASP A 376 -10.46 29.80 -31.95
C ASP A 376 -9.36 29.49 -30.94
N GLU A 377 -8.46 30.43 -30.66
CA GLU A 377 -7.38 30.21 -29.71
C GLU A 377 -7.19 31.45 -28.85
N ILE A 378 -6.84 31.22 -27.58
CA ILE A 378 -6.45 32.29 -26.67
C ILE A 378 -5.19 31.84 -25.94
N GLU A 379 -4.47 32.81 -25.40
CA GLU A 379 -3.30 32.57 -24.58
C GLU A 379 -3.47 33.36 -23.29
N VAL A 380 -3.20 32.71 -22.16
CA VAL A 380 -3.54 33.26 -20.85
C VAL A 380 -2.29 33.30 -19.98
N GLU A 381 -2.12 34.41 -19.26
CA GLU A 381 -1.08 34.56 -18.25
C GLU A 381 -1.71 34.25 -16.90
N LEU A 382 -1.36 33.08 -16.34
CA LEU A 382 -2.05 32.59 -15.16
C LEU A 382 -1.49 33.21 -13.88
N ARG A 383 -2.40 33.55 -12.97
CA ARG A 383 -1.99 34.08 -11.67
C ARG A 383 -1.28 33.02 -10.84
N ARG A 384 -1.63 31.76 -11.03
CA ARG A 384 -0.96 30.62 -10.41
C ARG A 384 -0.85 29.52 -11.45
N PRO A 385 0.20 28.70 -11.39
CA PRO A 385 0.40 27.68 -12.42
C PRO A 385 -0.60 26.54 -12.29
N VAL A 386 -0.82 25.84 -13.40
CA VAL A 386 -1.67 24.66 -13.45
C VAL A 386 -0.82 23.48 -13.89
N ALA A 387 -1.13 22.30 -13.33
CA ALA A 387 -0.47 21.06 -13.71
C ALA A 387 -1.25 20.41 -14.84
N VAL A 388 -0.57 20.16 -15.95
CA VAL A 388 -1.20 19.63 -17.17
C VAL A 388 -0.65 18.23 -17.39
N TRP A 389 -1.48 17.21 -17.11
CA TRP A 389 -1.06 15.82 -17.18
C TRP A 389 -1.32 15.18 -18.54
N SER A 390 -1.96 15.88 -19.46
CA SER A 390 -2.31 15.32 -20.76
C SER A 390 -2.52 16.46 -21.75
N ASN A 391 -2.75 16.11 -23.02
CA ASN A 391 -2.96 17.11 -24.05
C ASN A 391 -4.43 17.44 -24.26
N ASN A 392 -5.32 16.49 -24.03
CA ASN A 392 -6.76 16.71 -24.24
C ASN A 392 -7.47 16.94 -22.91
N ILE A 393 -7.12 18.04 -22.25
CA ILE A 393 -7.70 18.38 -20.95
C ILE A 393 -8.75 19.46 -21.15
N ARG A 394 -9.96 19.17 -20.68
CA ARG A 394 -11.06 20.12 -20.78
C ARG A 394 -10.86 21.28 -19.81
N THR A 395 -11.28 22.48 -20.24
CA THR A 395 -11.33 23.63 -19.35
C THR A 395 -12.64 24.36 -19.58
N VAL A 396 -13.17 24.94 -18.51
CA VAL A 396 -14.38 25.75 -18.56
C VAL A 396 -14.00 27.19 -18.28
N ILE A 397 -14.48 28.11 -19.13
CA ILE A 397 -14.11 29.52 -19.07
C ILE A 397 -15.25 30.30 -18.46
N SER A 398 -14.94 31.10 -17.44
CA SER A 398 -15.93 31.93 -16.77
C SER A 398 -15.50 33.38 -16.79
N ARG A 399 -16.49 34.28 -16.79
CA ARG A 399 -16.28 35.72 -16.81
C ARG A 399 -17.14 36.35 -15.73
N GLN A 400 -16.58 37.33 -15.03
CA GLN A 400 -17.29 38.00 -13.96
C GLN A 400 -18.28 39.01 -14.56
N ILE A 401 -19.57 38.79 -14.31
CA ILE A 401 -20.65 39.64 -14.81
C ILE A 401 -21.57 39.97 -13.65
N ALA A 402 -21.78 41.26 -13.40
CA ALA A 402 -22.64 41.73 -12.30
C ALA A 402 -22.14 41.19 -10.96
N GLY A 403 -20.83 41.16 -10.78
CA GLY A 403 -20.24 40.67 -9.55
C GLY A 403 -20.30 39.17 -9.36
N ARG A 404 -20.75 38.42 -10.35
CA ARG A 404 -20.87 36.97 -10.26
C ARG A 404 -20.15 36.33 -11.44
N TRP A 405 -19.29 35.36 -11.16
CA TRP A 405 -18.62 34.62 -12.21
C TRP A 405 -19.63 33.73 -12.93
N ARG A 406 -19.74 33.90 -14.25
CA ARG A 406 -20.69 33.17 -15.06
C ARG A 406 -19.96 32.37 -16.13
N MET A 407 -20.39 31.13 -16.33
CA MET A 407 -19.82 30.27 -17.35
C MET A 407 -20.15 30.82 -18.73
N ILE A 408 -19.13 31.11 -19.53
CA ILE A 408 -19.33 31.67 -20.86
C ILE A 408 -18.78 30.79 -21.97
N GLY A 409 -17.84 29.89 -21.69
CA GLY A 409 -17.29 29.08 -22.76
C GLY A 409 -16.49 27.91 -22.21
N TRP A 410 -15.84 27.21 -23.12
CA TRP A 410 -15.02 26.06 -22.77
C TRP A 410 -13.92 25.91 -23.83
N GLY A 411 -13.02 24.96 -23.59
CA GLY A 411 -11.95 24.75 -24.54
C GLY A 411 -11.06 23.60 -24.12
N LEU A 412 -9.95 23.46 -24.83
CA LEU A 412 -8.96 22.44 -24.57
C LEU A 412 -7.62 23.10 -24.31
N VAL A 413 -6.94 22.67 -23.25
CA VAL A 413 -5.61 23.18 -22.92
C VAL A 413 -4.61 22.53 -23.85
N GLU A 414 -3.92 23.35 -24.65
CA GLU A 414 -2.98 22.86 -25.66
C GLU A 414 -1.55 23.05 -25.16
N ILE A 415 -0.79 21.96 -25.15
CA ILE A 415 0.59 22.01 -24.70
C ILE A 415 1.56 21.84 -25.87
N ALA B 2 -7.61 -5.68 -6.41
CA ALA B 2 -7.94 -6.69 -7.42
C ALA B 2 -9.37 -7.19 -7.24
N TRP B 3 -9.57 -8.47 -7.50
CA TRP B 3 -10.90 -9.06 -7.31
C TRP B 3 -11.19 -9.22 -5.82
N PRO B 4 -12.46 -9.16 -5.43
CA PRO B 4 -12.80 -9.35 -4.02
C PRO B 4 -12.60 -10.79 -3.58
N LYS B 5 -12.28 -10.95 -2.30
CA LYS B 5 -12.03 -12.27 -1.71
C LYS B 5 -13.33 -12.74 -1.04
N VAL B 6 -14.00 -13.70 -1.66
CA VAL B 6 -15.25 -14.23 -1.18
C VAL B 6 -15.17 -15.75 -1.19
N GLN B 7 -16.13 -16.39 -0.52
CA GLN B 7 -16.19 -17.85 -0.53
C GLN B 7 -16.75 -18.35 -1.85
N PRO B 8 -16.43 -19.58 -2.24
CA PRO B 8 -17.10 -20.17 -3.40
C PRO B 8 -18.59 -20.27 -3.14
N GLU B 9 -19.39 -19.96 -4.17
CA GLU B 9 -20.83 -19.94 -4.02
C GLU B 9 -21.53 -21.12 -4.70
N VAL B 10 -20.78 -22.04 -5.31
CA VAL B 10 -21.39 -23.16 -6.00
C VAL B 10 -20.36 -24.29 -6.10
N ASN B 11 -20.82 -25.52 -5.91
CA ASN B 11 -19.98 -26.71 -6.02
C ASN B 11 -20.32 -27.44 -7.30
N ILE B 12 -19.31 -27.70 -8.12
CA ILE B 12 -19.50 -28.41 -9.39
C ILE B 12 -18.77 -29.75 -9.28
N GLY B 13 -19.53 -30.84 -9.36
CA GLY B 13 -18.93 -32.15 -9.37
C GLY B 13 -18.31 -32.47 -10.73
N VAL B 14 -17.22 -33.24 -10.69
CA VAL B 14 -16.56 -33.73 -11.89
C VAL B 14 -16.51 -35.25 -11.77
N VAL B 15 -17.24 -35.94 -12.66
CA VAL B 15 -17.42 -37.38 -12.58
C VAL B 15 -17.19 -37.98 -13.97
N GLY B 16 -17.04 -39.29 -14.00
CA GLY B 16 -16.79 -39.98 -15.26
C GLY B 16 -15.92 -41.19 -15.05
N HIS B 17 -15.82 -41.98 -16.13
CA HIS B 17 -15.14 -43.27 -16.07
C HIS B 17 -13.65 -43.09 -15.78
N VAL B 18 -13.04 -44.18 -15.30
CA VAL B 18 -11.65 -44.11 -14.86
C VAL B 18 -10.75 -43.59 -15.99
N ASP B 19 -9.81 -42.73 -15.63
CA ASP B 19 -8.79 -42.17 -16.51
C ASP B 19 -9.34 -41.36 -17.67
N HIS B 20 -10.63 -41.00 -17.64
CA HIS B 20 -11.13 -40.17 -18.73
C HIS B 20 -10.70 -38.71 -18.61
N GLY B 21 -10.07 -38.32 -17.50
CA GLY B 21 -9.44 -37.02 -17.40
C GLY B 21 -10.09 -36.02 -16.45
N LYS B 22 -10.72 -36.52 -15.39
CA LYS B 22 -11.40 -35.62 -14.44
C LYS B 22 -10.40 -34.69 -13.77
N THR B 23 -9.34 -35.26 -13.17
CA THR B 23 -8.38 -34.44 -12.43
C THR B 23 -7.65 -33.46 -13.36
N THR B 24 -7.34 -33.90 -14.58
CA THR B 24 -6.68 -32.99 -15.52
C THR B 24 -7.58 -31.84 -15.91
N LEU B 25 -8.89 -32.09 -16.03
CA LEU B 25 -9.82 -31.03 -16.37
C LEU B 25 -9.90 -29.98 -15.27
N VAL B 26 -9.97 -30.43 -14.01
CA VAL B 26 -9.95 -29.49 -12.89
C VAL B 26 -8.67 -28.66 -12.91
N GLN B 27 -7.55 -29.29 -13.26
CA GLN B 27 -6.29 -28.56 -13.37
C GLN B 27 -6.36 -27.54 -14.49
N ALA B 28 -6.95 -27.90 -15.63
CA ALA B 28 -7.08 -26.96 -16.73
C ALA B 28 -7.89 -25.72 -16.34
N ILE B 29 -8.91 -25.90 -15.49
CA ILE B 29 -9.76 -24.77 -15.12
C ILE B 29 -9.12 -23.97 -13.99
N THR B 30 -8.66 -24.65 -12.93
CA THR B 30 -8.23 -23.99 -11.71
C THR B 30 -6.72 -23.79 -11.61
N GLY B 31 -5.94 -24.48 -12.44
CA GLY B 31 -4.50 -24.48 -12.29
C GLY B 31 -3.98 -25.36 -11.17
N ILE B 32 -4.84 -26.13 -10.52
CA ILE B 32 -4.50 -26.91 -9.34
C ILE B 32 -4.63 -28.38 -9.68
N TRP B 33 -3.61 -29.17 -9.33
CA TRP B 33 -3.64 -30.62 -9.46
C TRP B 33 -4.03 -31.23 -8.12
N THR B 34 -5.19 -31.88 -8.06
CA THR B 34 -5.79 -32.26 -6.79
C THR B 34 -5.35 -33.64 -6.30
N SER B 35 -4.44 -34.32 -6.98
CA SER B 35 -3.99 -35.61 -6.49
C SER B 35 -2.52 -35.86 -6.84
N ARG B 43 0.60 -47.80 -4.18
CA ARG B 43 0.18 -48.03 -5.57
C ARG B 43 -1.31 -48.25 -5.65
N GLY B 44 -1.91 -47.77 -6.73
CA GLY B 44 -3.33 -47.91 -6.97
C GLY B 44 -3.88 -46.64 -7.58
N MET B 45 -5.20 -46.49 -7.47
CA MET B 45 -5.87 -45.29 -7.96
C MET B 45 -5.95 -44.23 -6.86
N THR B 46 -6.35 -43.03 -7.27
CA THR B 46 -6.63 -41.98 -6.30
C THR B 46 -7.94 -42.30 -5.58
N ILE B 47 -7.88 -42.45 -4.26
CA ILE B 47 -9.05 -42.87 -3.50
C ILE B 47 -9.82 -41.69 -2.89
N LYS B 48 -9.19 -40.53 -2.75
CA LYS B 48 -9.83 -39.40 -2.10
C LYS B 48 -10.53 -38.51 -3.11
N LEU B 49 -11.56 -37.79 -2.64
CA LEU B 49 -12.12 -36.71 -3.43
C LEU B 49 -11.08 -35.62 -3.63
N GLY B 50 -11.13 -34.98 -4.78
CA GLY B 50 -10.29 -33.83 -5.06
C GLY B 50 -11.10 -32.55 -4.97
N TYR B 51 -10.46 -31.48 -4.52
CA TYR B 51 -11.14 -30.20 -4.34
C TYR B 51 -10.22 -29.05 -4.78
N ALA B 52 -10.75 -28.16 -5.61
CA ALA B 52 -10.02 -26.98 -6.05
C ALA B 52 -11.02 -25.86 -6.34
N GLU B 53 -10.55 -24.62 -6.19
CA GLU B 53 -11.39 -23.44 -6.37
C GLU B 53 -10.79 -22.53 -7.44
N THR B 54 -11.65 -21.73 -8.05
CA THR B 54 -11.18 -20.65 -8.92
C THR B 54 -12.21 -19.52 -8.94
N ASN B 55 -11.71 -18.30 -9.14
CA ASN B 55 -12.57 -17.19 -9.49
C ASN B 55 -12.91 -17.26 -10.97
N ILE B 56 -14.05 -16.68 -11.33
CA ILE B 56 -14.51 -16.60 -12.72
C ILE B 56 -14.82 -15.14 -13.02
N GLY B 57 -14.34 -14.65 -14.16
CA GLY B 57 -14.60 -13.30 -14.58
C GLY B 57 -14.86 -13.23 -16.07
N VAL B 58 -15.14 -12.03 -16.57
CA VAL B 58 -15.36 -11.82 -17.99
C VAL B 58 -14.91 -10.43 -18.37
N CYS B 59 -14.17 -10.33 -19.47
CA CYS B 59 -13.72 -9.05 -20.01
C CYS B 59 -14.85 -8.44 -20.82
N GLU B 60 -15.38 -7.30 -20.35
CA GLU B 60 -16.67 -6.82 -20.81
C GLU B 60 -16.66 -6.50 -22.30
N SER B 61 -15.61 -5.84 -22.79
CA SER B 61 -15.55 -5.38 -24.17
C SER B 61 -14.74 -6.33 -25.06
N CYS B 62 -14.87 -7.64 -24.85
CA CYS B 62 -14.02 -8.60 -25.54
C CYS B 62 -14.87 -9.72 -26.14
N LYS B 63 -14.29 -10.40 -27.13
CA LYS B 63 -14.97 -11.49 -27.82
C LYS B 63 -15.16 -12.68 -26.89
N LYS B 64 -16.38 -13.21 -26.87
CA LYS B 64 -16.68 -14.44 -26.15
C LYS B 64 -16.52 -15.64 -27.10
N PRO B 65 -16.18 -16.83 -26.58
CA PRO B 65 -16.00 -17.17 -25.16
C PRO B 65 -14.63 -16.77 -24.60
N GLU B 66 -13.76 -16.24 -25.45
CA GLU B 66 -12.41 -15.88 -25.01
C GLU B 66 -12.41 -14.85 -23.89
N ALA B 67 -13.48 -14.06 -23.78
CA ALA B 67 -13.54 -13.02 -22.75
C ALA B 67 -13.64 -13.60 -21.34
N TYR B 68 -14.05 -14.85 -21.19
CA TYR B 68 -14.16 -15.45 -19.87
C TYR B 68 -12.78 -15.84 -19.34
N VAL B 69 -12.49 -15.46 -18.10
CA VAL B 69 -11.17 -15.62 -17.51
C VAL B 69 -11.29 -16.24 -16.13
N THR B 70 -10.17 -16.80 -15.66
CA THR B 70 -10.06 -17.34 -14.31
C THR B 70 -9.01 -16.61 -13.49
N GLU B 71 -8.56 -15.45 -13.96
CA GLU B 71 -7.60 -14.61 -13.26
C GLU B 71 -7.91 -13.16 -13.62
N PRO B 72 -7.60 -12.21 -12.76
CA PRO B 72 -8.00 -10.80 -13.02
C PRO B 72 -7.11 -10.10 -14.03
N SER B 73 -7.18 -10.54 -15.29
CA SER B 73 -6.43 -9.91 -16.36
C SER B 73 -7.21 -10.03 -17.66
N CYS B 74 -7.19 -8.97 -18.46
CA CYS B 74 -7.82 -8.95 -19.78
C CYS B 74 -6.81 -8.76 -20.91
N LYS B 75 -5.51 -8.86 -20.61
CA LYS B 75 -4.49 -8.62 -21.63
C LYS B 75 -4.57 -9.63 -22.77
N SER B 76 -5.22 -10.77 -22.56
CA SER B 76 -5.31 -11.76 -23.63
C SER B 76 -6.30 -11.34 -24.72
N CYS B 77 -7.15 -10.34 -24.46
CA CYS B 77 -8.12 -9.90 -25.46
C CYS B 77 -7.96 -8.43 -25.80
N GLY B 78 -6.81 -7.84 -25.50
CA GLY B 78 -6.53 -6.48 -25.90
C GLY B 78 -7.15 -5.42 -25.03
N SER B 79 -7.69 -5.78 -23.87
CA SER B 79 -8.28 -4.82 -22.96
C SER B 79 -7.28 -4.45 -21.87
N ASP B 80 -7.26 -3.18 -21.49
CA ASP B 80 -6.44 -2.68 -20.41
C ASP B 80 -7.20 -2.54 -19.10
N ASP B 81 -8.44 -3.00 -19.06
CA ASP B 81 -9.27 -2.95 -17.87
C ASP B 81 -9.17 -4.26 -17.11
N GLU B 82 -9.54 -4.21 -15.84
CA GLU B 82 -9.70 -5.41 -15.04
C GLU B 82 -10.98 -6.14 -15.48
N PRO B 83 -10.99 -7.47 -15.46
CA PRO B 83 -12.22 -8.20 -15.79
C PRO B 83 -13.26 -8.00 -14.70
N LYS B 84 -14.52 -8.10 -15.10
CA LYS B 84 -15.61 -8.04 -14.13
C LYS B 84 -15.72 -9.37 -13.40
N PHE B 85 -15.63 -9.32 -12.08
CA PHE B 85 -15.78 -10.53 -11.27
C PHE B 85 -17.21 -11.05 -11.38
N LEU B 86 -17.36 -12.36 -11.61
CA LEU B 86 -18.67 -12.99 -11.68
C LEU B 86 -19.00 -13.76 -10.41
N ARG B 87 -18.18 -14.75 -10.08
CA ARG B 87 -18.38 -15.56 -8.87
C ARG B 87 -17.14 -16.40 -8.65
N ARG B 88 -17.02 -16.94 -7.44
CA ARG B 88 -16.04 -17.96 -7.13
C ARG B 88 -16.73 -19.31 -7.12
N ILE B 89 -16.14 -20.29 -7.80
CA ILE B 89 -16.72 -21.63 -7.91
C ILE B 89 -15.71 -22.63 -7.37
N SER B 90 -16.23 -23.82 -7.06
CA SER B 90 -15.40 -24.90 -6.54
C SER B 90 -15.74 -26.19 -7.27
N PHE B 91 -14.81 -27.13 -7.24
CA PHE B 91 -14.95 -28.40 -7.95
C PHE B 91 -14.74 -29.55 -6.99
N ILE B 92 -15.64 -30.52 -7.02
CA ILE B 92 -15.54 -31.75 -6.26
C ILE B 92 -15.16 -32.86 -7.23
N ASP B 93 -13.93 -33.34 -7.13
CA ASP B 93 -13.36 -34.28 -8.08
C ASP B 93 -13.57 -35.71 -7.57
N ALA B 94 -14.41 -36.46 -8.25
CA ALA B 94 -14.68 -37.81 -7.74
C ALA B 94 -13.80 -38.84 -8.44
N PRO B 95 -13.30 -39.83 -7.70
CA PRO B 95 -12.49 -40.88 -8.35
C PRO B 95 -13.34 -41.76 -9.26
N GLY B 96 -12.72 -42.23 -10.33
CA GLY B 96 -13.45 -42.94 -11.36
C GLY B 96 -13.51 -44.46 -11.22
N HIS B 97 -12.69 -45.04 -10.35
CA HIS B 97 -12.63 -46.50 -10.26
C HIS B 97 -13.95 -47.05 -9.72
N GLU B 98 -14.33 -48.22 -10.24
CA GLU B 98 -15.64 -48.78 -9.91
C GLU B 98 -15.75 -49.22 -8.46
N VAL B 99 -14.62 -49.54 -7.81
CA VAL B 99 -14.67 -49.90 -6.40
C VAL B 99 -14.89 -48.70 -5.50
N LEU B 100 -14.83 -47.49 -6.04
CA LEU B 100 -14.92 -46.25 -5.26
C LEU B 100 -16.26 -45.54 -5.47
N MET B 101 -17.29 -46.29 -5.85
CA MET B 101 -18.60 -45.68 -6.09
C MET B 101 -19.17 -45.04 -4.83
N ALA B 102 -18.87 -45.60 -3.66
CA ALA B 102 -19.34 -45.00 -2.41
C ALA B 102 -18.75 -43.60 -2.22
N THR B 103 -17.50 -43.40 -2.64
CA THR B 103 -16.89 -42.08 -2.55
C THR B 103 -17.54 -41.10 -3.50
N MET B 104 -17.89 -41.55 -4.71
CA MET B 104 -18.56 -40.68 -5.67
C MET B 104 -19.91 -40.20 -5.13
N LEU B 105 -20.69 -41.14 -4.57
CA LEU B 105 -21.98 -40.77 -3.99
C LEU B 105 -21.83 -39.83 -2.81
N SER B 106 -20.78 -40.01 -2.01
CA SER B 106 -20.53 -39.10 -0.89
C SER B 106 -20.23 -37.69 -1.40
N GLY B 107 -19.41 -37.58 -2.44
CA GLY B 107 -19.15 -36.27 -3.02
C GLY B 107 -20.35 -35.69 -3.73
N ALA B 108 -21.22 -36.55 -4.28
CA ALA B 108 -22.39 -36.07 -5.00
C ALA B 108 -23.36 -35.32 -4.08
N ALA B 109 -23.37 -35.65 -2.80
CA ALA B 109 -24.21 -34.93 -1.85
C ALA B 109 -23.80 -33.47 -1.67
N LEU B 110 -22.61 -33.09 -2.13
CA LEU B 110 -22.13 -31.72 -1.99
C LEU B 110 -22.28 -30.90 -3.26
N MET B 111 -22.77 -31.50 -4.35
CA MET B 111 -22.75 -30.88 -5.66
C MET B 111 -24.01 -30.05 -5.91
N ASP B 112 -23.82 -28.83 -6.41
CA ASP B 112 -24.90 -28.02 -6.94
C ASP B 112 -25.12 -28.26 -8.43
N GLY B 113 -24.08 -28.73 -9.13
CA GLY B 113 -24.15 -29.10 -10.53
C GLY B 113 -23.03 -30.08 -10.78
N ALA B 114 -22.85 -30.45 -12.04
CA ALA B 114 -21.88 -31.50 -12.31
C ALA B 114 -21.38 -31.42 -13.75
N ILE B 115 -20.16 -31.90 -13.93
CA ILE B 115 -19.55 -32.10 -15.25
C ILE B 115 -19.31 -33.59 -15.42
N LEU B 116 -19.88 -34.18 -16.46
CA LEU B 116 -19.64 -35.57 -16.82
C LEU B 116 -18.56 -35.62 -17.90
N VAL B 117 -17.38 -36.09 -17.54
CA VAL B 117 -16.25 -36.14 -18.45
C VAL B 117 -16.33 -37.44 -19.25
N VAL B 118 -16.32 -37.31 -20.58
CA VAL B 118 -16.34 -38.45 -21.50
C VAL B 118 -15.10 -38.38 -22.37
N ALA B 119 -14.29 -39.43 -22.35
CA ALA B 119 -13.11 -39.47 -23.19
C ALA B 119 -13.51 -39.70 -24.64
N ALA B 120 -12.99 -38.85 -25.54
CA ALA B 120 -13.36 -38.94 -26.95
C ALA B 120 -12.76 -40.15 -27.65
N ASN B 121 -11.76 -40.80 -27.05
CA ASN B 121 -11.05 -41.90 -27.68
C ASN B 121 -11.43 -43.25 -27.09
N GLU B 122 -12.55 -43.34 -26.39
CA GLU B 122 -13.03 -44.61 -25.87
C GLU B 122 -14.49 -44.81 -26.26
N PRO B 123 -14.92 -46.06 -26.41
CA PRO B 123 -16.33 -46.33 -26.75
C PRO B 123 -17.27 -45.78 -25.68
N PHE B 124 -18.31 -45.08 -26.13
CA PHE B 124 -19.34 -44.50 -25.29
C PHE B 124 -20.59 -45.38 -25.30
N PRO B 125 -21.20 -45.64 -24.13
CA PRO B 125 -20.72 -45.19 -22.81
C PRO B 125 -20.00 -46.28 -22.00
N GLN B 126 -18.95 -45.89 -21.31
CA GLN B 126 -18.21 -46.81 -20.45
C GLN B 126 -19.02 -47.08 -19.17
N PRO B 127 -18.69 -48.16 -18.45
CA PRO B 127 -19.50 -48.50 -17.26
C PRO B 127 -19.69 -47.39 -16.24
N GLN B 128 -18.62 -46.73 -15.80
CA GLN B 128 -18.78 -45.64 -14.84
C GLN B 128 -19.27 -44.36 -15.48
N THR B 129 -19.16 -44.22 -16.81
CA THR B 129 -19.89 -43.17 -17.50
C THR B 129 -21.38 -43.31 -17.27
N ARG B 130 -21.90 -44.53 -17.42
CA ARG B 130 -23.32 -44.78 -17.19
C ARG B 130 -23.68 -44.65 -15.72
N GLU B 131 -22.87 -45.25 -14.84
CA GLU B 131 -23.23 -45.31 -13.42
C GLU B 131 -23.18 -43.93 -12.77
N HIS B 132 -22.17 -43.12 -13.11
CA HIS B 132 -22.13 -41.77 -12.57
C HIS B 132 -23.27 -40.93 -13.10
N PHE B 133 -23.61 -41.10 -14.38
CA PHE B 133 -24.74 -40.36 -14.96
C PHE B 133 -26.04 -40.71 -14.25
N VAL B 134 -26.29 -42.01 -14.04
CA VAL B 134 -27.52 -42.43 -13.38
C VAL B 134 -27.56 -41.95 -11.94
N ALA B 135 -26.40 -41.98 -11.26
CA ALA B 135 -26.35 -41.50 -9.88
C ALA B 135 -26.67 -40.02 -9.80
N LEU B 136 -26.23 -39.24 -10.79
CA LEU B 136 -26.52 -37.80 -10.78
C LEU B 136 -28.02 -37.53 -10.87
N GLY B 137 -28.72 -38.24 -11.74
CA GLY B 137 -30.15 -38.05 -11.85
C GLY B 137 -30.91 -38.54 -10.64
N ILE B 138 -30.46 -39.66 -10.05
CA ILE B 138 -31.08 -40.18 -8.84
C ILE B 138 -30.99 -39.15 -7.71
N ILE B 139 -29.81 -38.58 -7.51
CA ILE B 139 -29.61 -37.64 -6.42
C ILE B 139 -30.18 -36.27 -6.74
N GLY B 140 -30.43 -35.96 -8.01
CA GLY B 140 -30.98 -34.70 -8.40
C GLY B 140 -29.97 -33.66 -8.88
N VAL B 141 -28.75 -34.07 -9.21
CA VAL B 141 -27.73 -33.13 -9.70
C VAL B 141 -27.92 -33.06 -11.20
N LYS B 142 -28.96 -32.33 -11.63
CA LYS B 142 -29.36 -32.31 -13.02
C LYS B 142 -28.87 -31.09 -13.78
N ASN B 143 -28.29 -30.10 -13.11
CA ASN B 143 -27.59 -29.04 -13.81
C ASN B 143 -26.26 -29.61 -14.32
N LEU B 144 -26.27 -30.16 -15.52
CA LEU B 144 -25.19 -31.00 -16.02
C LEU B 144 -24.60 -30.43 -17.30
N ILE B 145 -23.27 -30.53 -17.41
CA ILE B 145 -22.55 -30.29 -18.65
C ILE B 145 -21.77 -31.55 -18.97
N ILE B 146 -21.89 -32.04 -20.20
CA ILE B 146 -21.11 -33.17 -20.67
C ILE B 146 -19.90 -32.63 -21.40
N VAL B 147 -18.71 -32.96 -20.90
CA VAL B 147 -17.46 -32.47 -21.47
C VAL B 147 -16.81 -33.62 -22.22
N GLN B 148 -16.64 -33.44 -23.53
CA GLN B 148 -15.95 -34.41 -24.38
C GLN B 148 -14.46 -34.11 -24.30
N ASN B 149 -13.75 -34.85 -23.47
CA ASN B 149 -12.33 -34.63 -23.22
C ASN B 149 -11.48 -35.38 -24.24
N LYS B 150 -10.19 -35.05 -24.28
CA LYS B 150 -9.20 -35.73 -25.12
C LYS B 150 -9.52 -35.62 -26.61
N VAL B 151 -10.16 -34.53 -27.04
CA VAL B 151 -10.47 -34.39 -28.46
C VAL B 151 -9.21 -34.18 -29.29
N ASP B 152 -8.08 -33.88 -28.66
CA ASP B 152 -6.80 -33.83 -29.37
C ASP B 152 -6.35 -35.18 -29.89
N VAL B 153 -6.91 -36.28 -29.35
CA VAL B 153 -6.48 -37.62 -29.73
C VAL B 153 -7.12 -38.09 -31.03
N VAL B 154 -8.28 -37.52 -31.41
CA VAL B 154 -9.07 -38.06 -32.50
C VAL B 154 -9.37 -36.95 -33.50
N SER B 155 -9.79 -37.38 -34.69
CA SER B 155 -10.16 -36.43 -35.72
C SER B 155 -11.48 -35.74 -35.37
N LYS B 156 -11.75 -34.64 -36.05
CA LYS B 156 -13.00 -33.92 -35.84
C LYS B 156 -14.21 -34.79 -36.17
N GLU B 157 -14.10 -35.64 -37.20
CA GLU B 157 -15.23 -36.47 -37.58
C GLU B 157 -15.49 -37.57 -36.57
N GLU B 158 -14.43 -38.15 -36.00
CA GLU B 158 -14.63 -39.16 -34.95
C GLU B 158 -15.23 -38.54 -33.70
N ALA B 159 -14.80 -37.32 -33.36
CA ALA B 159 -15.38 -36.63 -32.21
C ALA B 159 -16.86 -36.37 -32.43
N LEU B 160 -17.22 -35.86 -33.62
CA LEU B 160 -18.63 -35.61 -33.92
C LEU B 160 -19.43 -36.90 -33.96
N SER B 161 -18.82 -38.00 -34.37
CA SER B 161 -19.51 -39.29 -34.33
C SER B 161 -19.92 -39.63 -32.91
N GLN B 162 -18.97 -39.55 -31.96
CA GLN B 162 -19.30 -39.80 -30.56
C GLN B 162 -20.28 -38.76 -30.03
N TYR B 163 -20.19 -37.52 -30.52
CA TYR B 163 -21.15 -36.48 -30.14
C TYR B 163 -22.58 -36.92 -30.41
N ARG B 164 -22.82 -37.45 -31.61
CA ARG B 164 -24.16 -37.91 -31.95
C ARG B 164 -24.59 -39.11 -31.10
N GLN B 165 -23.64 -39.98 -30.73
CA GLN B 165 -23.96 -41.09 -29.84
C GLN B 165 -24.46 -40.59 -28.49
N ILE B 166 -23.81 -39.57 -27.93
CA ILE B 166 -24.21 -39.03 -26.64
C ILE B 166 -25.60 -38.40 -26.74
N LYS B 167 -25.86 -37.68 -27.84
CA LYS B 167 -27.18 -37.08 -28.03
C LYS B 167 -28.27 -38.14 -28.11
N GLN B 168 -27.97 -39.27 -28.77
CA GLN B 168 -28.90 -40.39 -28.78
C GLN B 168 -29.10 -40.95 -27.38
N PHE B 169 -28.02 -41.02 -26.60
CA PHE B 169 -28.11 -41.56 -25.24
C PHE B 169 -29.00 -40.68 -24.36
N THR B 170 -28.82 -39.37 -24.44
CA THR B 170 -29.60 -38.45 -23.61
C THR B 170 -30.99 -38.18 -24.19
N LYS B 171 -31.22 -38.50 -25.46
CA LYS B 171 -32.53 -38.31 -26.07
C LYS B 171 -33.59 -39.10 -25.31
N GLY B 172 -34.64 -38.42 -24.86
CA GLY B 172 -35.71 -39.05 -24.14
C GLY B 172 -35.52 -39.15 -22.64
N THR B 173 -34.48 -38.53 -22.09
CA THR B 173 -34.21 -38.55 -20.66
C THR B 173 -34.25 -37.11 -20.12
N TRP B 174 -33.99 -36.98 -18.82
CA TRP B 174 -33.92 -35.65 -18.21
C TRP B 174 -32.76 -34.84 -18.76
N ALA B 175 -31.76 -35.48 -19.36
CA ALA B 175 -30.56 -34.82 -19.84
C ALA B 175 -30.61 -34.51 -21.33
N GLU B 176 -31.81 -34.50 -21.93
CA GLU B 176 -31.91 -34.41 -23.38
C GLU B 176 -31.30 -33.12 -23.92
N ASN B 177 -31.46 -32.02 -23.18
CA ASN B 177 -30.95 -30.72 -23.60
C ASN B 177 -29.63 -30.37 -22.92
N VAL B 178 -28.95 -31.35 -22.34
CA VAL B 178 -27.66 -31.09 -21.68
C VAL B 178 -26.61 -30.82 -22.75
N PRO B 179 -25.86 -29.71 -22.66
CA PRO B 179 -24.87 -29.41 -23.70
C PRO B 179 -23.67 -30.35 -23.62
N ILE B 180 -23.01 -30.50 -24.77
CA ILE B 180 -21.78 -31.28 -24.89
C ILE B 180 -20.69 -30.33 -25.38
N ILE B 181 -19.64 -30.17 -24.58
CA ILE B 181 -18.58 -29.22 -24.89
C ILE B 181 -17.28 -30.00 -25.08
N PRO B 182 -16.65 -29.95 -26.26
CA PRO B 182 -15.39 -30.66 -26.48
C PRO B 182 -14.21 -29.83 -26.02
N VAL B 183 -13.27 -30.48 -25.32
CA VAL B 183 -12.06 -29.83 -24.83
C VAL B 183 -10.91 -30.82 -24.92
N SER B 184 -9.70 -30.29 -24.77
CA SER B 184 -8.53 -31.06 -24.38
C SER B 184 -8.08 -30.52 -23.02
N ALA B 185 -8.28 -31.32 -21.97
CA ALA B 185 -7.85 -30.89 -20.64
C ALA B 185 -6.32 -30.83 -20.55
N LEU B 186 -5.64 -31.80 -21.14
CA LEU B 186 -4.19 -31.92 -20.97
C LEU B 186 -3.46 -30.77 -21.66
N HIS B 187 -3.88 -30.40 -22.87
CA HIS B 187 -3.25 -29.33 -23.62
C HIS B 187 -4.02 -28.02 -23.54
N LYS B 188 -5.07 -27.98 -22.72
CA LYS B 188 -5.86 -26.78 -22.44
C LYS B 188 -6.35 -26.13 -23.74
N ILE B 189 -7.23 -26.87 -24.42
CA ILE B 189 -7.83 -26.42 -25.66
C ILE B 189 -9.32 -26.27 -25.43
N ASN B 190 -9.86 -25.12 -25.82
CA ASN B 190 -11.29 -24.81 -25.74
C ASN B 190 -11.80 -24.72 -24.31
N ILE B 191 -10.92 -24.39 -23.35
CA ILE B 191 -11.37 -24.27 -21.96
C ILE B 191 -12.30 -23.07 -21.81
N ASP B 192 -12.11 -22.03 -22.62
CA ASP B 192 -12.94 -20.83 -22.52
C ASP B 192 -14.41 -21.15 -22.82
N SER B 193 -14.66 -22.05 -23.77
CA SER B 193 -16.04 -22.46 -24.04
C SER B 193 -16.65 -23.21 -22.87
N LEU B 194 -15.84 -23.96 -22.12
CA LEU B 194 -16.34 -24.66 -20.95
C LEU B 194 -16.67 -23.69 -19.82
N ILE B 195 -15.85 -22.64 -19.65
CA ILE B 195 -16.14 -21.61 -18.65
C ILE B 195 -17.46 -20.93 -18.99
N GLU B 196 -17.64 -20.53 -20.24
CA GLU B 196 -18.91 -19.97 -20.68
C GLU B 196 -20.06 -20.94 -20.42
N GLY B 197 -19.84 -22.22 -20.72
CA GLY B 197 -20.89 -23.20 -20.46
C GLY B 197 -21.23 -23.32 -18.98
N ILE B 198 -20.22 -23.26 -18.12
CA ILE B 198 -20.46 -23.32 -16.68
C ILE B 198 -21.30 -22.12 -16.24
N GLU B 199 -20.99 -20.93 -16.76
CA GLU B 199 -21.76 -19.74 -16.42
C GLU B 199 -23.19 -19.84 -16.92
N GLU B 200 -23.40 -20.51 -18.06
CA GLU B 200 -24.71 -20.56 -18.68
C GLU B 200 -25.59 -21.69 -18.13
N TYR B 201 -25.00 -22.85 -17.80
CA TYR B 201 -25.78 -24.01 -17.42
C TYR B 201 -25.66 -24.41 -15.97
N ILE B 202 -24.66 -23.92 -15.24
CA ILE B 202 -24.57 -24.25 -13.83
C ILE B 202 -24.66 -22.97 -13.02
N LYS B 203 -25.85 -22.37 -12.98
CA LYS B 203 -26.03 -21.13 -12.24
C LYS B 203 -26.08 -21.42 -10.74
N THR B 204 -25.67 -20.43 -9.96
CA THR B 204 -25.68 -20.57 -8.52
C THR B 204 -27.12 -20.75 -8.03
N PRO B 205 -27.40 -21.75 -7.20
CA PRO B 205 -28.77 -21.98 -6.77
C PRO B 205 -29.26 -20.93 -5.77
N TYR B 206 -30.58 -20.78 -5.72
CA TYR B 206 -31.19 -20.03 -4.65
C TYR B 206 -30.88 -20.69 -3.32
N ARG B 207 -30.49 -19.88 -2.32
CA ARG B 207 -30.14 -20.38 -1.01
C ARG B 207 -31.13 -19.84 0.01
N ASP B 208 -31.87 -20.73 0.66
CA ASP B 208 -32.77 -20.33 1.75
C ASP B 208 -31.93 -20.24 3.02
N LEU B 209 -31.40 -19.04 3.29
CA LEU B 209 -30.50 -18.84 4.41
C LEU B 209 -31.21 -18.81 5.76
N SER B 210 -32.53 -19.01 5.80
CA SER B 210 -33.25 -19.10 7.06
C SER B 210 -33.42 -20.53 7.54
N GLN B 211 -33.07 -21.51 6.71
CA GLN B 211 -33.18 -22.90 7.11
C GLN B 211 -32.22 -23.22 8.25
N LYS B 212 -32.56 -24.26 9.01
CA LYS B 212 -31.71 -24.77 10.06
C LYS B 212 -30.32 -25.09 9.51
N PRO B 213 -29.25 -24.53 10.06
CA PRO B 213 -27.92 -24.77 9.50
C PRO B 213 -27.51 -26.23 9.62
N VAL B 214 -27.06 -26.80 8.51
CA VAL B 214 -26.58 -28.19 8.46
C VAL B 214 -25.34 -28.23 7.58
N MET B 215 -24.27 -28.83 8.09
CA MET B 215 -23.03 -29.03 7.35
C MET B 215 -22.75 -30.52 7.24
N LEU B 216 -22.53 -31.00 6.02
CA LEU B 216 -22.10 -32.38 5.80
C LEU B 216 -20.58 -32.45 5.94
N VAL B 217 -20.11 -33.33 6.82
CA VAL B 217 -18.70 -33.39 7.18
C VAL B 217 -17.95 -34.26 6.17
N ILE B 218 -16.77 -33.79 5.75
CA ILE B 218 -15.83 -34.57 4.97
C ILE B 218 -14.55 -34.68 5.79
N ARG B 219 -14.11 -35.91 6.08
CA ARG B 219 -12.91 -36.09 6.87
C ARG B 219 -11.66 -35.73 6.07
N SER B 220 -10.62 -35.30 6.79
CA SER B 220 -9.40 -34.83 6.15
C SER B 220 -8.75 -35.94 5.33
N ALA B 221 -8.82 -37.18 5.80
CA ALA B 221 -8.21 -38.29 5.08
C ALA B 221 -8.99 -38.68 3.83
N ASP B 222 -10.19 -38.13 3.64
CA ASP B 222 -11.03 -38.50 2.50
C ASP B 222 -11.07 -37.44 1.42
N VAL B 223 -10.26 -36.40 1.51
CA VAL B 223 -10.26 -35.32 0.52
C VAL B 223 -8.86 -34.76 0.39
N ASN B 224 -8.47 -34.45 -0.85
CA ASN B 224 -7.23 -33.74 -1.15
C ASN B 224 -7.59 -32.32 -1.56
N ALA B 225 -7.30 -31.35 -0.69
CA ALA B 225 -7.57 -29.94 -0.94
C ALA B 225 -6.29 -29.16 -0.74
N PRO B 226 -5.44 -29.06 -1.77
CA PRO B 226 -4.16 -28.36 -1.61
C PRO B 226 -4.28 -26.90 -1.20
N GLY B 227 -5.42 -26.26 -1.44
CA GLY B 227 -5.55 -24.84 -1.17
C GLY B 227 -6.16 -24.49 0.16
N THR B 228 -6.85 -25.45 0.79
CA THR B 228 -7.55 -25.20 2.04
C THR B 228 -6.61 -25.41 3.22
N GLN B 229 -6.57 -24.43 4.12
CA GLN B 229 -5.70 -24.49 5.29
C GLN B 229 -6.45 -25.09 6.48
N PHE B 230 -5.68 -25.73 7.36
CA PHE B 230 -6.20 -26.35 8.58
C PHE B 230 -5.40 -25.81 9.77
N ASN B 231 -5.58 -24.52 10.05
CA ASN B 231 -4.91 -23.87 11.18
C ASN B 231 -5.51 -24.40 12.48
N GLU B 232 -4.73 -25.17 13.23
CA GLU B 232 -5.22 -25.87 14.41
C GLU B 232 -4.52 -25.40 15.69
N LEU B 233 -4.24 -24.09 15.78
CA LEU B 233 -3.73 -23.56 17.04
C LEU B 233 -4.85 -23.41 18.06
N LYS B 234 -6.03 -22.96 17.62
CA LYS B 234 -7.17 -22.89 18.52
C LYS B 234 -7.68 -24.27 18.87
N GLY B 235 -7.61 -25.20 17.94
CA GLY B 235 -8.12 -26.54 18.18
C GLY B 235 -8.34 -27.26 16.86
N GLY B 236 -9.05 -28.39 16.96
CA GLY B 236 -9.28 -29.22 15.79
C GLY B 236 -10.15 -28.52 14.76
N VAL B 237 -9.84 -28.75 13.50
CA VAL B 237 -10.59 -28.20 12.37
C VAL B 237 -11.42 -29.31 11.76
N ILE B 238 -12.69 -29.03 11.51
CA ILE B 238 -13.61 -29.98 10.88
C ILE B 238 -14.01 -29.42 9.52
N GLY B 239 -13.84 -30.23 8.49
CA GLY B 239 -14.13 -29.80 7.14
C GLY B 239 -15.40 -30.39 6.58
N GLY B 240 -15.91 -29.80 5.49
CA GLY B 240 -17.14 -30.25 4.90
C GLY B 240 -17.78 -29.15 4.09
N SER B 241 -19.05 -29.37 3.75
CA SER B 241 -19.80 -28.40 2.95
C SER B 241 -21.16 -28.14 3.59
N ILE B 242 -21.56 -26.88 3.58
CA ILE B 242 -22.83 -26.48 4.14
C ILE B 242 -23.90 -26.68 3.08
N ILE B 243 -24.93 -27.48 3.41
CA ILE B 243 -25.99 -27.77 2.46
C ILE B 243 -27.24 -26.93 2.69
N GLN B 244 -27.37 -26.28 3.85
CA GLN B 244 -28.48 -25.37 4.08
C GLN B 244 -28.15 -24.43 5.23
N GLY B 245 -28.74 -23.24 5.19
CA GLY B 245 -28.52 -22.26 6.24
C GLY B 245 -27.14 -21.65 6.17
N LEU B 246 -26.71 -21.09 7.31
CA LEU B 246 -25.39 -20.50 7.40
C LEU B 246 -24.89 -20.60 8.83
N PHE B 247 -23.57 -20.67 8.96
CA PHE B 247 -22.88 -20.68 10.25
C PHE B 247 -22.07 -19.40 10.40
N LYS B 248 -21.86 -19.00 11.65
CA LYS B 248 -21.09 -17.81 11.97
C LYS B 248 -20.09 -18.12 13.06
N VAL B 249 -18.98 -17.37 13.06
CA VAL B 249 -17.99 -17.51 14.12
C VAL B 249 -18.65 -17.23 15.47
N ASP B 250 -18.19 -17.95 16.50
CA ASP B 250 -18.64 -17.88 17.90
C ASP B 250 -19.97 -18.57 18.13
N GLN B 251 -20.53 -19.27 17.14
CA GLN B 251 -21.77 -20.01 17.35
C GLN B 251 -21.50 -21.34 18.03
N GLU B 252 -22.42 -21.73 18.92
CA GLU B 252 -22.37 -23.04 19.57
C GLU B 252 -22.90 -24.10 18.61
N ILE B 253 -22.10 -25.15 18.39
CA ILE B 253 -22.43 -26.20 17.44
C ILE B 253 -22.25 -27.56 18.10
N LYS B 254 -22.73 -28.59 17.42
CA LYS B 254 -22.54 -29.96 17.88
C LYS B 254 -22.24 -30.86 16.68
N VAL B 255 -21.42 -31.88 16.92
CA VAL B 255 -21.05 -32.87 15.93
C VAL B 255 -21.89 -34.11 16.16
N LEU B 256 -22.55 -34.59 15.11
CA LEU B 256 -23.49 -35.69 15.21
C LEU B 256 -23.16 -36.77 14.17
N PRO B 257 -23.40 -38.06 14.49
CA PRO B 257 -23.90 -38.62 15.76
C PRO B 257 -22.97 -38.39 16.95
N GLY B 258 -21.66 -38.30 16.70
CA GLY B 258 -20.71 -37.89 17.72
C GLY B 258 -19.70 -38.98 18.03
N LEU B 259 -19.25 -38.99 19.28
CA LEU B 259 -18.15 -39.83 19.71
C LEU B 259 -18.66 -41.20 20.16
N ARG B 260 -18.07 -42.25 19.59
CA ARG B 260 -18.41 -43.61 20.00
C ARG B 260 -17.89 -43.87 21.41
N VAL B 261 -18.75 -44.44 22.26
CA VAL B 261 -18.37 -44.77 23.63
C VAL B 261 -19.00 -46.13 23.98
N GLU B 262 -18.23 -46.97 24.66
CA GLU B 262 -18.68 -48.30 25.07
C GLU B 262 -18.65 -48.33 26.60
N LYS B 263 -19.82 -48.26 27.21
CA LYS B 263 -19.97 -48.30 28.66
C LYS B 263 -20.73 -49.56 29.04
N GLN B 264 -20.08 -50.44 29.83
CA GLN B 264 -20.69 -51.67 30.32
C GLN B 264 -21.14 -52.57 29.17
N GLY B 265 -20.32 -52.63 28.12
CA GLY B 265 -20.61 -53.46 26.97
C GLY B 265 -21.56 -52.88 25.96
N LYS B 266 -22.30 -51.81 26.30
CA LYS B 266 -23.24 -51.20 25.39
C LYS B 266 -22.59 -50.06 24.63
N VAL B 267 -22.83 -50.00 23.33
CA VAL B 267 -22.23 -49.01 22.44
C VAL B 267 -23.24 -47.91 22.15
N SER B 268 -22.82 -46.66 22.36
CA SER B 268 -23.63 -45.51 22.01
C SER B 268 -22.75 -44.46 21.37
N TYR B 269 -23.38 -43.38 20.87
CA TYR B 269 -22.68 -42.27 20.26
C TYR B 269 -23.13 -40.99 20.92
N GLU B 270 -22.19 -40.27 21.56
CA GLU B 270 -22.52 -39.07 22.30
C GLU B 270 -22.22 -37.84 21.48
N PRO B 271 -23.18 -36.91 21.36
CA PRO B 271 -22.92 -35.68 20.62
C PRO B 271 -21.78 -34.89 21.24
N ILE B 272 -20.98 -34.24 20.39
CA ILE B 272 -19.82 -33.46 20.81
C ILE B 272 -20.12 -32.00 20.57
N PHE B 273 -20.15 -31.22 21.66
CA PHE B 273 -20.45 -29.79 21.60
C PHE B 273 -19.18 -28.98 21.60
N THR B 274 -19.18 -27.89 20.83
CA THR B 274 -18.05 -26.98 20.79
C THR B 274 -18.54 -25.64 20.24
N LYS B 275 -17.59 -24.74 19.97
CA LYS B 275 -17.88 -23.42 19.43
C LYS B 275 -17.00 -23.18 18.22
N ILE B 276 -17.53 -22.42 17.27
CA ILE B 276 -16.80 -22.11 16.03
C ILE B 276 -15.77 -21.04 16.36
N SER B 277 -14.49 -21.42 16.37
CA SER B 277 -13.44 -20.44 16.62
C SER B 277 -13.05 -19.68 15.36
N SER B 278 -13.16 -20.32 14.19
CA SER B 278 -12.78 -19.67 12.95
C SER B 278 -13.49 -20.34 11.79
N ILE B 279 -13.60 -19.61 10.69
CA ILE B 279 -14.18 -20.10 9.45
C ILE B 279 -13.23 -19.75 8.32
N ALA B 280 -12.85 -20.75 7.52
CA ALA B 280 -11.90 -20.54 6.44
C ALA B 280 -12.38 -21.23 5.17
N PHE B 281 -12.22 -20.53 4.05
CA PHE B 281 -12.35 -21.11 2.71
C PHE B 281 -11.00 -20.92 2.02
N GLY B 282 -10.31 -22.02 1.76
CA GLY B 282 -8.97 -21.92 1.21
C GLY B 282 -8.01 -21.28 2.18
N ASP B 283 -7.36 -20.20 1.75
CA ASP B 283 -6.38 -19.49 2.58
C ASP B 283 -6.93 -18.18 3.13
N GLU B 284 -8.24 -17.99 3.10
CA GLU B 284 -8.87 -16.77 3.58
C GLU B 284 -9.80 -17.07 4.75
N GLU B 285 -9.83 -16.16 5.71
CA GLU B 285 -10.73 -16.25 6.85
C GLU B 285 -12.02 -15.48 6.56
N PHE B 286 -13.11 -15.93 7.18
CA PHE B 286 -14.42 -15.30 7.01
C PHE B 286 -15.15 -15.32 8.34
N LYS B 287 -16.09 -14.39 8.49
CA LYS B 287 -16.92 -14.34 9.69
C LYS B 287 -18.15 -15.23 9.60
N GLU B 288 -18.60 -15.58 8.39
CA GLU B 288 -19.73 -16.47 8.22
C GLU B 288 -19.45 -17.44 7.08
N ALA B 289 -20.23 -18.52 7.05
CA ALA B 289 -20.07 -19.57 6.06
C ALA B 289 -21.43 -19.97 5.52
N LYS B 290 -21.56 -19.96 4.20
CA LYS B 290 -22.80 -20.23 3.48
C LYS B 290 -22.62 -21.47 2.61
N PRO B 291 -23.69 -22.01 2.00
CA PRO B 291 -23.52 -23.15 1.09
C PRO B 291 -22.58 -22.81 -0.06
N GLY B 292 -21.93 -23.85 -0.58
CA GLY B 292 -20.94 -23.66 -1.62
C GLY B 292 -19.53 -23.72 -1.06
N GLY B 293 -18.68 -24.53 -1.68
CA GLY B 293 -17.29 -24.63 -1.27
C GLY B 293 -17.10 -25.59 -0.11
N LEU B 294 -15.86 -26.04 0.03
CA LEU B 294 -15.44 -26.85 1.16
C LEU B 294 -14.96 -25.91 2.26
N VAL B 295 -15.68 -25.88 3.38
CA VAL B 295 -15.37 -24.96 4.47
C VAL B 295 -14.53 -25.67 5.51
N ALA B 296 -13.63 -24.93 6.15
CA ALA B 296 -12.86 -25.41 7.28
C ALA B 296 -13.41 -24.74 8.55
N ILE B 297 -14.14 -25.50 9.34
CA ILE B 297 -14.72 -25.00 10.59
C ILE B 297 -13.72 -25.23 11.71
N GLY B 298 -13.11 -24.15 12.19
CA GLY B 298 -12.19 -24.24 13.31
C GLY B 298 -12.96 -24.32 14.62
N THR B 299 -12.58 -25.26 15.47
CA THR B 299 -13.19 -25.46 16.77
C THR B 299 -12.15 -25.29 17.86
N TYR B 300 -12.59 -25.45 19.11
CA TYR B 300 -11.70 -25.47 20.26
C TYR B 300 -11.38 -26.89 20.72
N LEU B 301 -11.94 -27.90 20.07
CA LEU B 301 -11.70 -29.29 20.45
C LEU B 301 -10.25 -29.68 20.19
N ASP B 302 -9.76 -30.62 20.98
CA ASP B 302 -8.41 -31.12 20.77
C ASP B 302 -8.31 -31.84 19.42
N PRO B 303 -7.23 -31.63 18.67
CA PRO B 303 -7.13 -32.26 17.35
C PRO B 303 -7.20 -33.78 17.39
N SER B 304 -6.66 -34.41 18.44
CA SER B 304 -6.71 -35.86 18.52
C SER B 304 -8.13 -36.38 18.66
N LEU B 305 -9.08 -35.51 19.05
CA LEU B 305 -10.48 -35.89 19.10
C LEU B 305 -11.14 -35.76 17.72
N THR B 306 -10.92 -34.62 17.04
CA THR B 306 -11.56 -34.39 15.76
C THR B 306 -11.02 -35.31 14.67
N LYS B 307 -9.84 -35.88 14.85
CA LYS B 307 -9.26 -36.80 13.88
C LYS B 307 -9.43 -38.26 14.29
N ALA B 308 -10.06 -38.53 15.42
CA ALA B 308 -10.19 -39.90 15.90
C ALA B 308 -11.12 -40.71 15.00
N ASP B 309 -10.75 -41.96 14.75
CA ASP B 309 -11.64 -42.87 14.03
C ASP B 309 -12.93 -43.12 14.81
N ASN B 310 -12.87 -43.05 16.14
CA ASN B 310 -14.05 -43.27 16.96
C ASN B 310 -15.07 -42.14 16.85
N LEU B 311 -14.69 -41.00 16.29
CA LEU B 311 -15.61 -39.88 16.13
C LEU B 311 -16.40 -40.08 14.84
N LEU B 312 -17.67 -40.45 14.97
CA LEU B 312 -18.57 -40.55 13.83
C LEU B 312 -19.11 -39.16 13.55
N GLY B 313 -18.29 -38.35 12.89
CA GLY B 313 -18.67 -36.98 12.57
C GLY B 313 -19.28 -36.86 11.20
N SER B 314 -20.60 -37.03 11.12
CA SER B 314 -21.29 -37.03 9.84
C SER B 314 -21.88 -35.67 9.49
N ILE B 315 -22.49 -34.96 10.45
CA ILE B 315 -23.02 -33.63 10.21
C ILE B 315 -22.68 -32.74 11.39
N ILE B 316 -22.78 -31.43 11.15
CA ILE B 316 -22.66 -30.41 12.19
C ILE B 316 -23.89 -29.53 12.10
N THR B 317 -24.49 -29.23 13.25
CA THR B 317 -25.64 -28.33 13.34
C THR B 317 -25.41 -27.37 14.50
N LEU B 318 -26.34 -26.43 14.67
CA LEU B 318 -26.32 -25.58 15.85
C LEU B 318 -26.59 -26.43 17.09
N ALA B 319 -26.07 -25.99 18.24
CA ALA B 319 -26.14 -26.80 19.44
C ALA B 319 -27.57 -27.06 19.88
N ASP B 320 -28.50 -26.18 19.53
CA ASP B 320 -29.89 -26.28 19.94
C ASP B 320 -30.77 -27.02 18.94
N ALA B 321 -30.24 -27.41 17.78
CA ALA B 321 -31.05 -28.06 16.77
C ALA B 321 -31.53 -29.42 17.27
N GLU B 322 -32.72 -29.82 16.79
CA GLU B 322 -33.33 -31.11 17.15
C GLU B 322 -33.09 -32.07 16.01
N VAL B 323 -32.15 -32.99 16.20
CA VAL B 323 -31.79 -33.94 15.15
C VAL B 323 -31.89 -35.36 15.69
N PRO B 324 -32.83 -36.16 15.19
CA PRO B 324 -32.87 -37.58 15.58
C PRO B 324 -31.64 -38.33 15.10
N VAL B 325 -31.02 -39.06 16.01
CA VAL B 325 -29.93 -39.97 15.70
C VAL B 325 -30.49 -41.39 15.81
N LEU B 326 -30.71 -42.03 14.67
CA LEU B 326 -31.49 -43.26 14.61
C LEU B 326 -30.60 -44.45 14.28
N TRP B 327 -30.74 -45.52 15.09
CA TRP B 327 -30.14 -46.81 14.77
C TRP B 327 -30.99 -47.63 13.81
N ASN B 328 -32.27 -47.28 13.67
CA ASN B 328 -33.19 -47.97 12.77
C ASN B 328 -33.95 -46.92 11.97
N ILE B 329 -34.03 -47.11 10.66
CA ILE B 329 -34.65 -46.15 9.78
C ILE B 329 -35.62 -46.85 8.84
N ARG B 330 -36.60 -46.09 8.38
CA ARG B 330 -37.60 -46.55 7.42
C ARG B 330 -37.39 -45.80 6.10
N ILE B 331 -37.38 -46.53 5.00
CA ILE B 331 -37.01 -45.98 3.70
C ILE B 331 -38.08 -46.35 2.68
N LYS B 332 -38.65 -45.34 2.03
CA LYS B 332 -39.54 -45.54 0.89
C LYS B 332 -38.66 -45.58 -0.36
N TYR B 333 -38.41 -46.78 -0.88
CA TYR B 333 -37.35 -47.03 -1.83
C TYR B 333 -37.87 -47.28 -3.23
N ASN B 334 -36.92 -47.32 -4.18
CA ASN B 334 -37.16 -47.71 -5.56
C ASN B 334 -35.92 -48.42 -6.06
N LEU B 335 -36.09 -49.24 -7.11
CA LEU B 335 -34.99 -50.00 -7.68
C LEU B 335 -34.73 -49.56 -9.10
N LEU B 336 -33.49 -49.75 -9.55
CA LEU B 336 -33.14 -49.58 -10.94
C LEU B 336 -33.49 -50.84 -11.73
N GLU B 337 -33.67 -50.68 -13.04
CA GLU B 337 -33.98 -51.83 -13.88
C GLU B 337 -32.77 -52.75 -14.03
N ARG B 338 -31.60 -52.17 -14.29
CA ARG B 338 -30.39 -52.94 -14.54
C ARG B 338 -29.27 -52.49 -13.62
N VAL B 339 -28.20 -53.27 -13.61
CA VAL B 339 -26.98 -52.94 -12.88
C VAL B 339 -26.08 -52.18 -13.85
N VAL B 340 -26.14 -50.85 -13.80
CA VAL B 340 -25.47 -50.05 -14.80
C VAL B 340 -23.97 -49.95 -14.58
N GLY B 341 -23.47 -50.30 -13.40
CA GLY B 341 -22.05 -50.14 -13.11
C GLY B 341 -21.18 -51.29 -13.54
N ALA B 342 -21.77 -52.44 -13.85
CA ALA B 342 -21.02 -53.63 -14.22
C ALA B 342 -20.71 -53.61 -15.72
N LYS B 343 -19.75 -54.46 -16.11
CA LYS B 343 -19.41 -54.58 -17.52
C LYS B 343 -20.54 -55.22 -18.32
N GLU B 344 -21.35 -56.05 -17.67
CA GLU B 344 -22.53 -56.64 -18.28
C GLU B 344 -23.72 -56.29 -17.40
N MET B 345 -24.66 -55.51 -17.96
CA MET B 345 -25.78 -54.98 -17.19
C MET B 345 -26.69 -56.09 -16.68
N LEU B 346 -26.44 -56.54 -15.45
CA LEU B 346 -27.28 -57.54 -14.82
C LEU B 346 -28.64 -56.94 -14.46
N LYS B 347 -29.57 -57.81 -14.08
CA LYS B 347 -30.89 -57.40 -13.64
C LYS B 347 -30.92 -57.34 -12.12
N VAL B 348 -31.63 -56.34 -11.58
CA VAL B 348 -31.63 -56.07 -10.15
C VAL B 348 -32.62 -57.01 -9.48
N ASP B 349 -32.11 -57.92 -8.65
CA ASP B 349 -32.98 -58.80 -7.88
C ASP B 349 -33.71 -58.00 -6.81
N PRO B 350 -34.89 -58.47 -6.39
CA PRO B 350 -35.66 -57.73 -5.38
C PRO B 350 -34.94 -57.73 -4.04
N ILE B 351 -35.28 -56.71 -3.23
CA ILE B 351 -34.66 -56.55 -1.92
C ILE B 351 -35.17 -57.66 -1.00
N ARG B 352 -34.28 -58.57 -0.62
CA ARG B 352 -34.61 -59.67 0.27
C ARG B 352 -34.39 -59.26 1.72
N ALA B 353 -35.24 -59.81 2.60
CA ALA B 353 -35.07 -59.57 4.03
C ALA B 353 -33.78 -60.22 4.52
N LYS B 354 -33.30 -59.75 5.67
CA LYS B 354 -32.07 -60.23 6.31
C LYS B 354 -30.84 -60.02 5.44
N GLU B 355 -30.93 -59.13 4.46
CA GLU B 355 -29.83 -58.82 3.55
C GLU B 355 -29.06 -57.61 4.05
N THR B 356 -27.77 -57.57 3.70
CA THR B 356 -26.91 -56.44 4.05
C THR B 356 -26.87 -55.46 2.88
N LEU B 357 -27.25 -54.22 3.13
CA LEU B 357 -27.27 -53.17 2.12
C LEU B 357 -26.38 -52.01 2.55
N MET B 358 -25.84 -51.31 1.55
CA MET B 358 -25.04 -50.11 1.78
C MET B 358 -25.93 -48.88 1.55
N LEU B 359 -26.00 -48.01 2.56
CA LEU B 359 -26.85 -46.83 2.52
C LEU B 359 -25.99 -45.58 2.49
N SER B 360 -26.07 -44.83 1.40
CA SER B 360 -25.41 -43.52 1.30
C SER B 360 -26.41 -42.45 1.75
N VAL B 361 -26.14 -41.82 2.88
CA VAL B 361 -26.99 -40.76 3.43
C VAL B 361 -26.12 -39.55 3.68
N GLY B 362 -26.45 -38.44 3.04
CA GLY B 362 -25.58 -37.28 3.10
C GLY B 362 -24.22 -37.65 2.52
N SER B 363 -23.16 -37.35 3.26
CA SER B 363 -21.81 -37.70 2.85
C SER B 363 -21.30 -38.94 3.57
N SER B 364 -22.15 -39.62 4.34
CA SER B 364 -21.76 -40.80 5.09
C SER B 364 -22.22 -42.06 4.38
N THR B 365 -21.54 -43.16 4.71
CA THR B 365 -21.85 -44.47 4.16
C THR B 365 -22.05 -45.43 5.31
N THR B 366 -23.17 -46.16 5.30
CA THR B 366 -23.52 -47.03 6.42
C THR B 366 -24.06 -48.35 5.89
N LEU B 367 -23.59 -49.45 6.46
CA LEU B 367 -24.15 -50.76 6.18
C LEU B 367 -25.27 -51.07 7.16
N GLY B 368 -26.26 -51.82 6.69
CA GLY B 368 -27.42 -52.12 7.51
C GLY B 368 -28.06 -53.44 7.12
N ILE B 369 -28.84 -53.98 8.06
CA ILE B 369 -29.52 -55.26 7.89
C ILE B 369 -30.99 -54.99 7.59
N VAL B 370 -31.49 -55.59 6.51
CA VAL B 370 -32.89 -55.44 6.15
C VAL B 370 -33.73 -56.30 7.10
N THR B 371 -34.56 -55.67 7.93
CA THR B 371 -35.45 -56.41 8.83
C THR B 371 -36.79 -56.63 8.15
N SER B 372 -37.59 -55.58 8.02
CA SER B 372 -38.87 -55.66 7.34
C SER B 372 -38.72 -55.31 5.87
N VAL B 373 -39.61 -55.87 5.04
CA VAL B 373 -39.63 -55.57 3.62
C VAL B 373 -41.04 -55.75 3.08
N LYS B 374 -41.75 -54.64 2.88
CA LYS B 374 -43.05 -54.63 2.26
C LYS B 374 -42.95 -53.89 0.92
N LYS B 375 -44.10 -53.58 0.32
CA LYS B 375 -44.09 -52.84 -0.93
C LYS B 375 -43.55 -51.43 -0.72
N ASP B 376 -42.68 -51.01 -1.64
CA ASP B 376 -42.04 -49.69 -1.70
C ASP B 376 -41.58 -49.14 -0.36
N GLU B 377 -41.42 -49.99 0.65
CA GLU B 377 -40.89 -49.58 1.95
C GLU B 377 -40.03 -50.68 2.53
N ILE B 378 -38.94 -50.29 3.20
CA ILE B 378 -38.09 -51.20 3.94
C ILE B 378 -37.73 -50.57 5.28
N GLU B 379 -37.29 -51.41 6.21
CA GLU B 379 -36.82 -50.98 7.53
C GLU B 379 -35.49 -51.65 7.80
N VAL B 380 -34.48 -50.83 8.13
CA VAL B 380 -33.10 -51.29 8.19
C VAL B 380 -32.55 -51.05 9.59
N GLU B 381 -31.84 -52.04 10.11
CA GLU B 381 -31.11 -51.92 11.37
C GLU B 381 -29.65 -51.66 11.03
N LEU B 382 -29.18 -50.45 11.32
CA LEU B 382 -27.87 -50.00 10.87
C LEU B 382 -26.77 -50.42 11.84
N ARG B 383 -25.59 -50.68 11.28
CA ARG B 383 -24.43 -50.97 12.12
C ARG B 383 -24.03 -49.76 12.95
N ARG B 384 -24.23 -48.55 12.42
CA ARG B 384 -23.94 -47.30 13.10
C ARG B 384 -25.10 -46.35 12.83
N PRO B 385 -25.48 -45.54 13.81
CA PRO B 385 -26.64 -44.65 13.63
C PRO B 385 -26.36 -43.55 12.61
N VAL B 386 -27.43 -42.92 12.16
CA VAL B 386 -27.35 -41.82 11.21
C VAL B 386 -28.10 -40.62 11.80
N ALA B 387 -27.60 -39.43 11.49
CA ALA B 387 -28.24 -38.20 11.91
C ALA B 387 -29.19 -37.74 10.80
N VAL B 388 -30.48 -37.64 11.13
CA VAL B 388 -31.52 -37.29 10.19
C VAL B 388 -31.95 -35.86 10.49
N TRP B 389 -31.50 -34.92 9.66
CA TRP B 389 -31.76 -33.50 9.89
C TRP B 389 -33.02 -32.99 9.18
N SER B 390 -33.70 -33.84 8.41
CA SER B 390 -34.87 -33.39 7.66
C SER B 390 -35.73 -34.59 7.31
N ASN B 391 -36.97 -34.31 6.93
CA ASN B 391 -37.90 -35.38 6.55
C ASN B 391 -37.60 -35.89 5.15
N ASN B 392 -37.23 -35.01 4.23
CA ASN B 392 -36.98 -35.38 2.84
C ASN B 392 -35.47 -35.49 2.63
N ILE B 393 -34.92 -36.65 3.02
CA ILE B 393 -33.51 -36.94 2.86
C ILE B 393 -33.39 -38.16 1.96
N ARG B 394 -32.88 -37.94 0.75
CA ARG B 394 -32.70 -39.02 -0.21
C ARG B 394 -31.48 -39.85 0.14
N THR B 395 -31.61 -41.17 0.00
CA THR B 395 -30.52 -42.11 0.23
C THR B 395 -30.33 -42.96 -1.02
N VAL B 396 -29.11 -43.44 -1.23
CA VAL B 396 -28.77 -44.30 -2.35
C VAL B 396 -28.46 -45.69 -1.80
N ILE B 397 -29.09 -46.71 -2.38
CA ILE B 397 -29.00 -48.08 -1.91
C ILE B 397 -28.03 -48.86 -2.78
N SER B 398 -27.08 -49.54 -2.15
CA SER B 398 -26.09 -50.34 -2.87
C SER B 398 -26.08 -51.77 -2.33
N ARG B 399 -25.65 -52.69 -3.18
CA ARG B 399 -25.58 -54.11 -2.85
C ARG B 399 -24.32 -54.68 -3.48
N GLN B 400 -23.62 -55.53 -2.72
CA GLN B 400 -22.40 -56.15 -3.21
C GLN B 400 -22.74 -57.24 -4.23
N ILE B 401 -22.23 -57.10 -5.44
CA ILE B 401 -22.48 -58.04 -6.52
C ILE B 401 -21.14 -58.41 -7.14
N ALA B 402 -20.80 -59.70 -7.09
CA ALA B 402 -19.53 -60.22 -7.62
C ALA B 402 -18.34 -59.55 -6.95
N GLY B 403 -18.44 -59.31 -5.64
CA GLY B 403 -17.36 -58.75 -4.88
C GLY B 403 -17.25 -57.24 -4.90
N ARG B 404 -18.14 -56.55 -5.61
CA ARG B 404 -18.11 -55.09 -5.71
C ARG B 404 -19.45 -54.52 -5.28
N TRP B 405 -19.40 -53.48 -4.45
CA TRP B 405 -20.61 -52.76 -4.10
C TRP B 405 -21.12 -51.99 -5.31
N ARG B 406 -22.37 -52.24 -5.69
CA ARG B 406 -22.95 -51.62 -6.87
C ARG B 406 -24.26 -50.95 -6.52
N MET B 407 -24.50 -49.80 -7.15
CA MET B 407 -25.71 -49.03 -6.94
C MET B 407 -26.91 -49.73 -7.58
N ILE B 408 -27.93 -50.01 -6.78
CA ILE B 408 -29.12 -50.72 -7.28
C ILE B 408 -30.41 -49.94 -7.07
N GLY B 409 -30.43 -48.91 -6.23
CA GLY B 409 -31.67 -48.19 -6.03
C GLY B 409 -31.47 -46.96 -5.16
N TRP B 410 -32.60 -46.36 -4.79
CA TRP B 410 -32.59 -45.15 -3.98
C TRP B 410 -33.91 -45.08 -3.22
N GLY B 411 -33.96 -44.17 -2.24
CA GLY B 411 -35.15 -44.07 -1.42
C GLY B 411 -35.17 -42.77 -0.64
N LEU B 412 -36.20 -42.65 0.20
CA LEU B 412 -36.40 -41.49 1.06
C LEU B 412 -36.45 -41.96 2.51
N VAL B 413 -35.57 -41.42 3.33
CA VAL B 413 -35.55 -41.75 4.76
C VAL B 413 -36.73 -41.05 5.43
N GLU B 414 -37.64 -41.84 6.00
CA GLU B 414 -38.87 -41.33 6.60
C GLU B 414 -38.75 -41.35 8.12
N ILE B 415 -38.99 -40.20 8.74
CA ILE B 415 -38.97 -40.11 10.19
C ILE B 415 -40.37 -39.86 10.72
N ALA C 2 -14.20 -15.71 59.88
CA ALA C 2 -12.83 -15.56 60.36
C ALA C 2 -11.89 -16.51 59.63
N TRP C 3 -12.38 -17.13 58.56
CA TRP C 3 -11.51 -17.95 57.73
C TRP C 3 -10.81 -17.08 56.69
N PRO C 4 -9.51 -17.23 56.49
CA PRO C 4 -8.79 -16.36 55.56
C PRO C 4 -9.17 -16.67 54.12
N LYS C 5 -9.05 -15.64 53.27
CA LYS C 5 -9.27 -15.78 51.83
C LYS C 5 -7.91 -15.82 51.15
N VAL C 6 -7.42 -17.03 50.90
CA VAL C 6 -6.11 -17.23 50.30
C VAL C 6 -6.27 -18.03 49.02
N GLN C 7 -5.18 -18.14 48.27
CA GLN C 7 -5.19 -18.93 47.04
C GLN C 7 -5.13 -20.42 47.37
N PRO C 8 -5.60 -21.26 46.46
CA PRO C 8 -5.38 -22.71 46.62
C PRO C 8 -3.88 -23.00 46.63
N GLU C 9 -3.47 -23.88 47.55
CA GLU C 9 -2.07 -24.18 47.75
C GLU C 9 -1.66 -25.55 47.23
N VAL C 10 -2.60 -26.32 46.69
CA VAL C 10 -2.30 -27.65 46.17
C VAL C 10 -3.35 -28.00 45.13
N ASN C 11 -2.92 -28.74 44.10
CA ASN C 11 -3.81 -29.22 43.05
C ASN C 11 -3.94 -30.74 43.18
N ILE C 12 -5.17 -31.22 43.20
CA ILE C 12 -5.45 -32.65 43.32
C ILE C 12 -6.19 -33.09 42.06
N GLY C 13 -5.57 -33.97 41.29
CA GLY C 13 -6.22 -34.50 40.11
C GLY C 13 -7.23 -35.57 40.45
N VAL C 14 -8.24 -35.70 39.58
CA VAL C 14 -9.28 -36.72 39.73
C VAL C 14 -9.39 -37.44 38.40
N VAL C 15 -8.91 -38.67 38.34
CA VAL C 15 -8.83 -39.44 37.11
C VAL C 15 -9.57 -40.76 37.29
N GLY C 16 -9.70 -41.49 36.20
CA GLY C 16 -10.37 -42.78 36.23
C GLY C 16 -11.13 -43.03 34.94
N HIS C 17 -11.59 -44.28 34.80
CA HIS C 17 -12.31 -44.71 33.63
C HIS C 17 -13.59 -43.90 33.44
N VAL C 18 -14.15 -43.98 32.22
CA VAL C 18 -15.30 -43.16 31.87
C VAL C 18 -16.50 -43.54 32.73
N ASP C 19 -17.21 -42.52 33.22
CA ASP C 19 -18.46 -42.64 33.97
C ASP C 19 -18.30 -43.29 35.35
N HIS C 20 -17.09 -43.34 35.89
CA HIS C 20 -16.90 -43.88 37.23
C HIS C 20 -17.20 -42.87 38.32
N GLY C 21 -17.49 -41.61 37.98
CA GLY C 21 -17.97 -40.64 38.95
C GLY C 21 -16.97 -39.57 39.35
N LYS C 22 -16.07 -39.20 38.43
CA LYS C 22 -15.08 -38.16 38.74
C LYS C 22 -15.75 -36.83 39.02
N THR C 23 -16.66 -36.40 38.13
CA THR C 23 -17.30 -35.10 38.31
C THR C 23 -18.21 -35.09 39.52
N THR C 24 -18.89 -36.20 39.80
CA THR C 24 -19.75 -36.27 40.98
C THR C 24 -18.92 -36.26 42.25
N LEU C 25 -17.73 -36.88 42.23
CA LEU C 25 -16.87 -36.89 43.39
C LEU C 25 -16.39 -35.47 43.74
N VAL C 26 -15.99 -34.71 42.72
CA VAL C 26 -15.58 -33.32 42.97
C VAL C 26 -16.77 -32.51 43.50
N GLN C 27 -17.98 -32.82 43.03
CA GLN C 27 -19.16 -32.13 43.54
C GLN C 27 -19.39 -32.46 45.01
N ALA C 28 -19.22 -33.71 45.40
CA ALA C 28 -19.44 -34.10 46.79
C ALA C 28 -18.48 -33.40 47.73
N ILE C 29 -17.27 -33.09 47.26
CA ILE C 29 -16.26 -32.46 48.09
C ILE C 29 -16.43 -30.94 48.13
N THR C 30 -16.66 -30.32 46.98
CA THR C 30 -16.66 -28.87 46.86
C THR C 30 -18.06 -28.27 46.74
N GLY C 31 -19.08 -29.08 46.49
CA GLY C 31 -20.40 -28.55 46.21
C GLY C 31 -20.56 -27.94 44.85
N ILE C 32 -19.58 -28.12 43.96
CA ILE C 32 -19.57 -27.50 42.64
C ILE C 32 -19.56 -28.59 41.59
N TRP C 33 -20.49 -28.49 40.64
CA TRP C 33 -20.53 -29.39 39.48
C TRP C 33 -19.71 -28.74 38.37
N THR C 34 -18.58 -29.36 38.01
CA THR C 34 -17.68 -28.76 37.04
C THR C 34 -18.12 -28.98 35.61
N SER C 35 -18.77 -30.11 35.33
CA SER C 35 -19.12 -30.46 33.96
C SER C 35 -20.20 -29.51 33.43
N LYS C 36 -20.67 -29.79 32.21
CA LYS C 36 -21.70 -28.97 31.59
C LYS C 36 -22.95 -28.92 32.47
N HIS C 37 -23.55 -30.08 32.73
CA HIS C 37 -24.61 -30.20 33.74
C HIS C 37 -24.88 -31.67 33.98
N SER C 38 -25.49 -31.95 35.14
CA SER C 38 -25.80 -33.32 35.53
C SER C 38 -27.25 -33.70 35.21
N GLU C 39 -28.18 -32.78 35.42
CA GLU C 39 -29.60 -33.03 35.19
C GLU C 39 -30.03 -32.84 33.75
N GLU C 40 -29.43 -31.88 33.04
CA GLU C 40 -29.93 -31.45 31.74
C GLU C 40 -29.46 -32.35 30.59
N LEU C 41 -28.16 -32.38 30.32
CA LEU C 41 -27.63 -32.97 29.10
C LEU C 41 -27.00 -34.33 29.39
N ARG C 43 -26.72 -35.06 28.30
CA ARG C 43 -26.05 -36.35 28.41
C ARG C 43 -24.64 -36.18 28.96
N GLY C 44 -24.23 -37.11 29.81
CA GLY C 44 -22.94 -37.03 30.46
C GLY C 44 -21.77 -37.44 29.58
N MET C 45 -20.98 -36.44 29.14
CA MET C 45 -19.78 -36.70 28.36
C MET C 45 -18.90 -35.47 28.47
N THR C 46 -17.97 -35.48 29.44
CA THR C 46 -17.07 -34.36 29.63
C THR C 46 -15.96 -34.39 28.58
N ILE C 47 -15.59 -33.21 28.09
CA ILE C 47 -14.52 -33.06 27.11
C ILE C 47 -13.36 -32.26 27.66
N LYS C 48 -13.64 -31.22 28.44
CA LYS C 48 -12.61 -30.36 29.01
C LYS C 48 -12.23 -30.84 30.40
N LEU C 49 -11.12 -30.32 30.90
CA LEU C 49 -10.81 -30.47 32.32
C LEU C 49 -11.86 -29.75 33.15
N GLY C 50 -12.08 -30.27 34.36
CA GLY C 50 -12.94 -29.64 35.34
C GLY C 50 -12.11 -29.08 36.48
N TYR C 51 -12.54 -27.96 37.04
CA TYR C 51 -11.79 -27.28 38.08
C TYR C 51 -12.74 -26.77 39.17
N ALA C 52 -12.40 -27.08 40.42
CA ALA C 52 -13.21 -26.62 41.55
C ALA C 52 -12.33 -26.49 42.79
N GLU C 53 -12.60 -25.47 43.60
CA GLU C 53 -11.84 -25.18 44.81
C GLU C 53 -12.72 -25.36 46.04
N THR C 54 -12.09 -25.64 47.17
CA THR C 54 -12.77 -25.67 48.45
C THR C 54 -11.77 -25.43 49.57
N ASN C 55 -12.25 -24.80 50.63
CA ASN C 55 -11.49 -24.71 51.87
C ASN C 55 -11.65 -26.01 52.67
N ILE C 56 -10.66 -26.30 53.51
CA ILE C 56 -10.68 -27.50 54.33
C ILE C 56 -10.23 -27.13 55.73
N GLY C 57 -11.03 -27.55 56.73
CA GLY C 57 -10.70 -27.34 58.12
C GLY C 57 -11.01 -28.58 58.92
N VAL C 58 -10.81 -28.47 60.24
CA VAL C 58 -11.08 -29.56 61.17
C VAL C 58 -11.61 -28.97 62.47
N CYS C 59 -12.69 -29.57 62.98
CA CYS C 59 -13.24 -29.17 64.27
C CYS C 59 -12.48 -29.90 65.37
N GLU C 60 -11.61 -29.16 66.08
CA GLU C 60 -10.78 -29.77 67.10
C GLU C 60 -11.60 -30.29 68.28
N SER C 61 -12.86 -29.88 68.40
CA SER C 61 -13.71 -30.42 69.45
C SER C 61 -14.28 -31.78 69.07
N CYS C 62 -14.72 -31.93 67.82
CA CYS C 62 -15.34 -33.17 67.36
C CYS C 62 -14.28 -34.25 67.14
N LYS C 63 -14.73 -35.43 66.75
CA LYS C 63 -13.86 -36.57 66.50
C LYS C 63 -13.76 -36.85 65.01
N LYS C 64 -12.58 -37.34 64.60
CA LYS C 64 -12.35 -37.66 63.20
C LYS C 64 -13.09 -38.95 62.83
N PRO C 65 -13.45 -39.13 61.55
CA PRO C 65 -13.24 -38.21 60.42
C PRO C 65 -14.32 -37.14 60.28
N GLU C 66 -15.35 -37.20 61.12
CA GLU C 66 -16.42 -36.22 61.05
C GLU C 66 -15.95 -34.82 61.41
N ALA C 67 -14.79 -34.70 62.06
CA ALA C 67 -14.29 -33.39 62.46
C ALA C 67 -13.83 -32.57 61.25
N TYR C 68 -13.41 -33.23 60.18
CA TYR C 68 -12.99 -32.51 58.98
C TYR C 68 -14.20 -31.94 58.25
N VAL C 69 -14.13 -30.66 57.92
CA VAL C 69 -15.22 -29.94 57.27
C VAL C 69 -14.69 -29.18 56.06
N THR C 70 -15.61 -28.79 55.19
CA THR C 70 -15.29 -27.98 54.02
C THR C 70 -15.94 -26.60 54.08
N GLU C 71 -16.51 -26.23 55.22
CA GLU C 71 -17.12 -24.93 55.41
C GLU C 71 -16.88 -24.49 56.85
N PRO C 72 -16.89 -23.19 57.12
CA PRO C 72 -16.59 -22.72 58.48
C PRO C 72 -17.74 -22.96 59.45
N SER C 73 -17.93 -24.21 59.88
CA SER C 73 -18.99 -24.54 60.82
C SER C 73 -18.68 -25.89 61.47
N CYS C 74 -19.00 -25.99 62.76
CA CYS C 74 -18.90 -27.24 63.49
C CYS C 74 -20.25 -27.69 64.06
N LYS C 75 -21.34 -27.03 63.67
CA LYS C 75 -22.66 -27.41 64.14
C LYS C 75 -23.10 -28.78 63.65
N SER C 76 -22.43 -29.34 62.64
CA SER C 76 -22.80 -30.66 62.14
C SER C 76 -22.45 -31.76 63.12
N CYS C 77 -21.52 -31.51 64.04
CA CYS C 77 -21.10 -32.52 65.01
C CYS C 77 -21.16 -31.98 66.44
N GLY C 78 -22.07 -31.05 66.70
CA GLY C 78 -22.31 -30.57 68.04
C GLY C 78 -21.23 -29.64 68.58
N SER C 79 -21.05 -28.49 67.96
CA SER C 79 -20.09 -27.50 68.43
C SER C 79 -20.41 -26.16 67.79
N ASP C 80 -20.14 -25.09 68.53
CA ASP C 80 -20.35 -23.73 68.04
C ASP C 80 -19.05 -22.99 67.78
N ASP C 81 -17.91 -23.50 68.25
CA ASP C 81 -16.63 -22.87 67.96
C ASP C 81 -16.29 -23.04 66.49
N GLU C 82 -15.71 -22.00 65.90
CA GLU C 82 -15.34 -22.04 64.49
C GLU C 82 -14.25 -23.09 64.27
N PRO C 83 -14.37 -23.89 63.22
CA PRO C 83 -13.33 -24.88 62.94
C PRO C 83 -12.00 -24.23 62.60
N LYS C 84 -10.93 -25.01 62.78
CA LYS C 84 -9.58 -24.53 62.48
C LYS C 84 -9.32 -24.64 60.98
N PHE C 85 -9.09 -23.51 60.33
CA PHE C 85 -8.76 -23.50 58.91
C PHE C 85 -7.41 -24.17 58.69
N LEU C 86 -7.36 -25.13 57.78
CA LEU C 86 -6.12 -25.84 57.45
C LEU C 86 -5.51 -25.32 56.15
N ARG C 87 -6.21 -25.46 55.03
CA ARG C 87 -5.69 -25.02 53.74
C ARG C 87 -6.83 -24.96 52.75
N ARG C 88 -6.56 -24.33 51.60
CA ARG C 88 -7.48 -24.29 50.48
C ARG C 88 -6.91 -25.15 49.37
N ILE C 89 -7.74 -26.02 48.80
CA ILE C 89 -7.30 -26.96 47.79
C ILE C 89 -8.12 -26.77 46.52
N SER C 90 -7.62 -27.32 45.43
CA SER C 90 -8.29 -27.29 44.14
C SER C 90 -8.25 -28.67 43.52
N PHE C 91 -9.25 -28.96 42.68
CA PHE C 91 -9.38 -30.25 42.03
C PHE C 91 -9.38 -30.06 40.51
N ILE C 92 -8.66 -30.94 39.83
CA ILE C 92 -8.57 -30.96 38.38
C ILE C 92 -9.05 -32.34 37.94
N ASP C 93 -10.30 -32.43 37.51
CA ASP C 93 -10.84 -33.70 37.04
C ASP C 93 -10.67 -33.80 35.53
N ALA C 94 -10.15 -34.91 35.08
CA ALA C 94 -9.85 -35.20 33.68
C ALA C 94 -10.94 -36.04 33.06
N PRO C 95 -11.22 -35.86 31.77
CA PRO C 95 -12.20 -36.72 31.10
C PRO C 95 -11.72 -38.16 31.08
N GLY C 96 -12.67 -39.09 31.07
CA GLY C 96 -12.31 -40.50 31.14
C GLY C 96 -12.22 -41.19 29.80
N HIS C 97 -12.79 -40.60 28.76
CA HIS C 97 -12.84 -41.25 27.45
C HIS C 97 -11.43 -41.53 26.93
N GLU C 98 -11.30 -42.63 26.19
CA GLU C 98 -9.98 -43.08 25.77
C GLU C 98 -9.33 -42.14 24.76
N VAL C 99 -10.12 -41.48 23.91
CA VAL C 99 -9.56 -40.59 22.91
C VAL C 99 -9.11 -39.25 23.50
N LEU C 100 -9.32 -39.03 24.79
CA LEU C 100 -8.97 -37.78 25.44
C LEU C 100 -7.77 -37.91 26.36
N MET C 101 -6.91 -38.92 26.13
CA MET C 101 -5.73 -39.10 26.96
C MET C 101 -4.81 -37.87 26.93
N ALA C 102 -4.73 -37.19 25.79
CA ALA C 102 -3.90 -36.00 25.71
C ALA C 102 -4.40 -34.91 26.65
N THR C 103 -5.72 -34.81 26.84
CA THR C 103 -6.26 -33.86 27.80
C THR C 103 -5.90 -34.26 29.23
N MET C 104 -6.00 -35.55 29.55
CA MET C 104 -5.62 -36.00 30.88
C MET C 104 -4.14 -35.75 31.14
N LEU C 105 -3.29 -36.10 30.18
CA LEU C 105 -1.85 -35.85 30.32
C LEU C 105 -1.58 -34.36 30.53
N SER C 106 -2.29 -33.50 29.79
CA SER C 106 -2.15 -32.05 29.99
C SER C 106 -2.54 -31.66 31.40
N GLY C 107 -3.68 -32.15 31.89
CA GLY C 107 -4.06 -31.87 33.26
C GLY C 107 -3.09 -32.44 34.27
N ALA C 108 -2.46 -33.57 33.94
CA ALA C 108 -1.57 -34.23 34.90
C ALA C 108 -0.35 -33.39 35.22
N ALA C 109 0.09 -32.53 34.29
CA ALA C 109 1.23 -31.67 34.54
C ALA C 109 0.96 -30.64 35.62
N LEU C 110 -0.30 -30.44 36.02
CA LEU C 110 -0.65 -29.47 37.05
C LEU C 110 -0.93 -30.10 38.41
N MET C 111 -0.94 -31.42 38.51
CA MET C 111 -1.40 -32.10 39.72
C MET C 111 -0.28 -32.24 40.73
N ASP C 112 -0.54 -31.84 41.98
CA ASP C 112 0.36 -32.15 43.08
C ASP C 112 0.06 -33.50 43.69
N GLY C 113 -1.20 -33.94 43.61
CA GLY C 113 -1.60 -35.29 43.97
C GLY C 113 -2.68 -35.77 43.03
N ALA C 114 -3.24 -36.93 43.35
CA ALA C 114 -4.22 -37.52 42.46
C ALA C 114 -5.18 -38.40 43.26
N ILE C 115 -6.38 -38.56 42.69
CA ILE C 115 -7.39 -39.49 43.18
C ILE C 115 -7.84 -40.33 41.99
N LEU C 116 -7.58 -41.63 42.04
CA LEU C 116 -8.03 -42.56 41.02
C LEU C 116 -9.40 -43.10 41.41
N VAL C 117 -10.44 -42.69 40.67
CA VAL C 117 -11.80 -43.13 40.96
C VAL C 117 -12.03 -44.48 40.29
N VAL C 118 -12.51 -45.45 41.07
CA VAL C 118 -12.80 -46.79 40.58
C VAL C 118 -14.24 -47.12 40.96
N ALA C 119 -15.05 -47.45 39.96
CA ALA C 119 -16.46 -47.78 40.19
C ALA C 119 -16.58 -49.18 40.78
N ALA C 120 -17.30 -49.29 41.89
CA ALA C 120 -17.42 -50.58 42.57
C ALA C 120 -18.30 -51.56 41.79
N ASN C 121 -19.16 -51.08 40.89
CA ASN C 121 -20.10 -51.92 40.17
C ASN C 121 -19.60 -52.32 38.78
N GLU C 122 -18.29 -52.22 38.54
CA GLU C 122 -17.72 -52.60 37.26
C GLU C 122 -16.47 -53.43 37.50
N PRO C 123 -16.14 -54.34 36.58
CA PRO C 123 -14.93 -55.17 36.76
C PRO C 123 -13.67 -54.32 36.70
N PHE C 124 -12.76 -54.58 37.63
CA PHE C 124 -11.46 -53.96 37.80
C PHE C 124 -10.35 -54.82 37.23
N PRO C 125 -9.37 -54.25 36.52
CA PRO C 125 -9.31 -52.83 36.16
C PRO C 125 -9.79 -52.52 34.74
N GLN C 126 -10.62 -51.49 34.61
CA GLN C 126 -11.06 -51.05 33.29
C GLN C 126 -9.89 -50.44 32.53
N PRO C 127 -10.00 -50.35 31.20
CA PRO C 127 -8.87 -49.84 30.39
C PRO C 127 -8.30 -48.50 30.87
N GLN C 128 -9.13 -47.49 31.05
CA GLN C 128 -8.62 -46.19 31.48
C GLN C 128 -8.34 -46.12 32.97
N THR C 129 -8.87 -47.06 33.75
CA THR C 129 -8.41 -47.20 35.13
C THR C 129 -6.92 -47.49 35.16
N ARG C 130 -6.47 -48.42 34.32
CA ARG C 130 -5.05 -48.76 34.28
C ARG C 130 -4.25 -47.72 33.52
N GLU C 131 -4.78 -47.22 32.39
CA GLU C 131 -4.03 -46.27 31.59
C GLU C 131 -3.80 -44.97 32.35
N HIS C 132 -4.81 -44.48 33.08
CA HIS C 132 -4.61 -43.30 33.91
C HIS C 132 -3.65 -43.59 35.05
N PHE C 133 -3.70 -44.80 35.60
CA PHE C 133 -2.76 -45.18 36.66
C PHE C 133 -1.33 -45.19 36.14
N VAL C 134 -1.11 -45.74 34.95
CA VAL C 134 0.23 -45.76 34.36
C VAL C 134 0.71 -44.34 34.09
N ALA C 135 -0.20 -43.47 33.63
CA ALA C 135 0.18 -42.09 33.34
C ALA C 135 0.58 -41.35 34.60
N LEU C 136 -0.10 -41.62 35.73
CA LEU C 136 0.25 -40.96 36.98
C LEU C 136 1.67 -41.34 37.41
N GLY C 137 2.00 -42.63 37.35
CA GLY C 137 3.31 -43.06 37.78
C GLY C 137 4.41 -42.59 36.85
N ILE C 138 4.14 -42.56 35.54
CA ILE C 138 5.13 -42.10 34.57
C ILE C 138 5.44 -40.62 34.78
N ILE C 139 4.41 -39.80 34.96
CA ILE C 139 4.61 -38.37 35.12
C ILE C 139 5.15 -38.05 36.52
N GLY C 140 4.88 -38.91 37.48
CA GLY C 140 5.39 -38.75 38.83
C GLY C 140 4.39 -38.27 39.87
N VAL C 141 3.10 -38.42 39.63
CA VAL C 141 2.08 -37.98 40.60
C VAL C 141 1.74 -39.21 41.42
N LYS C 142 2.60 -39.48 42.41
CA LYS C 142 2.51 -40.72 43.18
C LYS C 142 1.85 -40.54 44.55
N ASN C 143 1.56 -39.31 44.97
CA ASN C 143 0.75 -39.08 46.16
C ASN C 143 -0.70 -39.38 45.79
N LEU C 144 -1.01 -40.67 45.74
CA LEU C 144 -2.26 -41.17 45.17
C LEU C 144 -3.19 -41.70 46.25
N ILE C 145 -4.48 -41.43 46.07
CA ILE C 145 -5.54 -42.06 46.86
C ILE C 145 -6.47 -42.75 45.88
N ILE C 146 -6.68 -44.05 46.07
CA ILE C 146 -7.64 -44.79 45.27
C ILE C 146 -8.99 -44.71 45.97
N VAL C 147 -9.99 -44.20 45.27
CA VAL C 147 -11.34 -44.05 45.81
C VAL C 147 -12.23 -45.09 45.14
N GLN C 148 -12.88 -45.92 45.94
CA GLN C 148 -13.84 -46.91 45.45
C GLN C 148 -15.21 -46.24 45.46
N ASN C 149 -15.65 -45.78 44.29
CA ASN C 149 -16.90 -45.05 44.17
C ASN C 149 -18.07 -46.00 43.94
N LYS C 150 -19.28 -45.48 44.15
CA LYS C 150 -20.52 -46.20 43.87
C LYS C 150 -20.68 -47.44 44.74
N VAL C 151 -20.25 -47.35 46.01
CA VAL C 151 -20.43 -48.47 46.91
C VAL C 151 -21.89 -48.65 47.30
N ASP C 152 -22.70 -47.60 47.17
CA ASP C 152 -24.13 -47.71 47.39
C ASP C 152 -24.82 -48.62 46.38
N VAL C 153 -24.13 -48.99 45.30
CA VAL C 153 -24.75 -49.81 44.27
C VAL C 153 -24.63 -51.30 44.60
N VAL C 154 -23.58 -51.69 45.32
CA VAL C 154 -23.27 -53.10 45.54
C VAL C 154 -23.25 -53.37 47.04
N SER C 155 -23.17 -54.66 47.37
CA SER C 155 -23.15 -55.10 48.75
C SER C 155 -21.77 -54.87 49.37
N LYS C 156 -21.69 -55.10 50.69
CA LYS C 156 -20.43 -54.92 51.40
C LYS C 156 -19.41 -55.97 50.97
N GLU C 157 -19.86 -57.21 50.73
CA GLU C 157 -18.94 -58.28 50.37
C GLU C 157 -18.38 -58.07 48.96
N GLU C 158 -19.19 -57.55 48.05
CA GLU C 158 -18.72 -57.32 46.69
C GLU C 158 -17.67 -56.21 46.64
N ALA C 159 -17.90 -55.13 47.38
CA ALA C 159 -16.91 -54.06 47.45
C ALA C 159 -15.64 -54.54 48.11
N LEU C 160 -15.75 -55.39 49.13
CA LEU C 160 -14.57 -55.96 49.76
C LEU C 160 -13.84 -56.91 48.82
N SER C 161 -14.57 -57.57 47.93
CA SER C 161 -13.94 -58.44 46.95
C SER C 161 -13.12 -57.64 45.95
N GLN C 162 -13.65 -56.49 45.50
CA GLN C 162 -12.88 -55.63 44.62
C GLN C 162 -11.74 -54.95 45.36
N TYR C 163 -11.96 -54.60 46.63
CA TYR C 163 -10.91 -54.00 47.46
C TYR C 163 -9.66 -54.88 47.46
N ARG C 164 -9.82 -56.16 47.81
CA ARG C 164 -8.68 -57.06 47.80
C ARG C 164 -8.08 -57.18 46.40
N GLN C 165 -8.92 -57.18 45.37
CA GLN C 165 -8.43 -57.27 43.99
C GLN C 165 -7.60 -56.05 43.62
N ILE C 166 -8.00 -54.85 44.08
CA ILE C 166 -7.19 -53.66 43.84
C ILE C 166 -5.86 -53.77 44.58
N LYS C 167 -5.86 -54.40 45.76
CA LYS C 167 -4.62 -54.56 46.52
C LYS C 167 -3.64 -55.47 45.79
N GLN C 168 -4.13 -56.52 45.12
CA GLN C 168 -3.25 -57.36 44.33
C GLN C 168 -2.66 -56.59 43.15
N PHE C 169 -3.41 -55.62 42.61
CA PHE C 169 -2.92 -54.83 41.48
C PHE C 169 -1.76 -53.95 41.90
N THR C 170 -1.95 -53.16 42.96
CA THR C 170 -0.91 -52.25 43.45
C THR C 170 0.22 -52.97 44.18
N LYS C 171 0.03 -54.23 44.56
CA LYS C 171 1.09 -54.96 45.24
C LYS C 171 2.27 -55.17 44.29
N GLY C 172 3.46 -54.78 44.75
CA GLY C 172 4.65 -54.85 43.93
C GLY C 172 4.91 -53.64 43.08
N THR C 173 4.18 -52.56 43.27
CA THR C 173 4.35 -51.32 42.53
C THR C 173 4.64 -50.18 43.49
N TRP C 174 4.84 -48.99 42.93
CA TRP C 174 5.05 -47.80 43.74
C TRP C 174 3.81 -47.45 44.57
N ALA C 175 2.65 -47.97 44.20
CA ALA C 175 1.39 -47.64 44.86
C ALA C 175 0.93 -48.74 45.81
N GLU C 176 1.85 -49.56 46.32
CA GLU C 176 1.46 -50.68 47.17
C GLU C 176 0.81 -50.20 48.47
N ASN C 177 1.33 -49.12 49.05
CA ASN C 177 0.80 -48.57 50.29
C ASN C 177 -0.26 -47.50 50.07
N VAL C 178 -0.79 -47.40 48.85
CA VAL C 178 -1.79 -46.36 48.56
C VAL C 178 -3.12 -46.76 49.19
N PRO C 179 -3.78 -45.86 49.90
CA PRO C 179 -5.06 -46.22 50.54
C PRO C 179 -6.17 -46.40 49.53
N ILE C 180 -7.20 -47.12 49.97
CA ILE C 180 -8.41 -47.36 49.17
C ILE C 180 -9.60 -46.96 50.03
N ILE C 181 -10.23 -45.85 49.68
CA ILE C 181 -11.32 -45.28 50.47
C ILE C 181 -12.62 -45.49 49.71
N PRO C 182 -13.55 -46.29 50.23
CA PRO C 182 -14.85 -46.48 49.55
C PRO C 182 -15.82 -45.36 49.94
N VAL C 183 -16.45 -44.76 48.93
CA VAL C 183 -17.39 -43.65 49.13
C VAL C 183 -18.57 -43.83 48.19
N SER C 184 -19.57 -42.98 48.37
CA SER C 184 -20.65 -42.78 47.41
C SER C 184 -20.68 -41.30 47.06
N ALA C 185 -20.26 -40.96 45.85
CA ALA C 185 -20.21 -39.56 45.44
C ALA C 185 -21.62 -39.01 45.22
N LEU C 186 -22.50 -39.81 44.62
CA LEU C 186 -23.82 -39.31 44.26
C LEU C 186 -24.64 -38.94 45.50
N HIS C 187 -24.58 -39.76 46.54
CA HIS C 187 -25.36 -39.53 47.74
C HIS C 187 -24.52 -39.00 48.90
N LYS C 188 -23.25 -38.68 48.65
CA LYS C 188 -22.34 -38.15 49.66
C LYS C 188 -22.30 -39.04 50.90
N ILE C 189 -21.62 -40.19 50.79
CA ILE C 189 -21.49 -41.14 51.87
C ILE C 189 -20.01 -41.40 52.11
N ASN C 190 -19.56 -41.18 53.35
CA ASN C 190 -18.18 -41.39 53.77
C ASN C 190 -17.22 -40.43 53.06
N ILE C 191 -17.70 -39.22 52.75
CA ILE C 191 -16.82 -38.18 52.23
C ILE C 191 -15.87 -37.68 53.32
N ASP C 192 -16.26 -37.83 54.59
CA ASP C 192 -15.41 -37.41 55.69
C ASP C 192 -14.08 -38.16 55.69
N SER C 193 -14.12 -39.47 55.41
CA SER C 193 -12.89 -40.25 55.38
C SER C 193 -11.99 -39.84 54.22
N LEU C 194 -12.59 -39.37 53.11
CA LEU C 194 -11.79 -38.93 51.98
C LEU C 194 -11.09 -37.62 52.29
N ILE C 195 -11.78 -36.69 52.96
CA ILE C 195 -11.14 -35.45 53.37
C ILE C 195 -9.99 -35.73 54.33
N GLU C 196 -10.19 -36.69 55.24
CA GLU C 196 -9.12 -37.08 56.15
C GLU C 196 -7.96 -37.72 55.40
N GLY C 197 -8.25 -38.57 54.41
CA GLY C 197 -7.19 -39.18 53.63
C GLY C 197 -6.45 -38.17 52.77
N ILE C 198 -7.17 -37.17 52.25
CA ILE C 198 -6.52 -36.12 51.46
C ILE C 198 -5.52 -35.36 52.31
N GLU C 199 -5.92 -34.98 53.53
CA GLU C 199 -5.02 -34.30 54.44
C GLU C 199 -3.89 -35.19 54.94
N GLU C 200 -3.99 -36.50 54.75
CA GLU C 200 -3.04 -37.47 55.29
C GLU C 200 -2.07 -38.01 54.24
N TYR C 201 -2.53 -38.20 53.01
CA TYR C 201 -1.71 -38.78 51.95
C TYR C 201 -1.37 -37.79 50.83
N ILE C 202 -2.01 -36.62 50.80
CA ILE C 202 -1.72 -35.63 49.77
C ILE C 202 -1.37 -34.31 50.45
N LYS C 203 -0.19 -34.25 51.07
CA LYS C 203 0.27 -33.04 51.71
C LYS C 203 0.62 -31.99 50.66
N THR C 204 0.60 -30.74 51.07
CA THR C 204 1.04 -29.65 50.20
C THR C 204 2.54 -29.78 49.96
N PRO C 205 2.99 -29.91 48.72
CA PRO C 205 4.42 -30.07 48.46
C PRO C 205 5.21 -28.84 48.85
N TYR C 206 6.50 -29.05 49.11
CA TYR C 206 7.40 -27.95 49.41
C TYR C 206 7.62 -27.10 48.17
N ARG C 207 7.46 -25.79 48.32
CA ARG C 207 7.60 -24.85 47.21
C ARG C 207 8.86 -24.02 47.44
N ASP C 208 9.83 -24.13 46.52
CA ASP C 208 11.03 -23.31 46.54
C ASP C 208 10.71 -21.99 45.85
N LEU C 209 10.38 -20.97 46.65
CA LEU C 209 9.95 -19.68 46.11
C LEU C 209 11.08 -18.89 45.48
N SER C 210 12.31 -19.40 45.50
CA SER C 210 13.44 -18.75 44.83
C SER C 210 13.69 -19.31 43.44
N GLN C 211 12.96 -20.35 43.05
CA GLN C 211 13.12 -20.93 41.71
C GLN C 211 12.54 -19.99 40.65
N LYS C 212 12.94 -20.24 39.41
CA LYS C 212 12.49 -19.47 38.27
C LYS C 212 10.97 -19.54 38.15
N PRO C 213 10.26 -18.42 38.23
CA PRO C 213 8.80 -18.47 38.13
C PRO C 213 8.36 -18.93 36.75
N VAL C 214 7.51 -19.96 36.73
CA VAL C 214 7.01 -20.55 35.49
C VAL C 214 5.53 -20.86 35.66
N MET C 215 4.72 -20.48 34.69
CA MET C 215 3.30 -20.77 34.69
C MET C 215 2.94 -21.52 33.42
N LEU C 216 2.23 -22.64 33.57
CA LEU C 216 1.70 -23.37 32.43
C LEU C 216 0.35 -22.77 32.07
N VAL C 217 0.24 -22.26 30.85
CA VAL C 217 -0.97 -21.55 30.45
C VAL C 217 -2.11 -22.55 30.20
N ILE C 218 -3.29 -22.22 30.71
CA ILE C 218 -4.51 -22.99 30.46
C ILE C 218 -5.52 -22.05 29.81
N ARG C 219 -6.05 -22.46 28.67
CA ARG C 219 -7.02 -21.63 27.98
C ARG C 219 -8.39 -21.74 28.61
N SER C 220 -9.14 -20.64 28.58
CA SER C 220 -10.52 -20.66 29.08
C SER C 220 -11.33 -21.74 28.40
N ALA C 221 -11.16 -21.91 27.09
CA ALA C 221 -11.91 -22.91 26.35
C ALA C 221 -11.49 -24.34 26.68
N ASP C 222 -10.44 -24.54 27.47
CA ASP C 222 -9.96 -25.87 27.79
C ASP C 222 -10.30 -26.33 29.21
N VAL C 223 -11.02 -25.53 29.98
CA VAL C 223 -11.34 -25.91 31.36
C VAL C 223 -12.70 -25.33 31.73
N ASN C 224 -13.52 -26.16 32.37
CA ASN C 224 -14.78 -25.71 32.96
C ASN C 224 -14.51 -25.36 34.43
N ALA C 225 -14.48 -24.07 34.73
CA ALA C 225 -14.22 -23.58 36.08
C ALA C 225 -15.35 -22.63 36.45
N PRO C 226 -16.48 -23.16 36.90
CA PRO C 226 -17.69 -22.33 37.03
C PRO C 226 -17.60 -21.26 38.11
N GLY C 227 -16.81 -21.46 39.16
CA GLY C 227 -16.89 -20.57 40.29
C GLY C 227 -15.86 -19.46 40.35
N THR C 228 -14.83 -19.53 39.49
CA THR C 228 -13.70 -18.61 39.57
C THR C 228 -13.64 -17.65 38.38
N GLN C 229 -14.77 -17.41 37.72
CA GLN C 229 -14.87 -16.57 36.52
C GLN C 229 -13.69 -16.75 35.57
N PHE C 230 -13.11 -17.97 35.56
CA PHE C 230 -12.02 -18.25 34.65
C PHE C 230 -12.51 -18.35 33.21
N ASN C 231 -13.78 -18.67 33.01
CA ASN C 231 -14.40 -18.68 31.69
C ASN C 231 -15.01 -17.33 31.34
N GLU C 232 -14.73 -16.29 32.13
CA GLU C 232 -15.21 -14.93 31.91
C GLU C 232 -14.07 -13.94 32.11
N LEU C 233 -12.93 -14.22 31.49
CA LEU C 233 -11.74 -13.40 31.68
C LEU C 233 -11.84 -12.08 30.93
N LYS C 234 -11.22 -11.05 31.50
CA LYS C 234 -11.08 -9.76 30.82
C LYS C 234 -10.23 -9.93 29.56
N GLY C 235 -10.21 -8.88 28.74
CA GLY C 235 -9.54 -8.89 27.46
C GLY C 235 -8.13 -9.44 27.45
N GLY C 236 -7.21 -8.78 28.18
CA GLY C 236 -5.82 -9.19 28.17
C GLY C 236 -5.40 -10.02 29.36
N VAL C 237 -6.28 -10.90 29.82
CA VAL C 237 -6.02 -11.76 30.97
C VAL C 237 -5.63 -13.14 30.47
N ILE C 238 -4.51 -13.66 30.98
CA ILE C 238 -4.02 -14.99 30.64
C ILE C 238 -4.12 -15.86 31.88
N GLY C 239 -4.68 -17.07 31.70
CA GLY C 239 -4.85 -17.97 32.82
C GLY C 239 -3.93 -19.17 32.79
N GLY C 240 -3.77 -19.83 33.93
CA GLY C 240 -2.94 -21.01 33.99
C GLY C 240 -2.66 -21.39 35.44
N SER C 241 -1.68 -22.27 35.60
CA SER C 241 -1.30 -22.76 36.92
C SER C 241 0.21 -22.63 37.07
N ILE C 242 0.63 -21.96 38.15
CA ILE C 242 2.05 -21.80 38.42
C ILE C 242 2.61 -23.12 38.93
N ILE C 243 3.70 -23.58 38.31
CA ILE C 243 4.33 -24.83 38.71
C ILE C 243 5.58 -24.63 39.54
N GLN C 244 6.14 -23.42 39.56
CA GLN C 244 7.29 -23.11 40.41
C GLN C 244 7.46 -21.60 40.45
N GLY C 245 8.07 -21.11 41.52
CA GLY C 245 8.38 -19.72 41.65
C GLY C 245 7.22 -18.88 42.14
N LEU C 246 7.39 -17.57 42.02
CA LEU C 246 6.46 -16.59 42.55
C LEU C 246 6.32 -15.45 41.56
N PHE C 247 5.09 -15.16 41.13
CA PHE C 247 4.79 -14.01 40.31
C PHE C 247 4.17 -12.90 41.16
N LYS C 248 4.49 -11.65 40.84
CA LYS C 248 3.95 -10.51 41.56
C LYS C 248 3.43 -9.48 40.57
N VAL C 249 2.52 -8.63 41.06
CA VAL C 249 2.05 -7.50 40.27
C VAL C 249 3.21 -6.58 39.94
N ASP C 250 3.21 -6.04 38.72
CA ASP C 250 4.18 -5.12 38.13
C ASP C 250 5.44 -5.83 37.62
N GLN C 251 5.53 -7.14 37.72
CA GLN C 251 6.69 -7.83 37.15
C GLN C 251 6.60 -7.88 35.63
N GLU C 252 7.78 -7.82 35.00
CA GLU C 252 7.91 -7.97 33.56
C GLU C 252 7.91 -9.45 33.20
N ILE C 253 7.05 -9.85 32.28
CA ILE C 253 6.88 -11.26 31.93
C ILE C 253 6.94 -11.39 30.41
N LYS C 254 7.07 -12.64 29.96
CA LYS C 254 6.99 -12.95 28.54
C LYS C 254 6.18 -14.22 28.34
N VAL C 255 5.47 -14.27 27.22
CA VAL C 255 4.63 -15.39 26.84
C VAL C 255 5.35 -16.16 25.73
N LEU C 256 5.57 -17.45 25.96
CA LEU C 256 6.38 -18.27 25.08
C LEU C 256 5.63 -19.51 24.64
N PRO C 257 5.89 -20.02 23.41
CA PRO C 257 6.76 -19.46 22.37
C PRO C 257 6.32 -18.11 21.83
N GLY C 258 5.01 -17.83 21.91
CA GLY C 258 4.52 -16.52 21.51
C GLY C 258 3.69 -16.49 20.25
N LEU C 259 3.81 -15.42 19.49
CA LEU C 259 2.93 -15.15 18.37
C LEU C 259 3.48 -15.78 17.09
N ARG C 260 2.64 -16.55 16.39
CA ARG C 260 3.03 -17.13 15.12
C ARG C 260 3.10 -16.05 14.05
N VAL C 261 4.22 -16.00 13.34
CA VAL C 261 4.47 -14.97 12.34
C VAL C 261 5.03 -15.64 11.09
N GLU C 262 4.52 -15.23 9.92
CA GLU C 262 5.00 -15.69 8.63
C GLU C 262 5.76 -14.55 7.96
N LYS C 263 7.09 -14.64 7.99
CA LYS C 263 7.96 -13.68 7.32
C LYS C 263 8.50 -14.32 6.05
N GLN C 264 8.13 -13.74 4.90
CA GLN C 264 8.56 -14.23 3.59
C GLN C 264 8.14 -15.68 3.36
N GLY C 265 7.01 -16.08 3.93
CA GLY C 265 6.52 -17.43 3.82
C GLY C 265 7.10 -18.42 4.80
N LYS C 266 8.00 -17.98 5.69
CA LYS C 266 8.64 -18.86 6.66
C LYS C 266 8.06 -18.59 8.04
N VAL C 267 7.56 -19.65 8.69
CA VAL C 267 6.91 -19.53 9.97
C VAL C 267 7.95 -19.37 11.08
N SER C 268 7.68 -18.46 12.01
CA SER C 268 8.47 -18.30 13.22
C SER C 268 7.55 -17.86 14.34
N TYR C 269 8.08 -17.86 15.56
CA TYR C 269 7.33 -17.42 16.73
C TYR C 269 8.13 -16.36 17.46
N GLU C 270 7.48 -15.24 17.75
CA GLU C 270 8.14 -14.14 18.45
C GLU C 270 7.65 -14.08 19.88
N PRO C 271 8.54 -13.96 20.85
CA PRO C 271 8.11 -13.83 22.25
C PRO C 271 7.31 -12.56 22.46
N ILE C 272 6.28 -12.64 23.29
CA ILE C 272 5.41 -11.51 23.61
C ILE C 272 5.76 -11.05 25.03
N PHE C 273 6.15 -9.79 25.15
CA PHE C 273 6.51 -9.20 26.43
C PHE C 273 5.37 -8.32 26.94
N THR C 274 5.15 -8.35 28.25
CA THR C 274 4.16 -7.49 28.86
C THR C 274 4.48 -7.35 30.35
N LYS C 275 3.53 -6.79 31.10
CA LYS C 275 3.69 -6.49 32.51
C LYS C 275 2.45 -6.95 33.25
N ILE C 276 2.62 -7.47 34.46
CA ILE C 276 1.50 -7.99 35.24
C ILE C 276 0.77 -6.82 35.87
N SER C 277 -0.50 -6.64 35.50
CA SER C 277 -1.33 -5.58 36.07
C SER C 277 -2.22 -6.07 37.20
N SER C 278 -2.59 -7.34 37.22
CA SER C 278 -3.43 -7.86 38.28
C SER C 278 -3.23 -9.37 38.40
N ILE C 279 -3.55 -9.88 39.59
CA ILE C 279 -3.49 -11.30 39.91
C ILE C 279 -4.78 -11.65 40.65
N ALA C 280 -5.44 -12.72 40.23
CA ALA C 280 -6.70 -13.10 40.84
C ALA C 280 -6.82 -14.61 40.92
N PHE C 281 -7.21 -15.10 42.10
CA PHE C 281 -7.67 -16.47 42.31
C PHE C 281 -9.16 -16.39 42.64
N GLY C 282 -9.99 -17.04 41.84
CA GLY C 282 -11.43 -16.95 42.06
C GLY C 282 -11.91 -15.54 41.79
N ASP C 283 -12.65 -14.98 42.76
CA ASP C 283 -13.08 -13.60 42.70
C ASP C 283 -12.27 -12.69 43.62
N GLU C 284 -11.17 -13.20 44.18
CA GLU C 284 -10.32 -12.43 45.08
C GLU C 284 -9.06 -11.99 44.34
N GLU C 285 -8.58 -10.79 44.70
CA GLU C 285 -7.36 -10.22 44.14
C GLU C 285 -6.20 -10.44 45.10
N PHE C 286 -4.99 -10.54 44.53
CA PHE C 286 -3.79 -10.75 45.30
C PHE C 286 -2.65 -9.94 44.68
N LYS C 287 -1.63 -9.68 45.49
CA LYS C 287 -0.43 -9.00 45.00
C LYS C 287 0.62 -9.96 44.49
N GLU C 288 0.56 -11.23 44.87
CA GLU C 288 1.49 -12.24 44.37
C GLU C 288 0.74 -13.55 44.20
N ALA C 289 1.36 -14.46 43.45
CA ALA C 289 0.76 -15.74 43.13
C ALA C 289 1.80 -16.84 43.24
N LYS C 290 1.47 -17.90 43.96
CA LYS C 290 2.31 -19.05 44.19
C LYS C 290 1.76 -20.27 43.47
N PRO C 291 2.53 -21.37 43.42
CA PRO C 291 2.00 -22.60 42.83
C PRO C 291 0.72 -23.07 43.51
N GLY C 292 -0.12 -23.75 42.74
CA GLY C 292 -1.40 -24.21 43.21
C GLY C 292 -2.56 -23.37 42.70
N GLY C 293 -3.59 -24.03 42.19
CA GLY C 293 -4.79 -23.36 41.74
C GLY C 293 -4.62 -22.70 40.37
N LEU C 294 -5.75 -22.35 39.78
CA LEU C 294 -5.77 -21.64 38.50
C LEU C 294 -5.78 -20.14 38.78
N VAL C 295 -4.73 -19.46 38.33
CA VAL C 295 -4.59 -18.02 38.53
C VAL C 295 -4.96 -17.31 37.25
N ALA C 296 -5.48 -16.09 37.39
CA ALA C 296 -5.75 -15.20 36.26
C ALA C 296 -4.77 -14.05 36.32
N ILE C 297 -3.90 -13.95 35.32
CA ILE C 297 -2.88 -12.90 35.27
C ILE C 297 -3.40 -11.81 34.36
N GLY C 298 -3.63 -10.61 34.92
CA GLY C 298 -3.97 -9.48 34.11
C GLY C 298 -2.72 -8.83 33.53
N THR C 299 -2.81 -8.45 32.26
CA THR C 299 -1.69 -7.83 31.54
C THR C 299 -2.18 -6.59 30.83
N TYR C 300 -1.24 -5.87 30.22
CA TYR C 300 -1.53 -4.72 29.36
C TYR C 300 -1.71 -5.11 27.91
N LEU C 301 -1.77 -6.41 27.61
CA LEU C 301 -1.82 -6.87 26.23
C LEU C 301 -3.17 -6.58 25.59
N ASP C 302 -3.13 -6.37 24.28
CA ASP C 302 -4.34 -6.16 23.48
C ASP C 302 -5.26 -7.38 23.62
N PRO C 303 -6.55 -7.18 23.90
CA PRO C 303 -7.48 -8.33 23.92
C PRO C 303 -7.51 -9.11 22.62
N SER C 304 -7.28 -8.47 21.48
CA SER C 304 -7.21 -9.20 20.22
C SER C 304 -5.94 -10.03 20.09
N LEU C 305 -4.93 -9.77 20.92
CA LEU C 305 -3.70 -10.55 20.91
C LEU C 305 -3.80 -11.78 21.81
N THR C 306 -4.29 -11.62 23.04
CA THR C 306 -4.43 -12.76 23.93
C THR C 306 -5.42 -13.79 23.40
N LYS C 307 -6.35 -13.37 22.53
CA LYS C 307 -7.31 -14.28 21.93
C LYS C 307 -7.05 -14.48 20.44
N ALA C 308 -5.87 -14.09 19.95
CA ALA C 308 -5.53 -14.26 18.55
C ALA C 308 -5.43 -15.73 18.19
N ASP C 309 -5.80 -16.04 16.94
CA ASP C 309 -5.75 -17.43 16.48
C ASP C 309 -4.32 -17.94 16.39
N ASN C 310 -3.36 -17.06 16.13
CA ASN C 310 -1.97 -17.46 15.92
C ASN C 310 -1.10 -17.24 17.15
N LEU C 311 -1.68 -17.28 18.34
CA LEU C 311 -0.92 -17.15 19.59
C LEU C 311 -0.66 -18.54 20.15
N LEU C 312 0.62 -18.92 20.23
CA LEU C 312 1.02 -20.17 20.88
C LEU C 312 1.52 -19.81 22.27
N GLY C 313 0.58 -19.56 23.18
CA GLY C 313 0.91 -19.19 24.53
C GLY C 313 0.95 -20.39 25.45
N SER C 314 2.11 -21.04 25.52
CA SER C 314 2.22 -22.28 26.28
C SER C 314 2.66 -22.05 27.72
N ILE C 315 3.63 -21.17 27.95
CA ILE C 315 4.11 -20.88 29.30
C ILE C 315 4.31 -19.37 29.44
N ILE C 316 4.44 -18.94 30.69
CA ILE C 316 4.75 -17.57 31.05
C ILE C 316 5.89 -17.60 32.06
N THR C 317 6.89 -16.75 31.87
CA THR C 317 8.01 -16.60 32.79
C THR C 317 8.33 -15.12 32.93
N LEU C 318 9.26 -14.81 33.82
CA LEU C 318 9.75 -13.45 33.92
C LEU C 318 10.53 -13.10 32.65
N ALA C 319 10.51 -11.82 32.30
CA ALA C 319 11.05 -11.39 31.01
C ALA C 319 12.55 -11.68 30.90
N ASP C 320 13.26 -11.75 32.03
CA ASP C 320 14.70 -11.97 32.04
C ASP C 320 15.09 -13.43 32.23
N ALA C 321 14.14 -14.34 32.40
CA ALA C 321 14.49 -15.74 32.55
C ALA C 321 15.00 -16.31 31.23
N GLU C 322 15.96 -17.22 31.32
CA GLU C 322 16.50 -17.90 30.15
C GLU C 322 15.63 -19.12 29.87
N VAL C 323 14.85 -19.05 28.80
CA VAL C 323 13.97 -20.15 28.41
C VAL C 323 14.14 -20.38 26.91
N PRO C 324 14.91 -21.38 26.49
CA PRO C 324 15.06 -21.64 25.06
C PRO C 324 13.76 -22.13 24.45
N VAL C 325 13.51 -21.69 23.22
CA VAL C 325 12.36 -22.13 22.44
C VAL C 325 12.91 -22.94 21.27
N LEU C 326 12.69 -24.25 21.30
CA LEU C 326 13.37 -25.19 20.43
C LEU C 326 12.43 -25.77 19.38
N TRP C 327 12.86 -25.74 18.12
CA TRP C 327 12.18 -26.43 17.02
C TRP C 327 12.69 -27.86 16.83
N ASN C 328 13.76 -28.25 17.52
CA ASN C 328 14.29 -29.60 17.48
C ASN C 328 14.73 -29.98 18.88
N ILE C 329 14.44 -31.21 19.31
CA ILE C 329 14.71 -31.62 20.67
C ILE C 329 15.28 -33.04 20.70
N ARG C 330 16.18 -33.26 21.66
CA ARG C 330 16.72 -34.58 21.96
C ARG C 330 16.08 -35.08 23.25
N ILE C 331 15.60 -36.32 23.22
CA ILE C 331 14.83 -36.89 24.33
C ILE C 331 15.47 -38.20 24.74
N LYS C 332 15.86 -38.29 26.01
CA LYS C 332 16.27 -39.56 26.61
C LYS C 332 15.01 -40.31 27.02
N TYR C 333 14.69 -41.39 26.32
CA TYR C 333 13.37 -41.99 26.38
C TYR C 333 13.40 -43.41 26.93
N ASN C 334 12.24 -43.85 27.40
CA ASN C 334 11.99 -45.23 27.80
C ASN C 334 10.60 -45.62 27.35
N LEU C 335 10.48 -46.76 26.68
CA LEU C 335 9.19 -47.21 26.17
C LEU C 335 8.51 -48.13 27.17
N LEU C 336 7.19 -48.01 27.25
CA LEU C 336 6.41 -48.99 28.00
C LEU C 336 6.58 -50.37 27.38
N GLU C 337 6.30 -51.40 28.18
CA GLU C 337 6.39 -52.76 27.66
C GLU C 337 5.17 -53.12 26.84
N ARG C 338 3.98 -52.80 27.35
CA ARG C 338 2.72 -53.07 26.67
C ARG C 338 1.86 -51.81 26.68
N VAL C 339 1.14 -51.59 25.60
CA VAL C 339 0.18 -50.48 25.54
C VAL C 339 -1.09 -50.90 26.27
N VAL C 340 -1.60 -50.02 27.13
CA VAL C 340 -2.62 -50.40 28.10
C VAL C 340 -4.01 -49.94 27.65
N GLY C 341 -4.06 -48.92 26.80
CA GLY C 341 -5.34 -48.34 26.43
C GLY C 341 -6.25 -49.29 25.70
N ALA C 342 -5.68 -50.26 24.98
CA ALA C 342 -6.49 -51.20 24.20
C ALA C 342 -7.28 -52.12 25.12
N LYS C 343 -8.42 -52.60 24.61
CA LYS C 343 -9.24 -53.52 25.39
C LYS C 343 -8.53 -54.85 25.58
N GLU C 344 -7.70 -55.25 24.63
CA GLU C 344 -6.76 -56.36 24.80
C GLU C 344 -5.36 -55.84 24.54
N MET C 345 -4.45 -56.08 25.49
CA MET C 345 -3.17 -55.40 25.48
C MET C 345 -2.29 -55.85 24.32
N LEU C 346 -1.56 -54.91 23.75
CA LEU C 346 -0.67 -55.11 22.63
C LEU C 346 0.75 -54.71 23.04
N LYS C 347 1.72 -55.13 22.23
CA LYS C 347 3.12 -54.84 22.47
C LYS C 347 3.56 -53.69 21.57
N VAL C 348 4.22 -52.69 22.17
CA VAL C 348 4.57 -51.49 21.44
C VAL C 348 5.88 -51.71 20.68
N ASP C 349 5.86 -51.41 19.39
CA ASP C 349 7.02 -51.58 18.55
C ASP C 349 8.07 -50.52 18.86
N PRO C 350 9.34 -50.78 18.53
CA PRO C 350 10.38 -49.77 18.73
C PRO C 350 10.12 -48.52 17.90
N ILE C 351 10.62 -47.39 18.41
CA ILE C 351 10.52 -46.14 17.67
C ILE C 351 11.33 -46.24 16.39
N ARG C 352 10.76 -45.79 15.28
CA ARG C 352 11.42 -45.84 13.98
C ARG C 352 11.64 -44.43 13.47
N ALA C 353 12.71 -44.27 12.69
CA ALA C 353 12.98 -42.99 12.07
C ALA C 353 11.87 -42.60 11.10
N LYS C 354 11.62 -41.30 10.99
CA LYS C 354 10.58 -40.67 10.17
C LYS C 354 9.17 -40.89 10.71
N GLU C 355 9.02 -41.50 11.88
CA GLU C 355 7.71 -41.70 12.48
C GLU C 355 7.22 -40.41 13.12
N THR C 356 5.92 -40.17 13.02
CA THR C 356 5.30 -38.99 13.64
C THR C 356 4.85 -39.35 15.06
N LEU C 357 5.35 -38.61 16.04
CA LEU C 357 5.03 -38.84 17.43
C LEU C 357 4.36 -37.61 18.03
N MET C 358 3.51 -37.85 19.02
CA MET C 358 2.88 -36.78 19.78
C MET C 358 3.59 -36.65 21.12
N LEU C 359 4.05 -35.45 21.43
CA LEU C 359 4.83 -35.19 22.63
C LEU C 359 4.01 -34.29 23.56
N SER C 360 3.74 -34.78 24.76
CA SER C 360 3.09 -33.99 25.80
C SER C 360 4.16 -33.36 26.67
N VAL C 361 4.27 -32.04 26.61
CA VAL C 361 5.24 -31.28 27.38
C VAL C 361 4.49 -30.20 28.14
N GLY C 362 4.69 -30.14 29.45
CA GLY C 362 3.86 -29.26 30.26
C GLY C 362 2.40 -29.56 29.98
N SER C 363 1.63 -28.52 29.68
CA SER C 363 0.21 -28.66 29.39
C SER C 363 -0.10 -28.66 27.90
N SER C 364 0.92 -28.68 27.04
CA SER C 364 0.71 -28.63 25.60
C SER C 364 1.06 -29.95 24.96
N THR C 365 0.60 -30.13 23.73
CA THR C 365 0.91 -31.29 22.90
C THR C 365 1.50 -30.80 21.58
N THR C 366 2.55 -31.46 21.12
CA THR C 366 3.22 -31.08 19.89
C THR C 366 3.54 -32.33 19.08
N LEU C 367 3.24 -32.29 17.79
CA LEU C 367 3.63 -33.36 16.90
C LEU C 367 5.04 -33.12 16.39
N GLY C 368 5.72 -34.22 16.06
CA GLY C 368 7.08 -34.12 15.56
C GLY C 368 7.49 -35.39 14.85
N ILE C 369 8.50 -35.27 14.01
CA ILE C 369 9.01 -36.36 13.20
C ILE C 369 10.35 -36.81 13.77
N VAL C 370 10.50 -38.11 13.98
CA VAL C 370 11.74 -38.67 14.49
C VAL C 370 12.82 -38.54 13.43
N THR C 371 13.90 -37.80 13.74
CA THR C 371 15.02 -37.64 12.84
C THR C 371 16.23 -38.46 13.24
N SER C 372 16.19 -39.13 14.39
CA SER C 372 17.29 -39.98 14.83
C SER C 372 16.77 -40.91 15.91
N VAL C 373 17.24 -42.15 15.90
CA VAL C 373 16.76 -43.15 16.85
C VAL C 373 17.95 -43.95 17.35
N LYS C 374 18.14 -43.98 18.66
CA LYS C 374 19.14 -44.80 19.33
C LYS C 374 18.45 -45.55 20.46
N LYS C 375 19.24 -46.36 21.18
CA LYS C 375 18.67 -47.19 22.25
C LYS C 375 18.04 -46.34 23.35
N ASP C 376 18.71 -45.24 23.72
CA ASP C 376 18.29 -44.43 24.85
C ASP C 376 17.88 -43.02 24.47
N GLU C 377 18.02 -42.62 23.20
CA GLU C 377 17.79 -41.25 22.80
C GLU C 377 17.13 -41.21 21.44
N ILE C 378 16.20 -40.28 21.27
CA ILE C 378 15.65 -39.95 19.96
C ILE C 378 15.83 -38.45 19.75
N GLU C 379 15.79 -38.05 18.49
CA GLU C 379 15.78 -36.64 18.12
C GLU C 379 14.56 -36.40 17.25
N VAL C 380 13.87 -35.28 17.51
CA VAL C 380 12.57 -35.01 16.92
C VAL C 380 12.56 -33.61 16.31
N GLU C 381 12.04 -33.51 15.09
CA GLU C 381 11.83 -32.23 14.42
C GLU C 381 10.37 -31.83 14.60
N LEU C 382 10.14 -30.69 15.26
CA LEU C 382 8.82 -30.34 15.76
C LEU C 382 8.04 -29.48 14.77
N ARG C 383 6.73 -29.71 14.69
CA ARG C 383 5.87 -28.86 13.88
C ARG C 383 5.69 -27.48 14.51
N ARG C 384 5.69 -27.41 15.83
CA ARG C 384 5.68 -26.16 16.58
C ARG C 384 6.77 -26.23 17.65
N PRO C 385 7.41 -25.11 17.96
CA PRO C 385 8.46 -25.14 18.97
C PRO C 385 7.89 -25.30 20.37
N VAL C 386 8.74 -25.76 21.28
CA VAL C 386 8.40 -25.90 22.69
C VAL C 386 9.34 -25.02 23.50
N ALA C 387 8.82 -24.49 24.60
CA ALA C 387 9.61 -23.65 25.51
C ALA C 387 10.12 -24.53 26.65
N VAL C 388 11.44 -24.61 26.80
CA VAL C 388 12.08 -25.51 27.76
C VAL C 388 12.63 -24.65 28.89
N TRP C 389 12.00 -24.71 30.06
CA TRP C 389 12.37 -23.86 31.18
C TRP C 389 13.36 -24.50 32.14
N SER C 390 13.73 -25.76 31.92
CA SER C 390 14.73 -26.42 32.75
C SER C 390 15.24 -27.65 32.00
N ASN C 391 16.29 -28.26 32.54
CA ASN C 391 16.90 -29.42 31.92
C ASN C 391 16.26 -30.74 32.38
N ASN C 392 15.34 -30.71 33.33
CA ASN C 392 14.74 -31.94 33.82
C ASN C 392 13.25 -32.02 33.49
N ILE C 393 12.88 -31.70 32.25
CA ILE C 393 11.48 -31.62 31.87
C ILE C 393 11.03 -32.96 31.29
N ARG C 394 10.05 -33.58 31.94
CA ARG C 394 9.47 -34.83 31.48
C ARG C 394 8.60 -34.59 30.26
N THR C 395 8.61 -35.55 29.34
CA THR C 395 7.66 -35.57 28.23
C THR C 395 7.07 -36.97 28.15
N VAL C 396 5.82 -37.04 27.68
CA VAL C 396 5.15 -38.31 27.44
C VAL C 396 4.98 -38.49 25.94
N ILE C 397 5.34 -39.68 25.44
CA ILE C 397 5.40 -39.95 24.01
C ILE C 397 4.19 -40.78 23.61
N SER C 398 3.48 -40.34 22.58
CA SER C 398 2.32 -41.06 22.06
C SER C 398 2.50 -41.37 20.58
N ARG C 399 1.86 -42.46 20.16
CA ARG C 399 1.93 -42.96 18.79
C ARG C 399 0.54 -43.32 18.30
N GLN C 400 0.28 -43.04 17.03
CA GLN C 400 -0.99 -43.44 16.43
C GLN C 400 -1.03 -44.96 16.25
N ILE C 401 -1.90 -45.63 17.01
CA ILE C 401 -2.06 -47.08 16.95
C ILE C 401 -3.54 -47.35 16.80
N ALA C 402 -3.94 -47.89 15.64
CA ALA C 402 -5.34 -48.25 15.37
C ALA C 402 -6.26 -47.04 15.43
N GLY C 403 -5.91 -46.02 14.65
CA GLY C 403 -6.78 -44.87 14.45
C GLY C 403 -6.84 -43.87 15.59
N ARG C 404 -6.05 -44.04 16.64
CA ARG C 404 -6.04 -43.06 17.72
C ARG C 404 -4.68 -43.07 18.40
N TRP C 405 -4.39 -41.97 19.08
CA TRP C 405 -3.12 -41.83 19.78
C TRP C 405 -3.10 -42.69 21.05
N ARG C 406 -1.98 -43.36 21.27
CA ARG C 406 -1.80 -44.19 22.45
C ARG C 406 -0.45 -43.86 23.09
N MET C 407 -0.48 -43.75 24.42
CA MET C 407 0.72 -43.48 25.19
C MET C 407 1.66 -44.68 25.13
N ILE C 408 2.86 -44.49 24.57
CA ILE C 408 3.79 -45.59 24.40
C ILE C 408 5.05 -45.46 25.27
N GLY C 409 5.34 -44.29 25.80
CA GLY C 409 6.55 -44.15 26.59
C GLY C 409 6.68 -42.74 27.16
N TRP C 410 7.88 -42.44 27.63
CA TRP C 410 8.16 -41.16 28.24
C TRP C 410 9.65 -40.88 28.12
N GLY C 411 10.04 -39.66 28.50
CA GLY C 411 11.44 -39.33 28.40
C GLY C 411 11.75 -37.97 29.00
N LEU C 412 13.03 -37.65 29.01
CA LEU C 412 13.54 -36.37 29.51
C LEU C 412 14.04 -35.53 28.34
N VAL C 413 13.62 -34.27 28.30
CA VAL C 413 14.09 -33.35 27.29
C VAL C 413 15.49 -32.89 27.67
N GLU C 414 16.46 -33.18 26.81
CA GLU C 414 17.87 -32.92 27.11
C GLU C 414 18.29 -31.61 26.44
N ILE C 415 18.85 -30.70 27.23
CA ILE C 415 19.23 -29.39 26.73
C ILE C 415 20.70 -29.39 26.31
N ALA D 2 45.17 6.17 15.22
CA ALA D 2 44.00 5.32 15.08
C ALA D 2 42.81 5.90 15.85
N TRP D 3 41.83 6.42 15.13
CA TRP D 3 40.65 6.99 15.78
C TRP D 3 39.64 5.89 16.11
N PRO D 4 39.01 5.97 17.28
CA PRO D 4 38.05 4.93 17.67
C PRO D 4 36.69 5.14 17.00
N LYS D 5 35.90 4.07 17.00
CA LYS D 5 34.55 4.08 16.43
C LYS D 5 33.57 4.12 17.59
N VAL D 6 33.20 5.33 18.01
CA VAL D 6 32.29 5.53 19.12
C VAL D 6 31.03 6.23 18.61
N GLN D 7 30.04 6.35 19.50
CA GLN D 7 28.80 7.03 19.15
C GLN D 7 28.99 8.55 19.20
N PRO D 8 28.17 9.30 18.45
CA PRO D 8 28.18 10.75 18.61
C PRO D 8 27.74 11.14 20.03
N GLU D 9 28.44 12.10 20.61
CA GLU D 9 28.19 12.53 21.97
C GLU D 9 27.45 13.86 22.07
N VAL D 10 27.18 14.52 20.94
CA VAL D 10 26.49 15.80 20.94
C VAL D 10 25.78 15.97 19.60
N ASN D 11 24.57 16.51 19.64
CA ASN D 11 23.80 16.83 18.45
C ASN D 11 23.80 18.34 18.25
N ILE D 12 24.15 18.77 17.04
CA ILE D 12 24.24 20.19 16.71
C ILE D 12 23.22 20.49 15.63
N GLY D 13 22.27 21.37 15.92
CA GLY D 13 21.26 21.74 14.96
C GLY D 13 21.76 22.77 13.97
N VAL D 14 21.19 22.73 12.77
CA VAL D 14 21.51 23.67 11.70
C VAL D 14 20.19 24.24 11.20
N VAL D 15 19.94 25.51 11.49
CA VAL D 15 18.67 26.16 11.18
C VAL D 15 18.94 27.44 10.39
N GLY D 16 17.87 28.07 9.94
CA GLY D 16 17.96 29.29 9.17
C GLY D 16 16.89 29.36 8.10
N HIS D 17 16.81 30.52 7.46
CA HIS D 17 15.81 30.79 6.45
C HIS D 17 16.02 29.89 5.23
N VAL D 18 15.00 29.84 4.37
CA VAL D 18 15.02 28.92 3.23
C VAL D 18 16.13 29.30 2.26
N ASP D 19 16.86 28.30 1.78
CA ASP D 19 17.89 28.45 0.75
C ASP D 19 19.06 29.31 1.21
N HIS D 20 19.32 29.37 2.51
CA HIS D 20 20.48 30.08 3.02
C HIS D 20 21.71 29.21 3.14
N GLY D 21 21.63 27.94 2.79
CA GLY D 21 22.78 27.06 2.72
C GLY D 21 22.94 26.07 3.85
N LYS D 22 21.85 25.64 4.49
CA LYS D 22 21.96 24.72 5.61
C LYS D 22 22.50 23.37 5.17
N THR D 23 21.93 22.79 4.13
CA THR D 23 22.37 21.47 3.67
C THR D 23 23.80 21.52 3.13
N THR D 24 24.14 22.58 2.39
CA THR D 24 25.49 22.71 1.86
C THR D 24 26.51 22.89 2.99
N LEU D 25 26.13 23.60 4.05
CA LEU D 25 27.04 23.78 5.17
C LEU D 25 27.31 22.45 5.88
N VAL D 26 26.28 21.62 6.03
CA VAL D 26 26.47 20.31 6.62
C VAL D 26 27.39 19.46 5.75
N GLN D 27 27.23 19.54 4.43
CA GLN D 27 28.10 18.80 3.53
C GLN D 27 29.54 19.29 3.62
N ALA D 28 29.73 20.59 3.85
CA ALA D 28 31.09 21.13 3.96
C ALA D 28 31.80 20.62 5.20
N ILE D 29 31.07 20.37 6.28
CA ILE D 29 31.67 19.90 7.51
C ILE D 29 31.84 18.38 7.51
N THR D 30 30.87 17.65 6.97
CA THR D 30 30.83 16.20 7.09
C THR D 30 31.09 15.46 5.79
N GLY D 31 31.05 16.15 4.65
CA GLY D 31 31.19 15.47 3.38
C GLY D 31 29.98 14.68 2.94
N ILE D 32 28.84 14.87 3.61
CA ILE D 32 27.62 14.12 3.33
C ILE D 32 26.53 15.10 2.94
N TRP D 33 25.83 14.79 1.84
CA TRP D 33 24.68 15.57 1.39
C TRP D 33 23.42 14.86 1.87
N THR D 34 22.64 15.53 2.73
CA THR D 34 21.50 14.91 3.40
C THR D 34 20.17 15.28 2.75
N SER D 35 20.14 15.46 1.43
CA SER D 35 18.90 15.84 0.76
C SER D 35 18.63 15.13 -0.56
N LYS D 36 19.60 14.41 -1.13
CA LYS D 36 19.39 13.77 -2.42
C LYS D 36 18.39 12.63 -2.32
N HIS D 37 17.88 12.21 -3.48
CA HIS D 37 16.96 11.09 -3.56
C HIS D 37 17.75 9.78 -3.64
N SER D 38 17.53 8.89 -2.67
CA SER D 38 17.95 7.50 -2.70
C SER D 38 17.54 6.82 -1.40
N GLU D 39 16.90 5.66 -1.51
CA GLU D 39 16.33 5.01 -0.34
C GLU D 39 16.94 3.63 -0.09
N MET D 45 11.83 19.73 -3.03
CA MET D 45 12.46 20.54 -2.00
C MET D 45 12.62 19.74 -0.70
N THR D 46 13.58 20.14 0.12
CA THR D 46 13.81 19.45 1.39
C THR D 46 12.72 19.79 2.40
N ILE D 47 12.09 18.76 2.96
CA ILE D 47 11.01 18.95 3.92
C ILE D 47 11.24 18.08 5.15
N LYS D 48 12.17 17.14 5.05
CA LYS D 48 12.53 16.28 6.17
C LYS D 48 13.74 16.86 6.90
N LEU D 49 13.92 16.40 8.14
CA LEU D 49 15.18 16.65 8.84
C LEU D 49 16.32 15.94 8.12
N GLY D 50 17.50 16.53 8.19
CA GLY D 50 18.72 15.94 7.65
C GLY D 50 19.67 15.61 8.77
N TYR D 51 20.40 14.51 8.62
CA TYR D 51 21.28 14.01 9.67
C TYR D 51 22.59 13.55 9.07
N ALA D 52 23.70 13.95 9.68
CA ALA D 52 25.03 13.54 9.24
C ALA D 52 26.00 13.61 10.42
N GLU D 53 26.93 12.67 10.45
CA GLU D 53 27.92 12.56 11.51
C GLU D 53 29.32 12.83 10.96
N THR D 54 30.23 13.18 11.87
CA THR D 54 31.64 13.34 11.52
C THR D 54 32.47 13.32 12.79
N ASN D 55 33.68 12.76 12.68
CA ASN D 55 34.63 12.84 13.76
C ASN D 55 35.34 14.18 13.74
N ILE D 56 35.74 14.65 14.91
CA ILE D 56 36.41 15.93 15.07
C ILE D 56 37.74 15.70 15.77
N GLY D 57 38.81 16.25 15.21
CA GLY D 57 40.13 16.14 15.79
C GLY D 57 40.91 17.43 15.60
N VAL D 58 42.15 17.41 16.07
CA VAL D 58 43.03 18.57 15.95
C VAL D 58 44.47 18.09 15.78
N CYS D 59 45.18 18.72 14.85
CA CYS D 59 46.61 18.48 14.65
C CYS D 59 47.37 19.39 15.61
N GLU D 60 47.92 18.81 16.68
CA GLU D 60 48.58 19.61 17.70
C GLU D 60 49.84 20.30 17.20
N SER D 61 50.30 19.99 15.99
CA SER D 61 51.51 20.63 15.47
C SER D 61 51.24 22.07 15.05
N CYS D 62 50.23 22.28 14.21
CA CYS D 62 49.96 23.58 13.62
C CYS D 62 49.13 24.45 14.58
N LYS D 63 48.64 25.58 14.09
CA LYS D 63 47.86 26.50 14.89
C LYS D 63 46.47 26.68 14.29
N LYS D 64 45.58 27.25 15.10
CA LYS D 64 44.20 27.48 14.69
C LYS D 64 44.13 28.38 13.46
N PRO D 65 43.08 28.23 12.63
CA PRO D 65 42.05 27.19 12.75
C PRO D 65 42.35 25.96 11.89
N GLU D 66 43.44 26.02 11.11
CA GLU D 66 43.80 24.91 10.25
C GLU D 66 44.05 23.62 11.01
N ALA D 67 44.35 23.72 12.31
CA ALA D 67 44.67 22.53 13.10
C ALA D 67 43.47 21.59 13.24
N TYR D 68 42.27 22.14 13.26
CA TYR D 68 41.07 21.32 13.42
C TYR D 68 40.71 20.65 12.10
N VAL D 69 40.52 19.32 12.16
CA VAL D 69 40.21 18.53 10.97
C VAL D 69 39.04 17.62 11.27
N THR D 70 38.32 17.24 10.21
CA THR D 70 37.21 16.31 10.30
C THR D 70 37.59 14.90 9.82
N GLU D 71 38.88 14.62 9.67
CA GLU D 71 39.35 13.33 9.20
C GLU D 71 40.78 13.14 9.70
N PRO D 72 41.23 11.89 9.86
CA PRO D 72 42.59 11.65 10.38
C PRO D 72 43.68 11.80 9.32
N SER D 73 43.90 13.04 8.88
CA SER D 73 44.82 13.31 7.78
C SER D 73 45.90 14.32 8.16
N CYS D 74 45.52 15.53 8.58
CA CYS D 74 46.45 16.63 8.85
C CYS D 74 47.22 17.07 7.61
N LYS D 75 46.76 16.68 6.42
CA LYS D 75 47.45 17.03 5.19
C LYS D 75 47.46 18.53 4.96
N SER D 76 46.28 19.16 5.05
CA SER D 76 46.18 20.59 4.74
C SER D 76 47.00 21.43 5.71
N CYS D 77 47.15 20.98 6.96
CA CYS D 77 48.01 21.70 7.89
C CYS D 77 49.46 21.65 7.45
N GLY D 78 49.87 20.57 6.80
CA GLY D 78 51.24 20.40 6.36
C GLY D 78 51.96 19.31 7.12
N SER D 79 51.77 19.28 8.43
CA SER D 79 52.43 18.27 9.27
C SER D 79 51.83 16.89 8.99
N ASP D 80 52.69 15.94 8.63
CA ASP D 80 52.24 14.59 8.30
C ASP D 80 51.93 13.75 9.53
N ASP D 81 52.02 14.30 10.73
CA ASP D 81 51.70 13.52 11.92
C ASP D 81 50.19 13.36 12.06
N GLU D 82 49.77 12.21 12.62
CA GLU D 82 48.37 11.85 12.75
C GLU D 82 47.70 12.70 13.83
N PRO D 83 46.49 13.21 13.57
CA PRO D 83 45.81 14.04 14.57
C PRO D 83 45.32 13.22 15.75
N LYS D 84 44.99 13.93 16.83
CA LYS D 84 44.40 13.30 17.99
C LYS D 84 42.87 13.42 17.93
N PHE D 85 42.20 12.43 18.48
CA PHE D 85 40.74 12.38 18.44
C PHE D 85 40.15 13.21 19.56
N LEU D 86 39.22 14.11 19.21
CA LEU D 86 38.50 14.91 20.18
C LEU D 86 37.14 14.31 20.51
N ARG D 87 36.23 14.26 19.54
CA ARG D 87 34.89 13.71 19.74
C ARG D 87 34.25 13.48 18.39
N ARG D 88 33.15 12.73 18.42
CA ARG D 88 32.30 12.53 17.25
C ARG D 88 31.01 13.29 17.46
N ILE D 89 30.62 14.09 16.47
CA ILE D 89 29.46 14.95 16.58
C ILE D 89 28.48 14.61 15.46
N SER D 90 27.22 14.99 15.67
CA SER D 90 26.16 14.77 14.71
C SER D 90 25.45 16.09 14.43
N PHE D 91 24.96 16.23 13.20
CA PHE D 91 24.28 17.44 12.76
C PHE D 91 22.85 17.10 12.37
N ILE D 92 21.91 17.93 12.82
CA ILE D 92 20.50 17.81 12.49
C ILE D 92 20.09 19.13 11.86
N ASP D 93 19.96 19.14 10.54
CA ASP D 93 19.57 20.36 9.82
C ASP D 93 18.09 20.32 9.52
N ALA D 94 17.40 21.42 9.81
CA ALA D 94 15.96 21.51 9.67
C ALA D 94 15.60 22.24 8.39
N PRO D 95 14.46 21.92 7.78
CA PRO D 95 14.02 22.67 6.60
C PRO D 95 13.72 24.11 6.96
N GLY D 96 13.86 24.99 5.95
CA GLY D 96 13.72 26.41 6.19
C GLY D 96 12.35 26.99 5.86
N HIS D 97 11.52 26.22 5.15
CA HIS D 97 10.24 26.76 4.70
C HIS D 97 9.32 27.04 5.89
N GLU D 98 8.53 28.11 5.75
CA GLU D 98 7.74 28.61 6.87
C GLU D 98 6.69 27.60 7.33
N VAL D 99 6.11 26.84 6.41
CA VAL D 99 5.08 25.87 6.79
C VAL D 99 5.65 24.63 7.44
N LEU D 100 6.97 24.52 7.54
CA LEU D 100 7.60 23.35 8.15
C LEU D 100 8.16 23.65 9.54
N MET D 101 7.63 24.68 10.21
CA MET D 101 8.09 25.01 11.56
C MET D 101 7.90 23.85 12.54
N ALA D 102 6.83 23.07 12.38
CA ALA D 102 6.62 21.93 13.25
C ALA D 102 7.76 20.92 13.13
N THR D 103 8.32 20.76 11.94
CA THR D 103 9.48 19.87 11.79
C THR D 103 10.71 20.46 12.47
N MET D 104 10.94 21.77 12.30
CA MET D 104 12.06 22.42 12.97
C MET D 104 11.96 22.27 14.49
N LEU D 105 10.78 22.56 15.04
CA LEU D 105 10.57 22.43 16.48
C LEU D 105 10.80 21.00 16.95
N SER D 106 10.30 20.02 16.18
CA SER D 106 10.54 18.62 16.51
C SER D 106 12.03 18.30 16.53
N GLY D 107 12.77 18.75 15.51
CA GLY D 107 14.20 18.54 15.49
C GLY D 107 14.91 19.31 16.58
N ALA D 108 14.33 20.43 17.04
CA ALA D 108 14.98 21.24 18.04
C ALA D 108 15.04 20.55 19.40
N ALA D 109 14.12 19.61 19.66
CA ALA D 109 14.13 18.86 20.91
C ALA D 109 15.30 17.90 21.01
N LEU D 110 16.03 17.67 19.92
CA LEU D 110 17.19 16.78 19.91
C LEU D 110 18.52 17.52 19.94
N MET D 111 18.51 18.85 19.88
CA MET D 111 19.73 19.62 19.70
C MET D 111 20.34 19.98 21.04
N ASP D 112 21.63 19.67 21.20
CA ASP D 112 22.39 20.18 22.34
C ASP D 112 22.92 21.59 22.05
N GLY D 113 23.24 21.87 20.79
CA GLY D 113 23.60 23.20 20.36
C GLY D 113 22.96 23.49 19.01
N ALA D 114 23.24 24.69 18.49
CA ALA D 114 22.62 25.09 17.23
C ALA D 114 23.58 25.98 16.44
N ILE D 115 23.43 25.92 15.12
CA ILE D 115 24.10 26.83 14.20
C ILE D 115 23.01 27.53 13.38
N LEU D 116 22.94 28.85 13.50
CA LEU D 116 21.98 29.64 12.74
C LEU D 116 22.68 30.14 11.48
N VAL D 117 22.23 29.69 10.33
CA VAL D 117 22.84 30.05 9.05
C VAL D 117 22.11 31.26 8.48
N VAL D 118 22.87 32.31 8.18
CA VAL D 118 22.35 33.55 7.62
C VAL D 118 23.07 33.82 6.31
N ALA D 119 22.29 34.02 5.25
CA ALA D 119 22.89 34.31 3.95
C ALA D 119 23.38 35.75 3.91
N ALA D 120 24.63 35.93 3.49
CA ALA D 120 25.21 37.27 3.44
C ALA D 120 24.59 38.10 2.33
N ASN D 121 24.14 37.47 1.24
CA ASN D 121 23.61 38.18 0.10
C ASN D 121 22.12 38.45 0.20
N GLU D 122 21.55 38.38 1.40
CA GLU D 122 20.14 38.67 1.60
C GLU D 122 19.95 39.57 2.82
N PRO D 123 18.94 40.42 2.82
CA PRO D 123 18.74 41.35 3.95
C PRO D 123 18.35 40.61 5.21
N PHE D 124 18.99 40.98 6.32
CA PHE D 124 18.80 40.46 7.67
C PHE D 124 17.83 41.34 8.45
N PRO D 125 16.92 40.75 9.25
CA PRO D 125 16.71 39.30 9.36
C PRO D 125 15.53 38.79 8.53
N GLN D 126 15.74 37.71 7.79
CA GLN D 126 14.66 37.09 7.05
C GLN D 126 13.63 36.50 8.01
N PRO D 127 12.39 36.32 7.56
CA PRO D 127 11.34 35.84 8.49
C PRO D 127 11.71 34.59 9.29
N GLN D 128 12.23 33.56 8.62
CA GLN D 128 12.58 32.34 9.34
C GLN D 128 13.94 32.43 10.02
N THR D 129 14.79 33.39 9.63
CA THR D 129 15.98 33.67 10.44
C THR D 129 15.57 34.09 11.85
N ARG D 130 14.60 34.99 11.95
CA ARG D 130 14.12 35.42 13.25
C ARG D 130 13.30 34.32 13.93
N GLU D 131 12.40 33.68 13.18
CA GLU D 131 11.52 32.69 13.79
C GLU D 131 12.31 31.51 14.34
N HIS D 132 13.28 31.00 13.58
CA HIS D 132 14.13 29.93 14.09
C HIS D 132 14.94 30.39 15.29
N PHE D 133 15.40 31.65 15.28
CA PHE D 133 16.14 32.19 16.41
C PHE D 133 15.27 32.24 17.66
N VAL D 134 14.03 32.71 17.51
CA VAL D 134 13.10 32.74 18.64
C VAL D 134 12.85 31.33 19.16
N ALA D 135 12.70 30.36 18.26
CA ALA D 135 12.43 28.99 18.67
C ALA D 135 13.58 28.42 19.49
N LEU D 136 14.82 28.71 19.10
CA LEU D 136 15.97 28.20 19.83
C LEU D 136 15.99 28.71 21.27
N GLY D 137 15.76 30.02 21.45
CA GLY D 137 15.75 30.57 22.80
C GLY D 137 14.59 30.06 23.62
N ILE D 138 13.42 29.92 23.00
CA ILE D 138 12.24 29.40 23.69
C ILE D 138 12.51 28.00 24.22
N ILE D 139 12.97 27.11 23.34
CA ILE D 139 13.21 25.72 23.72
C ILE D 139 14.42 25.61 24.66
N GLY D 140 15.33 26.57 24.60
CA GLY D 140 16.50 26.55 25.46
C GLY D 140 17.79 26.09 24.80
N VAL D 141 17.89 26.16 23.48
CA VAL D 141 19.11 25.85 22.76
C VAL D 141 19.92 27.13 22.58
N LYS D 142 20.59 27.58 23.64
CA LYS D 142 21.28 28.87 23.63
C LYS D 142 22.76 28.78 23.29
N ASN D 143 23.35 27.59 23.29
CA ASN D 143 24.72 27.39 22.81
C ASN D 143 24.69 27.53 21.29
N LEU D 144 24.65 28.78 20.84
CA LEU D 144 24.39 29.12 19.45
C LEU D 144 25.63 29.72 18.80
N ILE D 145 25.82 29.40 17.52
CA ILE D 145 26.84 30.03 16.68
C ILE D 145 26.15 30.52 15.41
N ILE D 146 26.29 31.80 15.12
CA ILE D 146 25.74 32.37 13.90
C ILE D 146 26.78 32.23 12.80
N VAL D 147 26.37 31.65 11.68
CA VAL D 147 27.26 31.44 10.53
C VAL D 147 26.78 32.33 9.39
N GLN D 148 27.67 33.20 8.93
CA GLN D 148 27.39 34.08 7.80
C GLN D 148 27.82 33.34 6.54
N ASN D 149 26.84 32.78 5.83
CA ASN D 149 27.11 31.96 4.66
C ASN D 149 27.05 32.80 3.38
N LYS D 150 27.55 32.22 2.29
CA LYS D 150 27.51 32.84 0.96
C LYS D 150 28.30 34.13 0.90
N VAL D 151 29.39 34.24 1.68
CA VAL D 151 30.21 35.44 1.62
C VAL D 151 31.03 35.50 0.34
N ASP D 152 31.16 34.38 -0.37
CA ASP D 152 31.89 34.36 -1.64
C ASP D 152 31.17 35.11 -2.75
N VAL D 153 29.91 35.51 -2.54
CA VAL D 153 29.13 36.23 -3.53
C VAL D 153 28.83 37.66 -3.11
N VAL D 154 29.32 38.08 -1.94
CA VAL D 154 29.06 39.42 -1.42
C VAL D 154 30.39 40.15 -1.26
N SER D 155 30.33 41.48 -1.32
CA SER D 155 31.52 42.29 -1.17
C SER D 155 31.98 42.31 0.29
N LYS D 156 33.04 43.05 0.55
CA LYS D 156 33.60 43.09 1.90
C LYS D 156 32.84 44.04 2.81
N GLU D 157 32.46 45.21 2.30
CA GLU D 157 31.74 46.17 3.13
C GLU D 157 30.29 45.77 3.33
N GLU D 158 29.68 45.10 2.36
CA GLU D 158 28.32 44.61 2.54
C GLU D 158 28.28 43.49 3.59
N ALA D 159 29.31 42.64 3.60
CA ALA D 159 29.38 41.60 4.62
C ALA D 159 29.61 42.19 5.99
N LEU D 160 30.48 43.20 6.09
CA LEU D 160 30.69 43.87 7.37
C LEU D 160 29.47 44.69 7.79
N SER D 161 28.69 45.18 6.82
CA SER D 161 27.48 45.90 7.14
C SER D 161 26.44 44.98 7.77
N GLN D 162 26.22 43.81 7.16
CA GLN D 162 25.30 42.83 7.76
C GLN D 162 25.80 42.34 9.10
N TYR D 163 27.13 42.20 9.24
CA TYR D 163 27.71 41.80 10.51
C TYR D 163 27.33 42.78 11.63
N ARG D 164 27.37 44.08 11.33
CA ARG D 164 26.93 45.08 12.30
C ARG D 164 25.43 44.98 12.55
N GLN D 165 24.65 44.63 11.53
CA GLN D 165 23.20 44.54 11.70
C GLN D 165 22.82 43.34 12.55
N ILE D 166 23.56 42.24 12.42
CA ILE D 166 23.29 41.06 13.25
C ILE D 166 23.72 41.32 14.69
N LYS D 167 24.87 41.98 14.88
CA LYS D 167 25.33 42.28 16.24
C LYS D 167 24.37 43.22 16.95
N GLN D 168 23.70 44.11 16.21
CA GLN D 168 22.75 45.02 16.85
C GLN D 168 21.43 44.33 17.14
N PHE D 169 21.01 43.40 16.27
CA PHE D 169 19.80 42.63 16.54
C PHE D 169 19.98 41.73 17.75
N THR D 170 21.17 41.15 17.91
CA THR D 170 21.44 40.27 19.04
C THR D 170 21.82 41.04 20.30
N LYS D 171 21.99 42.36 20.22
CA LYS D 171 22.30 43.15 21.40
C LYS D 171 21.08 43.27 22.30
N GLY D 172 21.27 43.00 23.59
CA GLY D 172 20.18 43.05 24.53
C GLY D 172 19.39 41.76 24.68
N THR D 173 19.89 40.65 24.14
CA THR D 173 19.23 39.36 24.24
C THR D 173 20.19 38.35 24.87
N TRP D 174 19.70 37.11 25.02
CA TRP D 174 20.53 36.04 25.54
C TRP D 174 21.69 35.70 24.62
N ALA D 175 21.60 36.07 23.34
CA ALA D 175 22.60 35.72 22.35
C ALA D 175 23.55 36.88 22.05
N GLU D 176 23.78 37.77 23.03
CA GLU D 176 24.58 38.96 22.77
C GLU D 176 26.03 38.60 22.45
N ASN D 177 26.59 37.60 23.14
CA ASN D 177 27.97 37.19 22.94
C ASN D 177 28.10 35.98 22.03
N VAL D 178 27.14 35.78 21.14
CA VAL D 178 27.20 34.65 20.20
C VAL D 178 28.11 35.04 19.03
N PRO D 179 29.07 34.20 18.68
CA PRO D 179 29.99 34.56 17.59
C PRO D 179 29.32 34.50 16.23
N ILE D 180 29.91 35.23 15.29
CA ILE D 180 29.44 35.30 13.91
C ILE D 180 30.62 34.91 13.03
N ILE D 181 30.60 33.69 12.52
CA ILE D 181 31.72 33.13 11.75
C ILE D 181 31.33 33.14 10.28
N PRO D 182 31.96 33.96 9.45
CA PRO D 182 31.63 33.98 8.01
C PRO D 182 32.34 32.85 7.27
N VAL D 183 31.57 32.08 6.50
CA VAL D 183 32.10 30.98 5.71
C VAL D 183 31.46 31.02 4.33
N SER D 184 31.95 30.14 3.45
CA SER D 184 31.30 29.84 2.18
C SER D 184 31.07 28.34 2.14
N ALA D 185 29.82 27.92 2.32
CA ALA D 185 29.52 26.49 2.32
C ALA D 185 29.75 25.86 0.96
N LEU D 186 29.49 26.60 -0.12
CA LEU D 186 29.62 26.05 -1.46
C LEU D 186 31.09 25.75 -1.80
N HIS D 187 31.97 26.71 -1.55
CA HIS D 187 33.38 26.59 -1.92
C HIS D 187 34.26 26.15 -0.75
N LYS D 188 33.69 25.97 0.44
CA LYS D 188 34.40 25.44 1.60
C LYS D 188 35.62 26.30 1.95
N ILE D 189 35.34 27.52 2.38
CA ILE D 189 36.37 28.42 2.90
C ILE D 189 35.98 28.79 4.33
N ASN D 190 37.00 28.94 5.18
CA ASN D 190 36.85 29.32 6.58
C ASN D 190 36.01 28.31 7.36
N ILE D 191 35.85 27.09 6.84
CA ILE D 191 35.15 26.05 7.58
C ILE D 191 35.97 25.62 8.80
N ASP D 192 37.29 25.77 8.74
CA ASP D 192 38.14 25.39 9.86
C ASP D 192 37.85 26.23 11.09
N SER D 193 37.57 27.53 10.90
CA SER D 193 37.26 28.38 12.04
C SER D 193 35.88 28.07 12.61
N LEU D 194 34.95 27.63 11.76
CA LEU D 194 33.66 27.17 12.26
C LEU D 194 33.84 25.95 13.15
N ILE D 195 34.70 25.01 12.76
CA ILE D 195 35.00 23.86 13.60
C ILE D 195 35.62 24.30 14.92
N GLU D 196 36.51 25.30 14.86
CA GLU D 196 37.11 25.83 16.09
C GLU D 196 36.06 26.40 17.02
N GLY D 197 35.13 27.20 16.48
CA GLY D 197 34.07 27.75 17.31
C GLY D 197 33.12 26.70 17.83
N ILE D 198 32.96 25.60 17.09
CA ILE D 198 32.07 24.52 17.53
C ILE D 198 32.56 23.92 18.84
N GLU D 199 33.85 23.64 18.93
CA GLU D 199 34.41 23.12 20.17
C GLU D 199 34.62 24.18 21.23
N GLU D 200 34.50 25.47 20.88
CA GLU D 200 34.64 26.53 21.87
C GLU D 200 33.30 26.99 22.43
N TYR D 201 32.25 26.98 21.60
CA TYR D 201 30.94 27.47 22.02
C TYR D 201 29.88 26.38 22.13
N ILE D 202 30.09 25.22 21.53
CA ILE D 202 29.12 24.12 21.62
C ILE D 202 29.82 22.90 22.21
N LYS D 203 30.12 22.96 23.50
CA LYS D 203 30.76 21.84 24.16
C LYS D 203 29.73 20.76 24.50
N THR D 204 30.21 19.55 24.71
CA THR D 204 29.33 18.43 25.03
C THR D 204 28.70 18.66 26.40
N PRO D 205 27.38 18.71 26.51
CA PRO D 205 26.75 18.94 27.81
C PRO D 205 27.02 17.79 28.78
N TYR D 206 26.75 18.06 30.05
CA TYR D 206 26.91 17.06 31.10
C TYR D 206 25.75 16.08 31.07
N ARG D 207 26.05 14.79 31.06
CA ARG D 207 25.05 13.73 30.98
C ARG D 207 24.99 13.02 32.32
N ASP D 208 23.84 13.13 32.99
CA ASP D 208 23.60 12.39 34.24
C ASP D 208 23.11 11.00 33.87
N LEU D 209 24.04 10.07 33.73
CA LEU D 209 23.73 8.72 33.25
C LEU D 209 22.88 7.92 34.24
N SER D 210 22.64 8.44 35.44
CA SER D 210 21.75 7.76 36.39
C SER D 210 20.30 8.20 36.25
N GLN D 211 20.02 9.20 35.43
CA GLN D 211 18.65 9.66 35.24
C GLN D 211 17.84 8.62 34.45
N LYS D 212 16.52 8.80 34.50
CA LYS D 212 15.58 7.91 33.82
C LYS D 212 15.87 7.86 32.32
N PRO D 213 16.22 6.71 31.76
CA PRO D 213 16.49 6.63 30.31
C PRO D 213 15.24 6.95 29.51
N VAL D 214 15.37 7.92 28.60
CA VAL D 214 14.28 8.36 27.75
C VAL D 214 14.81 8.57 26.34
N MET D 215 14.14 7.98 25.36
CA MET D 215 14.50 8.16 23.95
C MET D 215 13.31 8.76 23.22
N LEU D 216 13.56 9.87 22.51
CA LEU D 216 12.56 10.46 21.63
C LEU D 216 12.62 9.76 20.28
N VAL D 217 11.51 9.16 19.88
CA VAL D 217 11.48 8.32 18.68
C VAL D 217 11.48 9.20 17.44
N ILE D 218 12.29 8.82 16.46
CA ILE D 218 12.34 9.48 15.15
C ILE D 218 12.10 8.41 14.10
N ARG D 219 11.10 8.64 13.25
CA ARG D 219 10.80 7.68 12.19
C ARG D 219 11.77 7.83 11.03
N SER D 220 12.01 6.71 10.33
CA SER D 220 12.87 6.76 9.15
C SER D 220 12.28 7.66 8.09
N ALA D 221 10.94 7.73 7.99
CA ALA D 221 10.29 8.58 7.02
C ALA D 221 10.43 10.06 7.33
N ASP D 222 10.91 10.43 8.52
CA ASP D 222 11.00 11.82 8.92
C ASP D 222 12.42 12.37 8.91
N VAL D 223 13.42 11.57 8.54
CA VAL D 223 14.80 12.05 8.56
C VAL D 223 15.56 11.40 7.41
N ASN D 224 16.36 12.22 6.72
CA ASN D 224 17.28 11.74 5.69
C ASN D 224 18.65 11.57 6.34
N ALA D 225 19.02 10.31 6.59
CA ALA D 225 20.28 9.96 7.24
C ALA D 225 21.01 8.97 6.33
N PRO D 226 21.61 9.44 5.24
CA PRO D 226 22.20 8.51 4.26
C PRO D 226 23.43 7.79 4.78
N GLY D 227 24.25 8.45 5.60
CA GLY D 227 25.46 7.80 6.08
C GLY D 227 25.17 6.59 6.94
N THR D 228 24.18 6.69 7.82
CA THR D 228 23.82 5.58 8.70
C THR D 228 22.91 4.60 7.98
N GLN D 229 22.51 3.55 8.69
CA GLN D 229 21.52 2.60 8.20
C GLN D 229 20.11 2.96 8.61
N PHE D 230 19.84 4.25 8.87
CA PHE D 230 18.54 4.67 9.36
C PHE D 230 17.48 4.63 8.26
N ASN D 231 17.89 4.84 7.01
CA ASN D 231 16.95 4.79 5.90
C ASN D 231 16.48 3.38 5.57
N GLU D 232 17.14 2.36 6.10
CA GLU D 232 16.74 0.96 5.89
C GLU D 232 17.00 0.20 7.19
N LEU D 233 15.96 0.05 8.00
CA LEU D 233 16.06 -0.64 9.28
C LEU D 233 15.56 -2.08 9.14
N LYS D 234 15.62 -2.83 10.23
CA LYS D 234 15.31 -4.26 10.24
C LYS D 234 13.93 -4.53 10.84
N GLY D 235 12.91 -3.86 10.32
CA GLY D 235 11.54 -4.12 10.72
C GLY D 235 11.22 -3.79 12.16
N GLY D 236 11.67 -4.63 13.10
CA GLY D 236 11.40 -4.43 14.50
C GLY D 236 12.41 -3.51 15.19
N VAL D 237 13.04 -2.63 14.43
CA VAL D 237 14.03 -1.71 14.94
C VAL D 237 13.41 -0.32 15.04
N ILE D 238 13.50 0.29 16.22
CA ILE D 238 12.98 1.62 16.48
C ILE D 238 14.15 2.58 16.63
N GLY D 239 14.13 3.68 15.88
CA GLY D 239 15.18 4.67 15.93
C GLY D 239 14.77 5.93 16.69
N GLY D 240 15.76 6.73 17.02
CA GLY D 240 15.52 7.97 17.72
C GLY D 240 16.80 8.50 18.36
N SER D 241 16.61 9.44 19.28
CA SER D 241 17.74 10.08 19.96
C SER D 241 17.47 10.09 21.46
N ILE D 242 18.42 9.57 22.22
CA ILE D 242 18.31 9.51 23.68
C ILE D 242 18.56 10.90 24.25
N ILE D 243 17.63 11.38 25.08
CA ILE D 243 17.77 12.70 25.68
C ILE D 243 18.29 12.65 27.12
N GLN D 244 18.24 11.49 27.77
CA GLN D 244 18.81 11.36 29.11
C GLN D 244 18.96 9.88 29.43
N GLY D 245 19.89 9.58 30.35
CA GLY D 245 20.14 8.22 30.76
C GLY D 245 20.83 7.40 29.67
N LEU D 246 20.93 6.11 29.93
CA LEU D 246 21.53 5.19 28.98
C LEU D 246 20.70 3.92 28.88
N PHE D 247 20.63 3.37 27.68
CA PHE D 247 19.97 2.10 27.41
C PHE D 247 21.02 1.04 27.14
N LYS D 248 20.78 -0.17 27.65
CA LYS D 248 21.69 -1.28 27.47
C LYS D 248 20.97 -2.42 26.75
N VAL D 249 21.75 -3.29 26.10
CA VAL D 249 21.20 -4.48 25.50
C VAL D 249 20.62 -5.37 26.60
N ASP D 250 19.50 -6.03 26.29
CA ASP D 250 18.75 -6.95 27.16
C ASP D 250 17.89 -6.23 28.19
N GLN D 251 17.80 -4.91 28.15
CA GLN D 251 16.92 -4.19 29.06
C GLN D 251 15.47 -4.29 28.60
N GLU D 252 14.55 -4.31 29.56
CA GLU D 252 13.12 -4.28 29.27
C GLU D 252 12.67 -2.84 29.07
N ILE D 253 12.02 -2.59 27.94
CA ILE D 253 11.62 -1.24 27.55
C ILE D 253 10.15 -1.24 27.19
N LYS D 254 9.57 -0.03 27.13
CA LYS D 254 8.20 0.14 26.68
C LYS D 254 8.12 1.31 25.72
N VAL D 255 7.23 1.18 24.74
CA VAL D 255 6.97 2.20 23.73
C VAL D 255 5.69 2.92 24.12
N LEU D 256 5.75 4.25 24.19
CA LEU D 256 4.63 5.03 24.68
C LEU D 256 4.30 6.16 23.72
N PRO D 257 3.01 6.55 23.61
CA PRO D 257 1.83 5.97 24.26
C PRO D 257 1.53 4.52 23.85
N GLY D 258 1.87 4.13 22.62
CA GLY D 258 1.76 2.76 22.19
C GLY D 258 0.76 2.61 21.04
N LEU D 259 0.05 1.48 21.05
CA LEU D 259 -0.78 1.08 19.91
C LEU D 259 -2.21 1.59 20.08
N ARG D 260 -2.73 2.20 19.02
CA ARG D 260 -4.11 2.68 19.03
C ARG D 260 -5.07 1.50 18.93
N VAL D 261 -6.07 1.47 19.80
CA VAL D 261 -7.05 0.39 19.87
C VAL D 261 -8.40 0.98 20.21
N GLU D 262 -9.45 0.48 19.54
CA GLU D 262 -10.83 0.89 19.80
C GLU D 262 -11.54 -0.22 20.56
N LYS D 263 -11.68 -0.05 21.87
CA LYS D 263 -12.46 -0.96 22.70
C LYS D 263 -13.92 -0.51 22.69
N GLN D 264 -14.80 -1.39 22.23
CA GLN D 264 -16.23 -1.12 22.04
C GLN D 264 -16.49 0.29 21.52
N GLY D 265 -15.74 0.66 20.48
CA GLY D 265 -15.91 1.93 19.82
C GLY D 265 -15.20 3.11 20.48
N LYS D 266 -14.45 2.88 21.55
CA LYS D 266 -13.76 3.93 22.27
C LYS D 266 -12.26 3.80 22.07
N VAL D 267 -11.62 4.88 21.61
CA VAL D 267 -10.19 4.82 21.32
C VAL D 267 -9.40 4.84 22.61
N SER D 268 -8.34 4.04 22.64
CA SER D 268 -7.36 4.08 23.72
C SER D 268 -6.01 3.68 23.14
N TYR D 269 -4.96 3.84 23.94
CA TYR D 269 -3.61 3.47 23.53
C TYR D 269 -3.03 2.52 24.57
N GLU D 270 -2.57 1.37 24.10
CA GLU D 270 -1.98 0.38 24.98
C GLU D 270 -0.46 0.45 24.90
N PRO D 271 0.24 0.46 26.04
CA PRO D 271 1.71 0.48 25.99
C PRO D 271 2.24 -0.83 25.43
N ILE D 272 3.29 -0.72 24.63
CA ILE D 272 3.94 -1.88 24.02
C ILE D 272 5.23 -2.16 24.75
N PHE D 273 5.36 -3.37 25.29
CA PHE D 273 6.55 -3.81 26.01
C PHE D 273 7.40 -4.72 25.13
N THR D 274 8.71 -4.58 25.23
CA THR D 274 9.63 -5.45 24.50
C THR D 274 10.99 -5.42 25.20
N LYS D 275 12.00 -5.96 24.53
CA LYS D 275 13.33 -6.12 25.08
C LYS D 275 14.36 -5.71 24.03
N ILE D 276 15.44 -5.06 24.48
CA ILE D 276 16.45 -4.56 23.55
C ILE D 276 17.35 -5.72 23.12
N SER D 277 17.33 -6.02 21.83
CA SER D 277 18.18 -7.07 21.27
C SER D 277 19.47 -6.54 20.66
N SER D 278 19.49 -5.28 20.23
CA SER D 278 20.71 -4.71 19.67
C SER D 278 20.65 -3.19 19.74
N ILE D 279 21.83 -2.58 19.67
CA ILE D 279 22.00 -1.13 19.66
C ILE D 279 23.03 -0.82 18.59
N ALA D 280 22.76 0.19 17.76
CA ALA D 280 23.67 0.52 16.68
C ALA D 280 23.67 2.02 16.41
N PHE D 281 24.86 2.56 16.18
CA PHE D 281 25.06 3.91 15.67
C PHE D 281 25.76 3.80 14.33
N GLY D 282 25.12 4.28 13.28
CA GLY D 282 25.71 4.13 11.96
C GLY D 282 25.72 2.68 11.56
N ASP D 283 26.91 2.14 11.26
CA ASP D 283 27.05 0.72 10.95
C ASP D 283 27.73 -0.05 12.07
N GLU D 284 28.07 0.60 13.18
CA GLU D 284 28.71 -0.04 14.32
C GLU D 284 27.67 -0.39 15.36
N GLU D 285 27.84 -1.54 16.00
CA GLU D 285 26.95 -2.00 17.07
C GLU D 285 27.63 -1.83 18.41
N PHE D 286 26.83 -1.59 19.44
CA PHE D 286 27.33 -1.31 20.78
C PHE D 286 26.53 -2.09 21.81
N LYS D 287 27.05 -2.13 23.02
CA LYS D 287 26.36 -2.77 24.14
C LYS D 287 25.53 -1.79 24.95
N GLU D 288 25.70 -0.49 24.74
CA GLU D 288 24.90 0.52 25.41
C GLU D 288 24.84 1.75 24.53
N ALA D 289 23.88 2.64 24.85
CA ALA D 289 23.70 3.86 24.09
C ALA D 289 23.46 5.01 25.06
N LYS D 290 24.01 6.16 24.73
CA LYS D 290 23.98 7.36 25.56
C LYS D 290 23.40 8.50 24.76
N PRO D 291 23.08 9.63 25.42
CA PRO D 291 22.57 10.79 24.67
C PRO D 291 23.52 11.23 23.58
N GLY D 292 22.95 11.66 22.46
CA GLY D 292 23.73 12.06 21.31
C GLY D 292 23.58 11.13 20.12
N GLY D 293 23.31 11.68 18.95
CA GLY D 293 23.23 10.90 17.74
C GLY D 293 21.93 10.11 17.62
N LEU D 294 21.66 9.65 16.40
CA LEU D 294 20.50 8.80 16.12
C LEU D 294 20.87 7.35 16.38
N VAL D 295 20.19 6.73 17.34
CA VAL D 295 20.47 5.35 17.70
C VAL D 295 19.42 4.45 17.07
N ALA D 296 19.81 3.22 16.76
CA ALA D 296 18.93 2.19 16.22
C ALA D 296 18.76 1.11 17.26
N ILE D 297 17.58 1.03 17.87
CA ILE D 297 17.29 0.08 18.94
C ILE D 297 16.62 -1.14 18.30
N GLY D 298 17.30 -2.27 18.32
CA GLY D 298 16.68 -3.51 17.88
C GLY D 298 15.86 -4.13 19.00
N THR D 299 14.67 -4.61 18.63
CA THR D 299 13.76 -5.24 19.59
C THR D 299 13.30 -6.59 19.07
N TYR D 300 12.51 -7.28 19.88
CA TYR D 300 11.88 -8.53 19.50
C TYR D 300 10.49 -8.32 18.91
N LEU D 301 10.12 -7.08 18.60
CA LEU D 301 8.78 -6.76 18.13
C LEU D 301 8.57 -7.19 16.69
N ASP D 302 7.34 -7.62 16.40
CA ASP D 302 6.94 -7.97 15.04
C ASP D 302 7.16 -6.77 14.12
N PRO D 303 7.85 -6.94 12.99
CA PRO D 303 7.99 -5.82 12.03
C PRO D 303 6.67 -5.21 11.61
N SER D 304 5.58 -5.98 11.57
CA SER D 304 4.28 -5.42 11.22
C SER D 304 3.74 -4.50 12.31
N LEU D 305 4.26 -4.62 13.54
CA LEU D 305 3.83 -3.76 14.64
C LEU D 305 4.59 -2.45 14.67
N THR D 306 5.91 -2.49 14.52
CA THR D 306 6.71 -1.27 14.55
C THR D 306 6.39 -0.36 13.36
N LYS D 307 5.87 -0.91 12.26
CA LYS D 307 5.50 -0.13 11.09
C LYS D 307 3.99 -0.06 10.89
N ALA D 308 3.21 -0.43 11.90
CA ALA D 308 1.76 -0.33 11.80
C ALA D 308 1.34 1.14 11.80
N ASP D 309 0.30 1.45 11.03
CA ASP D 309 -0.16 2.83 10.95
C ASP D 309 -0.96 3.28 12.16
N ASN D 310 -1.26 2.38 13.10
CA ASN D 310 -1.94 2.75 14.33
C ASN D 310 -1.01 2.71 15.54
N LEU D 311 0.30 2.80 15.32
CA LEU D 311 1.27 2.86 16.42
C LEU D 311 1.65 4.32 16.67
N LEU D 312 1.41 4.78 17.90
CA LEU D 312 1.84 6.11 18.32
C LEU D 312 3.06 5.93 19.20
N GLY D 313 4.21 5.70 18.55
CA GLY D 313 5.45 5.50 19.26
C GLY D 313 6.23 6.79 19.39
N SER D 314 5.96 7.55 20.44
CA SER D 314 6.59 8.85 20.62
C SER D 314 7.88 8.77 21.42
N ILE D 315 7.90 7.98 22.49
CA ILE D 315 9.08 7.84 23.33
C ILE D 315 9.29 6.39 23.72
N ILE D 316 10.51 6.09 24.17
CA ILE D 316 10.88 4.78 24.70
C ILE D 316 11.55 4.99 26.06
N THR D 317 11.13 4.23 27.05
CA THR D 317 11.74 4.25 28.37
C THR D 317 11.91 2.82 28.85
N LEU D 318 12.55 2.65 30.00
CA LEU D 318 12.59 1.35 30.64
C LEU D 318 11.19 0.93 31.06
N ALA D 319 10.98 -0.38 31.13
CA ALA D 319 9.63 -0.90 31.36
C ALA D 319 9.10 -0.55 32.75
N ASP D 320 9.98 -0.33 33.72
CA ASP D 320 9.57 -0.02 35.08
C ASP D 320 9.54 1.48 35.37
N ALA D 321 9.91 2.31 34.41
CA ALA D 321 9.88 3.76 34.62
C ALA D 321 8.44 4.25 34.75
N GLU D 322 8.27 5.27 35.59
CA GLU D 322 6.96 5.88 35.83
C GLU D 322 6.76 7.00 34.81
N VAL D 323 5.92 6.75 33.81
CA VAL D 323 5.67 7.73 32.76
C VAL D 323 4.17 7.79 32.49
N PRO D 324 3.46 8.80 33.01
CA PRO D 324 2.03 8.90 32.74
C PRO D 324 1.75 9.25 31.29
N VAL D 325 0.64 8.70 30.78
CA VAL D 325 0.15 8.98 29.44
C VAL D 325 -1.17 9.72 29.61
N LEU D 326 -1.19 11.00 29.22
CA LEU D 326 -2.27 11.91 29.57
C LEU D 326 -3.07 12.33 28.34
N TRP D 327 -4.39 12.22 28.43
CA TRP D 327 -5.30 12.78 27.43
C TRP D 327 -5.73 14.21 27.76
N ASN D 328 -5.38 14.71 28.94
CA ASN D 328 -5.66 16.09 29.35
C ASN D 328 -4.44 16.61 30.10
N ILE D 329 -4.03 17.84 29.80
CA ILE D 329 -2.82 18.40 30.40
C ILE D 329 -3.06 19.84 30.83
N ARG D 330 -2.39 20.22 31.92
CA ARG D 330 -2.34 21.58 32.40
C ARG D 330 -0.98 22.17 32.08
N ILE D 331 -0.97 23.36 31.49
CA ILE D 331 0.25 23.97 30.98
C ILE D 331 0.40 25.37 31.58
N LYS D 332 1.56 25.64 32.18
CA LYS D 332 1.91 26.99 32.63
C LYS D 332 2.61 27.69 31.48
N TYR D 333 1.93 28.66 30.88
CA TYR D 333 2.30 29.16 29.56
C TYR D 333 2.71 30.63 29.60
N ASN D 334 3.47 31.02 28.59
CA ASN D 334 3.78 32.42 28.30
C ASN D 334 3.64 32.63 26.81
N LEU D 335 3.04 33.75 26.41
CA LEU D 335 2.80 34.04 25.01
C LEU D 335 3.85 34.99 24.47
N LEU D 336 4.18 34.81 23.19
CA LEU D 336 5.06 35.75 22.51
C LEU D 336 4.38 37.10 22.36
N GLU D 337 5.16 38.17 22.50
CA GLU D 337 4.61 39.51 22.33
C GLU D 337 4.10 39.74 20.91
N ARG D 338 4.80 39.18 19.92
CA ARG D 338 4.42 39.28 18.52
C ARG D 338 4.82 37.99 17.83
N VAL D 339 3.96 37.50 16.94
CA VAL D 339 4.24 36.25 16.25
C VAL D 339 5.34 36.50 15.22
N VAL D 340 6.46 35.80 15.37
CA VAL D 340 7.61 35.93 14.48
C VAL D 340 7.42 35.01 13.28
N GLY D 341 8.27 35.17 12.27
CA GLY D 341 8.16 34.40 11.06
C GLY D 341 7.15 34.90 10.06
N ALA D 342 6.31 35.86 10.44
CA ALA D 342 5.35 36.43 9.52
C ALA D 342 6.00 37.54 8.69
N LYS D 343 5.29 37.96 7.63
CA LYS D 343 5.79 39.02 6.78
C LYS D 343 5.87 40.34 7.53
N GLU D 344 4.93 40.57 8.46
CA GLU D 344 4.98 41.70 9.37
C GLU D 344 4.64 41.19 10.77
N MET D 345 5.20 41.87 11.78
CA MET D 345 5.03 41.45 13.16
C MET D 345 3.57 41.60 13.60
N LEU D 346 2.80 40.53 13.49
CA LEU D 346 1.41 40.53 13.92
C LEU D 346 1.31 40.41 15.44
N LYS D 347 0.15 40.80 15.96
CA LYS D 347 -0.10 40.77 17.40
C LYS D 347 -0.71 39.43 17.79
N VAL D 348 -0.22 38.88 18.90
CA VAL D 348 -0.67 37.59 19.39
C VAL D 348 -1.89 37.81 20.27
N ASP D 349 -3.05 37.38 19.80
CA ASP D 349 -4.27 37.48 20.58
C ASP D 349 -4.22 36.53 21.78
N PRO D 350 -4.91 36.85 22.86
CA PRO D 350 -4.92 35.96 24.03
C PRO D 350 -5.56 34.62 23.70
N ILE D 351 -5.14 33.58 24.42
CA ILE D 351 -5.73 32.27 24.26
C ILE D 351 -7.17 32.31 24.72
N ARG D 352 -8.08 31.77 23.91
CA ARG D 352 -9.49 31.71 24.23
C ARG D 352 -9.94 30.27 24.41
N ALA D 353 -10.96 30.08 25.25
CA ALA D 353 -11.52 28.76 25.46
C ALA D 353 -12.11 28.22 24.16
N LYS D 354 -12.07 26.89 24.02
CA LYS D 354 -12.53 26.12 22.87
C LYS D 354 -11.64 26.29 21.64
N GLU D 355 -10.53 27.04 21.75
CA GLU D 355 -9.59 27.17 20.66
C GLU D 355 -8.82 25.87 20.45
N THR D 356 -8.47 25.59 19.19
CA THR D 356 -7.64 24.45 18.85
C THR D 356 -6.19 24.91 18.74
N LEU D 357 -5.32 24.31 19.53
CA LEU D 357 -3.90 24.64 19.54
C LEU D 357 -3.08 23.41 19.18
N MET D 358 -1.92 23.66 18.58
CA MET D 358 -0.95 22.61 18.30
C MET D 358 0.15 22.66 19.35
N LEU D 359 0.45 21.52 19.95
CA LEU D 359 1.43 21.45 21.03
C LEU D 359 2.60 20.60 20.58
N SER D 360 3.80 21.20 20.59
CA SER D 360 5.04 20.49 20.31
C SER D 360 5.62 20.01 21.64
N VAL D 361 5.69 18.70 21.81
CA VAL D 361 6.21 18.08 23.03
C VAL D 361 7.20 17.01 22.61
N GLY D 362 8.43 17.12 23.08
CA GLY D 362 9.47 16.22 22.58
C GLY D 362 9.59 16.40 21.08
N SER D 363 9.54 15.28 20.36
CA SER D 363 9.64 15.30 18.91
C SER D 363 8.29 15.12 18.23
N SER D 364 7.19 15.13 18.98
CA SER D 364 5.86 14.93 18.41
C SER D 364 5.04 16.21 18.47
N THR D 365 4.00 16.24 17.65
CA THR D 365 3.02 17.32 17.64
C THR D 365 1.65 16.73 17.96
N THR D 366 0.84 17.48 18.70
CA THR D 366 -0.48 17.01 19.12
C THR D 366 -1.44 18.20 19.12
N LEU D 367 -2.61 18.00 18.55
CA LEU D 367 -3.65 19.03 18.59
C LEU D 367 -4.51 18.84 19.84
N GLY D 368 -5.11 19.93 20.28
CA GLY D 368 -5.94 19.88 21.47
C GLY D 368 -6.86 21.09 21.55
N ILE D 369 -7.90 20.94 22.36
CA ILE D 369 -8.90 21.99 22.55
C ILE D 369 -8.72 22.59 23.93
N VAL D 370 -8.73 23.92 24.00
CA VAL D 370 -8.59 24.62 25.27
C VAL D 370 -9.88 24.46 26.06
N THR D 371 -9.78 23.85 27.25
CA THR D 371 -10.93 23.69 28.13
C THR D 371 -10.92 24.65 29.31
N SER D 372 -9.84 25.40 29.51
CA SER D 372 -9.73 26.34 30.61
C SER D 372 -8.61 27.32 30.29
N VAL D 373 -8.82 28.59 30.62
CA VAL D 373 -7.82 29.62 30.31
C VAL D 373 -7.71 30.57 31.50
N LYS D 374 -6.51 30.71 32.04
CA LYS D 374 -6.20 31.67 33.08
C LYS D 374 -4.98 32.46 32.63
N LYS D 375 -4.60 33.45 33.43
CA LYS D 375 -3.48 34.33 33.06
C LYS D 375 -2.20 33.55 32.86
N ASP D 376 -1.94 32.56 33.71
CA ASP D 376 -0.69 31.80 33.68
C ASP D 376 -0.86 30.33 33.32
N GLU D 377 -2.09 29.82 33.22
CA GLU D 377 -2.31 28.41 33.01
C GLU D 377 -3.44 28.19 32.02
N ILE D 378 -3.29 27.18 31.18
CA ILE D 378 -4.37 26.69 30.33
C ILE D 378 -4.53 25.19 30.60
N GLU D 379 -5.68 24.67 30.24
CA GLU D 379 -5.95 23.24 30.28
C GLU D 379 -6.43 22.81 28.91
N VAL D 380 -5.93 21.67 28.44
CA VAL D 380 -6.12 21.26 27.05
C VAL D 380 -6.61 19.82 27.02
N GLU D 381 -7.66 19.58 26.23
CA GLU D 381 -8.14 18.23 25.94
C GLU D 381 -7.52 17.77 24.62
N LEU D 382 -6.72 16.71 24.67
CA LEU D 382 -5.86 16.33 23.56
C LEU D 382 -6.53 15.32 22.64
N ARG D 383 -6.28 15.45 21.33
CA ARG D 383 -6.80 14.49 20.37
C ARG D 383 -6.10 13.14 20.48
N ARG D 384 -4.83 13.15 20.82
CA ARG D 384 -4.04 11.97 21.14
C ARG D 384 -3.31 12.23 22.44
N PRO D 385 -3.06 11.20 23.24
CA PRO D 385 -2.38 11.40 24.52
C PRO D 385 -0.89 11.66 24.33
N VAL D 386 -0.29 12.24 25.36
CA VAL D 386 1.15 12.49 25.39
C VAL D 386 1.74 11.75 26.57
N ALA D 387 3.00 11.32 26.41
CA ALA D 387 3.75 10.65 27.46
C ALA D 387 4.65 11.67 28.16
N VAL D 388 4.42 11.86 29.46
CA VAL D 388 5.10 12.89 30.23
C VAL D 388 6.10 12.19 31.14
N TRP D 389 7.38 12.26 30.78
CA TRP D 389 8.42 11.54 31.50
C TRP D 389 9.02 12.32 32.66
N SER D 390 8.68 13.59 32.83
CA SER D 390 9.11 14.37 33.98
C SER D 390 8.18 15.57 34.13
N ASN D 391 8.30 16.24 35.28
CA ASN D 391 7.49 17.41 35.58
C ASN D 391 8.11 18.70 35.05
N ASN D 392 9.18 18.61 34.27
CA ASN D 392 9.90 19.77 33.77
C ASN D 392 9.97 19.75 32.24
N ILE D 393 8.87 19.42 31.59
CA ILE D 393 8.85 19.23 30.14
C ILE D 393 8.23 20.47 29.49
N ARG D 394 9.00 21.11 28.63
CA ARG D 394 8.57 22.31 27.93
C ARG D 394 7.80 21.94 26.66
N THR D 395 6.77 22.71 26.37
CA THR D 395 5.99 22.56 25.15
C THR D 395 5.94 23.90 24.43
N VAL D 396 5.86 23.84 23.10
CA VAL D 396 5.71 25.03 22.27
C VAL D 396 4.30 25.04 21.71
N ILE D 397 3.63 26.19 21.83
CA ILE D 397 2.23 26.34 21.47
C ILE D 397 2.13 27.05 20.13
N SER D 398 1.36 26.49 19.21
CA SER D 398 1.13 27.10 17.92
C SER D 398 -0.37 27.30 17.70
N ARG D 399 -0.71 28.31 16.91
CA ARG D 399 -2.08 28.66 16.59
C ARG D 399 -2.21 28.82 15.09
N GLN D 400 -3.33 28.35 14.55
CA GLN D 400 -3.63 28.53 13.12
C GLN D 400 -3.95 29.99 12.88
N ILE D 401 -3.02 30.72 12.28
CA ILE D 401 -3.17 32.15 12.01
C ILE D 401 -3.05 32.35 10.51
N ALA D 402 -4.19 32.60 9.85
CA ALA D 402 -4.25 32.91 8.43
C ALA D 402 -3.64 31.80 7.57
N GLY D 403 -4.25 30.62 7.68
CA GLY D 403 -3.95 29.51 6.79
C GLY D 403 -2.89 28.55 7.27
N ARG D 404 -1.97 28.99 8.12
CA ARG D 404 -0.86 28.15 8.56
C ARG D 404 -0.73 28.21 10.09
N TRP D 405 -0.04 27.21 10.63
CA TRP D 405 0.25 27.16 12.05
C TRP D 405 1.43 28.07 12.36
N ARG D 406 1.25 28.97 13.33
CA ARG D 406 2.28 29.91 13.72
C ARG D 406 2.58 29.76 15.21
N MET D 407 3.86 29.77 15.54
CA MET D 407 4.32 29.65 16.91
C MET D 407 3.95 30.90 17.69
N ILE D 408 3.14 30.75 18.73
CA ILE D 408 2.63 31.89 19.50
C ILE D 408 3.12 31.91 20.93
N GLY D 409 3.70 30.84 21.44
CA GLY D 409 4.11 30.83 22.82
C GLY D 409 4.75 29.52 23.23
N TRP D 410 4.86 29.33 24.53
CA TRP D 410 5.51 28.14 25.08
C TRP D 410 5.03 27.96 26.51
N GLY D 411 5.35 26.80 27.09
CA GLY D 411 4.92 26.55 28.44
C GLY D 411 5.55 25.29 29.00
N LEU D 412 5.21 25.02 30.26
CA LEU D 412 5.67 23.84 30.97
C LEU D 412 4.48 22.95 31.27
N VAL D 413 4.60 21.66 30.94
CA VAL D 413 3.55 20.70 31.24
C VAL D 413 3.60 20.38 32.73
N GLU D 414 2.51 20.64 33.43
CA GLU D 414 2.45 20.51 34.88
C GLU D 414 1.81 19.19 35.27
N ILE D 415 2.46 18.45 36.16
CA ILE D 415 1.97 17.16 36.61
C ILE D 415 1.25 17.34 37.95
N ALA E 2 -1.86 32.51 -55.96
CA ALA E 2 -1.61 32.12 -54.57
C ALA E 2 -0.34 32.78 -54.04
N TRP E 3 0.50 31.99 -53.36
CA TRP E 3 1.74 32.57 -52.85
C TRP E 3 2.92 32.14 -53.72
N PRO E 4 3.85 33.06 -53.97
CA PRO E 4 4.99 32.73 -54.83
C PRO E 4 5.93 31.75 -54.15
N LYS E 5 6.40 30.77 -54.92
CA LYS E 5 7.33 29.76 -54.42
C LYS E 5 8.77 30.18 -54.72
N VAL E 6 9.15 31.33 -54.16
CA VAL E 6 10.47 31.92 -54.39
C VAL E 6 11.46 31.37 -53.39
N GLN E 7 12.68 31.90 -53.40
CA GLN E 7 13.72 31.49 -52.48
C GLN E 7 13.73 32.37 -51.24
N PRO E 8 14.28 31.88 -50.13
CA PRO E 8 14.44 32.74 -48.95
C PRO E 8 15.44 33.85 -49.21
N GLU E 9 15.09 35.06 -48.77
CA GLU E 9 15.87 36.26 -49.05
C GLU E 9 16.67 36.76 -47.85
N VAL E 10 16.63 36.06 -46.72
CA VAL E 10 17.33 36.52 -45.53
C VAL E 10 17.57 35.33 -44.61
N ASN E 11 18.73 35.30 -43.98
CA ASN E 11 19.09 34.27 -43.01
C ASN E 11 19.03 34.84 -41.60
N ILE E 12 18.38 34.11 -40.70
CA ILE E 12 18.23 34.52 -39.31
C ILE E 12 18.95 33.50 -38.45
N GLY E 13 20.00 33.93 -37.76
CA GLY E 13 20.70 33.04 -36.87
C GLY E 13 19.95 32.84 -35.56
N VAL E 14 20.08 31.64 -35.01
CA VAL E 14 19.47 31.28 -33.73
C VAL E 14 20.59 30.82 -32.81
N VAL E 15 20.94 31.66 -31.83
CA VAL E 15 22.05 31.39 -30.92
C VAL E 15 21.57 31.51 -29.49
N GLY E 16 22.40 31.00 -28.59
CA GLY E 16 22.08 31.03 -27.17
C GLY E 16 22.78 29.89 -26.45
N HIS E 17 22.54 29.84 -25.14
CA HIS E 17 23.12 28.79 -24.32
C HIS E 17 22.48 27.44 -24.64
N VAL E 18 23.15 26.37 -24.22
CA VAL E 18 22.68 25.02 -24.51
C VAL E 18 21.36 24.77 -23.79
N ASP E 19 20.45 24.07 -24.46
CA ASP E 19 19.16 23.62 -23.91
C ASP E 19 18.23 24.77 -23.55
N HIS E 20 18.44 25.95 -24.13
CA HIS E 20 17.55 27.08 -23.87
C HIS E 20 16.39 27.17 -24.86
N GLY E 21 16.30 26.25 -25.82
CA GLY E 21 15.17 26.17 -26.71
C GLY E 21 15.37 26.72 -28.11
N LYS E 22 16.59 26.67 -28.64
CA LYS E 22 16.83 27.21 -29.97
C LYS E 22 16.13 26.40 -31.05
N THR E 23 16.33 25.08 -31.06
CA THR E 23 15.68 24.23 -32.05
C THR E 23 14.16 24.26 -31.90
N THR E 24 13.67 24.23 -30.67
CA THR E 24 12.22 24.31 -30.45
C THR E 24 11.66 25.64 -30.94
N LEU E 25 12.42 26.72 -30.80
CA LEU E 25 11.93 28.02 -31.28
C LEU E 25 11.81 28.03 -32.79
N VAL E 26 12.78 27.43 -33.49
CA VAL E 26 12.69 27.31 -34.94
C VAL E 26 11.51 26.43 -35.33
N GLN E 27 11.26 25.38 -34.55
CA GLN E 27 10.11 24.52 -34.81
C GLN E 27 8.80 25.27 -34.60
N ALA E 28 8.73 26.11 -33.56
CA ALA E 28 7.52 26.86 -33.31
C ALA E 28 7.24 27.89 -34.39
N ILE E 29 8.25 28.29 -35.16
CA ILE E 29 8.07 29.27 -36.23
C ILE E 29 7.86 28.59 -37.57
N THR E 30 8.68 27.59 -37.89
CA THR E 30 8.67 26.96 -39.21
C THR E 30 7.91 25.65 -39.25
N GLY E 31 7.73 24.98 -38.10
CA GLY E 31 7.16 23.65 -38.08
C GLY E 31 8.15 22.55 -38.35
N ILE E 32 9.39 22.88 -38.70
CA ILE E 32 10.42 21.89 -39.02
C ILE E 32 11.33 21.73 -37.80
N TRP E 33 11.73 20.48 -37.54
CA TRP E 33 12.74 20.18 -36.53
C TRP E 33 14.09 20.07 -37.25
N THR E 34 14.95 21.08 -37.06
CA THR E 34 16.18 21.17 -37.83
C THR E 34 17.15 20.04 -37.52
N SER E 35 17.17 19.57 -36.27
CA SER E 35 18.10 18.51 -35.88
C SER E 35 17.44 17.14 -36.04
N MET E 45 21.90 16.54 -29.11
CA MET E 45 21.65 17.96 -29.30
C MET E 45 21.98 18.38 -30.74
N THR E 46 21.94 19.68 -31.01
CA THR E 46 22.32 20.21 -32.31
C THR E 46 23.84 20.16 -32.45
N ILE E 47 24.32 19.43 -33.46
CA ILE E 47 25.75 19.34 -33.73
C ILE E 47 26.08 20.27 -34.89
N LYS E 48 25.78 19.83 -36.11
CA LYS E 48 25.99 20.67 -37.28
C LYS E 48 24.91 21.75 -37.33
N LEU E 49 25.02 22.62 -38.33
CA LEU E 49 24.07 23.72 -38.48
C LEU E 49 22.67 23.19 -38.79
N GLY E 50 21.67 23.83 -38.21
CA GLY E 50 20.28 23.51 -38.48
C GLY E 50 19.67 24.52 -39.42
N TYR E 51 18.74 24.07 -40.25
CA TYR E 51 18.18 24.91 -41.30
C TYR E 51 16.69 24.63 -41.46
N ALA E 52 15.92 25.72 -41.61
CA ALA E 52 14.48 25.63 -41.83
C ALA E 52 14.02 26.93 -42.48
N GLU E 53 12.97 26.83 -43.29
CA GLU E 53 12.41 27.97 -44.00
C GLU E 53 10.93 28.12 -43.69
N THR E 54 10.40 29.30 -43.99
CA THR E 54 8.98 29.57 -43.86
C THR E 54 8.65 30.85 -44.60
N ASN E 55 7.44 30.90 -45.15
CA ASN E 55 6.91 32.14 -45.70
C ASN E 55 6.34 32.99 -44.57
N ILE E 56 6.29 34.30 -44.82
CA ILE E 56 5.79 35.27 -43.84
C ILE E 56 4.71 36.10 -44.52
N GLY E 57 3.48 36.03 -44.00
CA GLY E 57 2.37 36.79 -44.51
C GLY E 57 1.81 37.74 -43.45
N VAL E 58 0.78 38.47 -43.87
CA VAL E 58 0.10 39.41 -42.97
C VAL E 58 -1.33 39.59 -43.48
N CYS E 59 -2.24 39.82 -42.54
CA CYS E 59 -3.65 40.05 -42.83
C CYS E 59 -3.98 41.51 -42.56
N GLU E 60 -4.42 42.22 -43.60
CA GLU E 60 -4.69 43.65 -43.45
C GLU E 60 -5.92 43.90 -42.59
N SER E 61 -6.96 43.08 -42.76
CA SER E 61 -8.19 43.28 -41.98
C SER E 61 -8.03 42.87 -40.53
N CYS E 62 -7.03 42.05 -40.21
CA CYS E 62 -6.80 41.60 -38.84
C CYS E 62 -5.84 42.54 -38.12
N LYS E 63 -5.83 42.45 -36.80
CA LYS E 63 -5.01 43.31 -35.96
C LYS E 63 -3.71 42.60 -35.59
N LYS E 64 -2.67 43.41 -35.42
CA LYS E 64 -1.33 42.95 -35.10
C LYS E 64 -1.17 42.74 -33.59
N PRO E 65 -0.26 41.86 -33.17
CA PRO E 65 0.63 41.04 -33.99
C PRO E 65 -0.02 39.74 -34.47
N GLU E 66 -1.30 39.55 -34.16
CA GLU E 66 -2.02 38.36 -34.59
C GLU E 66 -2.17 38.30 -36.11
N ALA E 67 -1.99 39.43 -36.81
CA ALA E 67 -2.22 39.45 -38.25
C ALA E 67 -1.13 38.71 -39.02
N TYR E 68 0.07 38.60 -38.46
CA TYR E 68 1.17 37.93 -39.15
C TYR E 68 0.94 36.43 -39.14
N VAL E 69 1.08 35.80 -40.32
CA VAL E 69 0.88 34.37 -40.50
C VAL E 69 2.12 33.79 -41.15
N THR E 70 2.20 32.45 -41.12
CA THR E 70 3.21 31.70 -41.85
C THR E 70 2.59 30.71 -42.83
N GLU E 71 1.34 30.94 -43.21
CA GLU E 71 0.62 30.09 -44.15
C GLU E 71 -0.42 30.95 -44.86
N PRO E 72 -0.83 30.57 -46.08
CA PRO E 72 -1.82 31.39 -46.80
C PRO E 72 -3.22 31.25 -46.23
N SER E 73 -3.48 31.89 -45.09
CA SER E 73 -4.81 31.87 -44.48
C SER E 73 -4.92 33.01 -43.49
N CYS E 74 -6.11 33.62 -43.43
CA CYS E 74 -6.44 34.63 -42.43
C CYS E 74 -7.68 34.24 -41.62
N LYS E 75 -8.14 32.99 -41.75
CA LYS E 75 -9.35 32.56 -41.05
C LYS E 75 -9.15 32.49 -39.54
N SER E 76 -7.91 32.34 -39.07
CA SER E 76 -7.64 32.30 -37.64
C SER E 76 -7.91 33.63 -36.95
N CYS E 77 -8.15 34.70 -37.71
CA CYS E 77 -8.46 36.00 -37.13
C CYS E 77 -9.70 36.63 -37.75
N GLY E 78 -10.55 35.83 -38.39
CA GLY E 78 -11.81 36.32 -38.91
C GLY E 78 -11.71 37.03 -40.24
N SER E 79 -11.30 36.31 -41.28
CA SER E 79 -11.24 36.85 -42.63
C SER E 79 -11.15 35.76 -43.69
N ASP E 80 -11.98 35.85 -44.73
CA ASP E 80 -11.92 34.91 -45.84
C ASP E 80 -10.90 35.33 -46.91
N ASP E 81 -10.25 36.47 -46.73
CA ASP E 81 -9.26 36.96 -47.68
C ASP E 81 -7.96 36.16 -47.56
N GLU E 82 -7.09 36.34 -48.55
CA GLU E 82 -5.78 35.71 -48.50
C GLU E 82 -4.75 36.68 -47.93
N PRO E 83 -3.84 36.20 -47.08
CA PRO E 83 -2.83 37.10 -46.51
C PRO E 83 -1.85 37.56 -47.57
N LYS E 84 -1.44 38.83 -47.46
CA LYS E 84 -0.47 39.39 -48.39
C LYS E 84 0.91 38.81 -48.10
N PHE E 85 1.52 38.22 -49.13
CA PHE E 85 2.86 37.66 -48.98
C PHE E 85 3.87 38.79 -48.77
N LEU E 86 4.69 38.65 -47.73
CA LEU E 86 5.74 39.63 -47.44
C LEU E 86 7.10 39.14 -47.93
N ARG E 87 7.57 38.02 -47.41
CA ARG E 87 8.87 37.47 -47.77
C ARG E 87 8.99 36.06 -47.21
N ARG E 88 9.93 35.30 -47.76
CA ARG E 88 10.30 34.00 -47.22
C ARG E 88 11.63 34.13 -46.49
N ILE E 89 11.68 33.63 -45.27
CA ILE E 89 12.87 33.75 -44.43
C ILE E 89 13.44 32.35 -44.19
N SER E 90 14.65 32.32 -43.65
CA SER E 90 15.33 31.08 -43.30
C SER E 90 16.04 31.25 -41.98
N PHE E 91 16.31 30.13 -41.30
CA PHE E 91 16.90 30.15 -39.98
C PHE E 91 18.16 29.30 -39.96
N ILE E 92 19.24 29.87 -39.41
CA ILE E 92 20.50 29.16 -39.20
C ILE E 92 20.53 28.76 -37.74
N ASP E 93 20.17 27.50 -37.46
CA ASP E 93 20.09 27.00 -36.09
C ASP E 93 21.48 26.58 -35.64
N ALA E 94 22.12 27.42 -34.82
CA ALA E 94 23.47 27.19 -34.36
C ALA E 94 23.48 26.36 -33.08
N PRO E 95 24.48 25.50 -32.90
CA PRO E 95 24.59 24.74 -31.65
C PRO E 95 24.92 25.65 -30.48
N GLY E 96 24.49 25.22 -29.29
CA GLY E 96 24.72 26.01 -28.10
C GLY E 96 25.75 25.42 -27.16
N HIS E 97 26.27 24.23 -27.51
CA HIS E 97 27.25 23.58 -26.66
C HIS E 97 28.57 24.35 -26.65
N GLU E 98 29.34 24.13 -25.59
CA GLU E 98 30.60 24.87 -25.42
C GLU E 98 31.65 24.39 -26.42
N VAL E 99 31.71 23.10 -26.69
CA VAL E 99 32.73 22.55 -27.59
C VAL E 99 32.46 22.82 -29.05
N LEU E 100 31.26 23.31 -29.39
CA LEU E 100 30.88 23.57 -30.78
C LEU E 100 30.84 25.06 -31.10
N MET E 101 31.74 25.84 -30.49
CA MET E 101 31.73 27.28 -30.73
C MET E 101 32.20 27.61 -32.15
N ALA E 102 33.15 26.84 -32.68
CA ALA E 102 33.63 27.07 -34.03
C ALA E 102 32.53 26.85 -35.06
N THR E 103 31.58 25.95 -34.77
CA THR E 103 30.45 25.76 -35.67
C THR E 103 29.53 26.98 -35.66
N MET E 104 29.32 27.58 -34.48
CA MET E 104 28.52 28.79 -34.39
C MET E 104 29.16 29.92 -35.18
N LEU E 105 30.48 30.05 -35.09
CA LEU E 105 31.17 31.12 -35.83
C LEU E 105 31.04 30.91 -37.33
N SER E 106 31.13 29.66 -37.79
CA SER E 106 30.96 29.39 -39.21
C SER E 106 29.55 29.74 -39.68
N GLY E 107 28.55 29.48 -38.85
CA GLY E 107 27.20 29.86 -39.21
C GLY E 107 26.95 31.35 -39.10
N ALA E 108 27.70 32.03 -38.23
CA ALA E 108 27.53 33.47 -38.07
C ALA E 108 27.99 34.26 -39.29
N ALA E 109 28.89 33.69 -40.10
CA ALA E 109 29.26 34.33 -41.36
C ALA E 109 28.17 34.23 -42.41
N LEU E 110 27.10 33.47 -42.12
CA LEU E 110 25.98 33.29 -43.04
C LEU E 110 24.77 34.11 -42.67
N MET E 111 24.72 34.68 -41.47
CA MET E 111 23.53 35.33 -40.95
C MET E 111 23.45 36.78 -41.41
N ASP E 112 22.24 37.20 -41.80
CA ASP E 112 21.95 38.61 -41.98
C ASP E 112 21.46 39.25 -40.69
N GLY E 113 20.87 38.44 -39.80
CA GLY E 113 20.47 38.86 -38.48
C GLY E 113 20.55 37.67 -37.56
N ALA E 114 20.14 37.86 -36.31
CA ALA E 114 20.26 36.79 -35.34
C ALA E 114 19.15 36.89 -34.30
N ILE E 115 18.92 35.76 -33.63
CA ILE E 115 18.00 35.67 -32.51
C ILE E 115 18.75 35.02 -31.36
N LEU E 116 18.86 35.74 -30.24
CA LEU E 116 19.53 35.22 -29.04
C LEU E 116 18.45 34.70 -28.09
N VAL E 117 18.46 33.38 -27.86
CA VAL E 117 17.46 32.73 -27.03
C VAL E 117 18.00 32.63 -25.60
N VAL E 118 17.25 33.18 -24.65
CA VAL E 118 17.64 33.15 -23.24
C VAL E 118 16.51 32.51 -22.45
N ALA E 119 16.84 31.46 -21.70
CA ALA E 119 15.83 30.74 -20.92
C ALA E 119 15.43 31.57 -19.71
N ALA E 120 14.12 31.71 -19.49
CA ALA E 120 13.62 32.49 -18.38
C ALA E 120 13.81 31.81 -17.03
N ASN E 121 14.11 30.51 -17.02
CA ASN E 121 14.30 29.78 -15.77
C ASN E 121 15.77 29.55 -15.44
N GLU E 122 16.66 30.35 -16.03
CA GLU E 122 18.09 30.24 -15.79
C GLU E 122 18.68 31.60 -15.45
N PRO E 123 19.69 31.63 -14.58
CA PRO E 123 20.33 32.91 -14.24
C PRO E 123 21.02 33.52 -15.46
N PHE E 124 20.71 34.79 -15.71
CA PHE E 124 21.28 35.56 -16.83
C PHE E 124 22.50 36.34 -16.36
N PRO E 125 23.60 36.32 -17.14
CA PRO E 125 23.74 35.55 -18.38
C PRO E 125 24.57 34.27 -18.22
N GLN E 126 24.23 33.24 -18.98
CA GLN E 126 24.99 32.01 -19.01
C GLN E 126 26.26 32.20 -19.84
N PRO E 127 27.25 31.31 -19.68
CA PRO E 127 28.51 31.47 -20.46
C PRO E 127 28.30 31.61 -21.96
N GLN E 128 27.51 30.74 -22.57
CA GLN E 128 27.28 30.83 -24.01
C GLN E 128 26.30 31.94 -24.39
N THR E 129 25.51 32.44 -23.43
CA THR E 129 24.74 33.65 -23.69
C THR E 129 25.66 34.85 -23.86
N ARG E 130 26.73 34.92 -23.06
CA ARG E 130 27.72 35.97 -23.23
C ARG E 130 28.54 35.77 -24.49
N GLU E 131 29.07 34.56 -24.68
CA GLU E 131 30.01 34.32 -25.76
C GLU E 131 29.36 34.47 -27.13
N HIS E 132 28.11 34.00 -27.27
CA HIS E 132 27.41 34.17 -28.54
C HIS E 132 27.07 35.65 -28.79
N PHE E 133 26.64 36.36 -27.74
CA PHE E 133 26.31 37.77 -27.90
C PHE E 133 27.54 38.58 -28.29
N VAL E 134 28.68 38.29 -27.67
CA VAL E 134 29.92 38.98 -28.03
C VAL E 134 30.33 38.60 -29.45
N ALA E 135 30.15 37.34 -29.84
CA ALA E 135 30.51 36.92 -31.18
C ALA E 135 29.64 37.61 -32.23
N LEU E 136 28.36 37.82 -31.93
CA LEU E 136 27.48 38.48 -32.89
C LEU E 136 27.89 39.93 -33.10
N GLY E 137 28.21 40.65 -32.03
CA GLY E 137 28.71 42.00 -32.17
C GLY E 137 30.09 42.06 -32.79
N ILE E 138 30.89 41.02 -32.60
CA ILE E 138 32.21 40.97 -33.21
C ILE E 138 32.09 40.83 -34.72
N ILE E 139 31.31 39.84 -35.18
CA ILE E 139 31.20 39.57 -36.60
C ILE E 139 30.35 40.60 -37.33
N GLY E 140 29.53 41.35 -36.60
CA GLY E 140 28.79 42.47 -37.18
C GLY E 140 27.30 42.27 -37.32
N VAL E 141 26.80 41.06 -37.05
CA VAL E 141 25.37 40.81 -37.12
C VAL E 141 24.69 41.55 -35.96
N LYS E 142 24.24 42.78 -36.22
CA LYS E 142 23.66 43.63 -35.20
C LYS E 142 22.15 43.74 -35.25
N ASN E 143 21.51 43.16 -36.27
CA ASN E 143 20.04 43.09 -36.31
C ASN E 143 19.60 41.89 -35.46
N LEU E 144 19.75 42.06 -34.15
CA LEU E 144 19.54 40.98 -33.19
C LEU E 144 18.18 41.12 -32.50
N ILE E 145 17.63 39.99 -32.09
CA ILE E 145 16.40 39.93 -31.32
C ILE E 145 16.66 39.06 -30.09
N ILE E 146 16.39 39.60 -28.91
CA ILE E 146 16.48 38.85 -27.67
C ILE E 146 15.14 38.14 -27.45
N VAL E 147 15.17 36.82 -27.38
CA VAL E 147 13.97 36.02 -27.17
C VAL E 147 14.05 35.41 -25.78
N GLN E 148 13.15 35.83 -24.90
CA GLN E 148 13.04 35.25 -23.55
C GLN E 148 12.17 34.01 -23.66
N ASN E 149 12.81 32.84 -23.68
CA ASN E 149 12.12 31.58 -23.88
C ASN E 149 11.76 30.94 -22.54
N LYS E 150 10.87 29.95 -22.61
CA LYS E 150 10.46 29.17 -21.43
C LYS E 150 9.79 30.05 -20.37
N VAL E 151 9.02 31.03 -20.84
CA VAL E 151 8.31 31.90 -19.89
C VAL E 151 7.19 31.16 -19.17
N ASP E 152 6.76 30.01 -19.69
CA ASP E 152 5.74 29.21 -19.03
C ASP E 152 6.27 28.51 -17.78
N VAL E 153 7.58 28.47 -17.59
CA VAL E 153 8.15 27.77 -16.44
C VAL E 153 8.11 28.66 -15.19
N VAL E 154 8.16 29.97 -15.36
CA VAL E 154 8.29 30.90 -14.24
C VAL E 154 7.12 31.88 -14.27
N SER E 155 6.93 32.58 -13.15
CA SER E 155 5.88 33.58 -13.05
C SER E 155 6.21 34.80 -13.90
N LYS E 156 5.21 35.69 -14.04
CA LYS E 156 5.41 36.88 -14.86
C LYS E 156 6.39 37.84 -14.21
N GLU E 157 6.37 37.94 -12.88
CA GLU E 157 7.28 38.85 -12.19
C GLU E 157 8.72 38.34 -12.27
N GLU E 158 8.91 37.03 -12.20
CA GLU E 158 10.26 36.49 -12.35
C GLU E 158 10.81 36.73 -13.75
N ALA E 159 9.94 36.67 -14.77
CA ALA E 159 10.39 36.98 -16.12
C ALA E 159 10.68 38.47 -16.28
N LEU E 160 9.91 39.33 -15.61
CA LEU E 160 10.20 40.76 -15.64
C LEU E 160 11.51 41.07 -14.94
N SER E 161 11.83 40.33 -13.87
CA SER E 161 13.10 40.55 -13.19
C SER E 161 14.28 40.21 -14.11
N GLN E 162 14.19 39.09 -14.83
CA GLN E 162 15.22 38.75 -15.80
C GLN E 162 15.20 39.71 -16.99
N TYR E 163 14.02 40.22 -17.36
CA TYR E 163 13.92 41.21 -18.41
C TYR E 163 14.77 42.44 -18.09
N ARG E 164 14.60 42.98 -16.88
CA ARG E 164 15.36 44.14 -16.47
C ARG E 164 16.85 43.84 -16.32
N GLN E 165 17.21 42.58 -16.06
CA GLN E 165 18.63 42.21 -16.04
C GLN E 165 19.23 42.29 -17.44
N ILE E 166 18.46 41.90 -18.46
CA ILE E 166 18.96 41.93 -19.82
C ILE E 166 19.10 43.36 -20.33
N LYS E 167 18.11 44.22 -20.00
CA LYS E 167 18.22 45.63 -20.35
C LYS E 167 19.40 46.28 -19.63
N GLN E 168 19.70 45.84 -18.42
CA GLN E 168 20.89 46.31 -17.70
C GLN E 168 22.17 45.66 -18.21
N PHE E 169 22.08 44.61 -19.02
CA PHE E 169 23.24 44.00 -19.63
C PHE E 169 23.58 44.64 -20.97
N THR E 170 22.57 44.97 -21.76
CA THR E 170 22.77 45.61 -23.06
C THR E 170 23.04 47.11 -22.95
N LYS E 171 23.07 47.66 -21.75
CA LYS E 171 23.38 49.07 -21.58
C LYS E 171 24.81 49.37 -22.03
N GLY E 172 25.00 50.55 -22.60
CA GLY E 172 26.31 50.98 -23.04
C GLY E 172 26.95 50.10 -24.10
N THR E 173 26.16 49.26 -24.77
CA THR E 173 26.64 48.38 -25.81
C THR E 173 25.94 48.70 -27.13
N TRP E 174 26.32 47.98 -28.18
CA TRP E 174 25.70 48.17 -29.48
C TRP E 174 24.25 47.73 -29.50
N ALA E 175 23.84 46.85 -28.60
CA ALA E 175 22.47 46.35 -28.54
C ALA E 175 21.67 47.03 -27.44
N GLU E 176 21.89 48.34 -27.22
CA GLU E 176 21.15 49.05 -26.18
C GLU E 176 19.66 49.01 -26.43
N ASN E 177 19.25 49.06 -27.69
CA ASN E 177 17.83 49.08 -28.05
C ASN E 177 17.39 47.79 -28.73
N VAL E 178 18.01 46.67 -28.35
CA VAL E 178 17.56 45.38 -28.88
C VAL E 178 16.23 44.99 -28.22
N PRO E 179 15.24 44.54 -28.97
CA PRO E 179 13.97 44.16 -28.35
C PRO E 179 14.06 42.81 -27.67
N ILE E 180 13.29 42.67 -26.59
CA ILE E 180 13.17 41.42 -25.85
C ILE E 180 11.73 40.95 -26.00
N ILE E 181 11.55 39.76 -26.58
CA ILE E 181 10.23 39.22 -26.83
C ILE E 181 10.04 37.93 -26.03
N PRO E 182 9.17 37.93 -25.01
CA PRO E 182 8.94 36.72 -24.22
C PRO E 182 8.00 35.78 -24.96
N VAL E 183 8.45 34.54 -25.15
CA VAL E 183 7.66 33.52 -25.84
C VAL E 183 7.78 32.20 -25.08
N SER E 184 6.93 31.25 -25.45
CA SER E 184 7.09 29.84 -25.06
C SER E 184 7.21 29.03 -26.34
N ALA E 185 8.42 28.55 -26.62
CA ALA E 185 8.65 27.81 -27.85
C ALA E 185 7.98 26.43 -27.81
N LEU E 186 8.01 25.79 -26.65
CA LEU E 186 7.46 24.43 -26.55
C LEU E 186 5.96 24.41 -26.75
N HIS E 187 5.24 25.36 -26.14
CA HIS E 187 3.80 25.39 -26.17
C HIS E 187 3.25 26.44 -27.13
N LYS E 188 4.12 27.09 -27.92
CA LYS E 188 3.73 28.05 -28.96
C LYS E 188 2.85 29.16 -28.38
N ILE E 189 3.47 29.99 -27.55
CA ILE E 189 2.81 31.11 -26.90
C ILE E 189 3.56 32.40 -27.26
N ASN E 190 2.82 33.38 -27.77
CA ASN E 190 3.37 34.69 -28.13
C ASN E 190 4.38 34.58 -29.27
N ILE E 191 4.14 33.65 -30.19
CA ILE E 191 5.00 33.52 -31.36
C ILE E 191 4.68 34.60 -32.39
N ASP E 192 3.43 35.07 -32.42
CA ASP E 192 3.04 36.12 -33.37
C ASP E 192 3.81 37.41 -33.12
N SER E 193 4.08 37.74 -31.85
CA SER E 193 4.87 38.93 -31.55
C SER E 193 6.31 38.77 -32.00
N LEU E 194 6.83 37.53 -31.97
CA LEU E 194 8.18 37.30 -32.46
C LEU E 194 8.26 37.48 -33.97
N ILE E 195 7.21 37.07 -34.70
CA ILE E 195 7.16 37.28 -36.14
C ILE E 195 7.11 38.78 -36.45
N GLU E 196 6.33 39.53 -35.67
CA GLU E 196 6.28 40.98 -35.86
C GLU E 196 7.63 41.61 -35.57
N GLY E 197 8.35 41.11 -34.56
CA GLY E 197 9.68 41.62 -34.28
C GLY E 197 10.69 41.30 -35.36
N ILE E 198 10.48 40.20 -36.10
CA ILE E 198 11.37 39.85 -37.19
C ILE E 198 11.13 40.76 -38.40
N GLU E 199 9.87 41.05 -38.71
CA GLU E 199 9.57 41.96 -39.81
C GLU E 199 9.89 43.40 -39.48
N GLU E 200 10.31 43.70 -38.25
CA GLU E 200 10.62 45.06 -37.82
C GLU E 200 12.10 45.26 -37.52
N TYR E 201 12.74 44.35 -36.79
CA TYR E 201 14.09 44.57 -36.28
C TYR E 201 15.16 43.86 -37.09
N ILE E 202 14.79 43.03 -38.06
CA ILE E 202 15.74 42.40 -38.98
C ILE E 202 15.13 42.48 -40.36
N LYS E 203 15.47 43.54 -41.11
CA LYS E 203 15.01 43.71 -42.47
C LYS E 203 15.91 42.95 -43.43
N THR E 204 15.42 42.75 -44.65
CA THR E 204 16.24 42.13 -45.69
C THR E 204 17.28 43.14 -46.16
N PRO E 205 18.58 42.87 -45.97
CA PRO E 205 19.59 43.82 -46.42
C PRO E 205 19.67 43.87 -47.94
N TYR E 206 19.92 45.06 -48.47
CA TYR E 206 20.01 45.23 -49.92
C TYR E 206 21.20 44.45 -50.46
N ARG E 207 20.99 43.80 -51.61
CA ARG E 207 22.00 42.96 -52.24
C ARG E 207 22.48 43.62 -53.53
N ASP E 208 23.79 43.78 -53.65
CA ASP E 208 24.41 44.27 -54.88
C ASP E 208 24.80 43.04 -55.70
N LEU E 209 23.87 42.56 -56.51
CA LEU E 209 24.09 41.34 -57.30
C LEU E 209 25.03 41.56 -58.47
N SER E 210 25.52 42.79 -58.68
CA SER E 210 26.54 43.02 -59.70
C SER E 210 27.94 42.71 -59.20
N GLN E 211 28.10 42.39 -57.92
CA GLN E 211 29.40 42.05 -57.36
C GLN E 211 29.78 40.61 -57.74
N LYS E 212 31.01 40.24 -57.39
CA LYS E 212 31.51 38.92 -57.72
C LYS E 212 30.68 37.86 -57.00
N PRO E 213 30.20 36.83 -57.70
CA PRO E 213 29.43 35.77 -57.04
C PRO E 213 30.33 34.93 -56.14
N VAL E 214 30.04 34.94 -54.83
CA VAL E 214 30.78 34.17 -53.85
C VAL E 214 29.80 33.43 -52.97
N MET E 215 30.09 32.15 -52.71
CA MET E 215 29.25 31.30 -51.88
C MET E 215 30.12 30.58 -50.86
N LEU E 216 29.77 30.72 -49.58
CA LEU E 216 30.45 29.98 -48.52
C LEU E 216 29.85 28.59 -48.40
N VAL E 217 30.71 27.57 -48.40
CA VAL E 217 30.28 26.17 -48.37
C VAL E 217 30.27 25.68 -46.94
N ILE E 218 29.16 25.07 -46.52
CA ILE E 218 29.04 24.48 -45.20
C ILE E 218 28.67 23.00 -45.34
N ARG E 219 28.01 22.65 -46.44
CA ARG E 219 27.53 21.30 -46.68
C ARG E 219 28.01 20.80 -48.03
N SER E 220 28.20 19.49 -48.12
CA SER E 220 28.60 18.83 -49.36
C SER E 220 28.45 17.32 -49.23
N ALA E 221 27.83 16.67 -50.22
CA ALA E 221 27.66 15.23 -50.24
C ALA E 221 27.11 14.84 -51.60
N ASP E 222 26.88 13.54 -51.78
CA ASP E 222 26.16 13.02 -52.94
C ASP E 222 24.87 12.37 -52.46
N VAL E 223 23.76 12.78 -53.07
CA VAL E 223 22.44 12.28 -52.66
C VAL E 223 22.15 10.90 -53.24
N ASN E 224 23.08 10.32 -53.98
CA ASN E 224 22.89 8.98 -54.52
C ASN E 224 22.77 7.96 -53.39
N ALA E 225 21.65 7.23 -53.37
CA ALA E 225 21.45 6.18 -52.39
C ALA E 225 22.52 5.11 -52.54
N PRO E 226 22.81 4.38 -51.46
CA PRO E 226 23.84 3.33 -51.54
C PRO E 226 23.57 2.28 -52.62
N GLY E 227 22.34 2.14 -53.08
CA GLY E 227 22.03 1.20 -54.15
C GLY E 227 21.54 1.88 -55.42
N THR E 228 22.40 2.69 -56.03
CA THR E 228 22.05 3.43 -57.24
C THR E 228 22.90 2.89 -58.40
N GLN E 229 22.23 2.59 -59.52
CA GLN E 229 22.92 2.09 -60.69
C GLN E 229 23.71 3.22 -61.36
N PHE E 230 24.70 2.82 -62.17
CA PHE E 230 25.52 3.80 -62.88
C PHE E 230 24.71 4.62 -63.88
N ASN E 231 23.58 4.10 -64.36
CA ASN E 231 22.77 4.82 -65.33
C ASN E 231 22.14 6.07 -64.72
N GLU E 232 21.92 6.08 -63.40
CA GLU E 232 21.20 7.16 -62.74
C GLU E 232 22.06 7.89 -61.71
N LEU E 233 23.38 7.72 -61.76
CA LEU E 233 24.25 8.39 -60.81
C LEU E 233 24.30 9.89 -61.11
N LYS E 234 23.99 10.70 -60.11
CA LYS E 234 24.03 12.14 -60.22
C LYS E 234 25.30 12.69 -59.60
N GLY E 235 25.76 13.83 -60.12
CA GLY E 235 26.97 14.45 -59.62
C GLY E 235 26.81 14.94 -58.20
N GLY E 236 27.95 15.29 -57.59
CA GLY E 236 27.95 15.74 -56.22
C GLY E 236 27.18 17.02 -56.03
N VAL E 237 26.70 17.22 -54.80
CA VAL E 237 25.93 18.39 -54.42
C VAL E 237 26.72 19.17 -53.38
N ILE E 238 26.77 20.49 -53.54
CA ILE E 238 27.48 21.37 -52.64
C ILE E 238 26.46 22.29 -51.98
N GLY E 239 26.44 22.32 -50.66
CA GLY E 239 25.50 23.12 -49.91
C GLY E 239 26.15 24.34 -49.31
N GLY E 240 25.42 25.44 -49.30
CA GLY E 240 25.93 26.68 -48.74
C GLY E 240 24.97 27.81 -48.96
N SER E 241 25.48 29.03 -48.83
CA SER E 241 24.67 30.23 -49.03
C SER E 241 25.50 31.27 -49.77
N ILE E 242 24.83 32.02 -50.64
CA ILE E 242 25.49 33.09 -51.38
C ILE E 242 25.64 34.29 -50.45
N ILE E 243 26.85 34.84 -50.40
CA ILE E 243 27.08 36.06 -49.63
C ILE E 243 27.08 37.31 -50.50
N GLN E 244 27.37 37.18 -51.79
CA GLN E 244 27.33 38.30 -52.71
C GLN E 244 27.18 37.77 -54.13
N GLY E 245 26.55 38.57 -54.99
CA GLY E 245 26.34 38.15 -56.35
C GLY E 245 25.24 37.11 -56.46
N LEU E 246 25.23 36.41 -57.58
CA LEU E 246 24.26 35.35 -57.82
C LEU E 246 24.82 34.37 -58.83
N PHE E 247 24.25 33.17 -58.83
CA PHE E 247 24.68 32.09 -59.71
C PHE E 247 23.50 31.62 -60.56
N LYS E 248 23.79 31.22 -61.79
CA LYS E 248 22.80 30.64 -62.69
C LYS E 248 23.20 29.22 -63.04
N VAL E 249 22.21 28.43 -63.49
CA VAL E 249 22.49 27.05 -63.86
C VAL E 249 23.46 26.99 -65.04
N ASP E 250 24.10 25.84 -65.20
CA ASP E 250 25.17 25.60 -66.17
C ASP E 250 26.09 26.81 -66.29
N GLN E 251 26.71 27.17 -65.17
CA GLN E 251 27.70 28.23 -65.10
C GLN E 251 29.05 27.63 -64.74
N GLU E 252 30.10 28.13 -65.37
CA GLU E 252 31.46 27.70 -65.05
C GLU E 252 31.87 28.27 -63.69
N ILE E 253 32.11 27.38 -62.73
CA ILE E 253 32.45 27.78 -61.37
C ILE E 253 33.63 26.93 -60.90
N LYS E 254 34.18 27.33 -59.74
CA LYS E 254 35.29 26.62 -59.13
C LYS E 254 35.15 26.72 -57.62
N VAL E 255 35.63 25.69 -56.93
CA VAL E 255 35.66 25.68 -55.46
C VAL E 255 37.10 25.87 -55.02
N LEU E 256 37.28 26.58 -53.90
CA LEU E 256 38.60 26.95 -53.42
C LEU E 256 38.68 26.73 -51.92
N PRO E 257 39.82 26.26 -51.39
CA PRO E 257 41.07 25.94 -52.10
C PRO E 257 40.96 24.75 -53.06
N GLY E 258 39.99 23.87 -52.83
CA GLY E 258 39.74 22.76 -53.74
C GLY E 258 40.16 21.41 -53.22
N LEU E 259 40.78 20.60 -54.08
CA LEU E 259 41.15 19.24 -53.75
C LEU E 259 42.59 19.18 -53.23
N ARG E 260 42.78 18.41 -52.17
CA ARG E 260 44.11 18.23 -51.58
C ARG E 260 44.87 17.15 -52.36
N VAL E 261 46.00 17.53 -52.94
CA VAL E 261 46.85 16.61 -53.69
C VAL E 261 48.19 16.51 -52.98
N GLU E 262 48.88 15.40 -53.22
CA GLU E 262 50.16 15.14 -52.58
C GLU E 262 51.15 14.60 -53.60
N LYS E 263 52.42 15.03 -53.47
CA LYS E 263 53.49 14.57 -54.35
C LYS E 263 54.77 14.51 -53.52
N GLN E 264 55.33 13.30 -53.40
CA GLN E 264 56.55 13.00 -52.64
C GLN E 264 56.68 13.80 -51.34
N GLY E 265 55.57 13.98 -50.64
CA GLY E 265 55.54 14.69 -49.37
C GLY E 265 54.90 16.06 -49.44
N LYS E 266 55.01 16.73 -50.58
CA LYS E 266 54.42 18.05 -50.74
C LYS E 266 52.90 17.96 -50.68
N VAL E 267 52.29 18.94 -50.03
CA VAL E 267 50.83 19.06 -50.01
C VAL E 267 50.44 20.31 -50.79
N SER E 268 49.32 20.23 -51.48
CA SER E 268 48.84 21.34 -52.29
C SER E 268 47.34 21.21 -52.46
N TYR E 269 46.71 22.32 -52.84
CA TYR E 269 45.27 22.38 -53.07
C TYR E 269 45.03 22.96 -54.45
N GLU E 270 44.58 22.11 -55.38
CA GLU E 270 44.25 22.51 -56.74
C GLU E 270 42.78 22.88 -56.85
N PRO E 271 42.46 23.97 -57.55
CA PRO E 271 41.06 24.36 -57.70
C PRO E 271 40.26 23.28 -58.43
N ILE E 272 38.99 23.17 -58.06
CA ILE E 272 38.09 22.17 -58.62
C ILE E 272 37.10 22.90 -59.50
N PHE E 273 37.26 22.75 -60.82
CA PHE E 273 36.37 23.36 -61.79
C PHE E 273 35.24 22.41 -62.15
N THR E 274 34.04 22.96 -62.32
CA THR E 274 32.88 22.18 -62.74
C THR E 274 31.78 23.15 -63.17
N LYS E 275 30.71 22.57 -63.72
CA LYS E 275 29.51 23.30 -64.06
C LYS E 275 28.40 22.93 -63.08
N ILE E 276 27.49 23.87 -62.85
CA ILE E 276 26.42 23.68 -61.88
C ILE E 276 25.14 23.35 -62.64
N SER E 277 24.63 22.14 -62.45
CA SER E 277 23.52 21.63 -63.24
C SER E 277 22.16 21.94 -62.64
N SER E 278 22.05 22.02 -61.32
CA SER E 278 20.75 22.20 -60.68
C SER E 278 20.87 23.14 -59.49
N ILE E 279 19.89 24.03 -59.35
CA ILE E 279 19.76 24.91 -58.20
C ILE E 279 18.51 24.51 -57.44
N ALA E 280 18.61 24.43 -56.12
CA ALA E 280 17.47 24.03 -55.30
C ALA E 280 17.62 24.62 -53.90
N PHE E 281 16.53 25.19 -53.40
CA PHE E 281 16.48 25.72 -52.03
C PHE E 281 15.62 24.81 -51.17
N GLY E 282 16.17 23.63 -50.86
CA GLY E 282 15.49 22.67 -50.00
C GLY E 282 14.42 21.87 -50.71
N ASP E 283 13.44 22.55 -51.28
CA ASP E 283 12.31 21.89 -51.92
C ASP E 283 12.12 22.31 -53.37
N GLU E 284 12.11 23.61 -53.65
CA GLU E 284 11.87 24.11 -55.00
C GLU E 284 13.18 24.35 -55.73
N GLU E 285 13.17 24.06 -57.03
CA GLU E 285 14.31 24.31 -57.89
C GLU E 285 14.11 25.62 -58.65
N PHE E 286 15.22 26.30 -58.95
CA PHE E 286 15.19 27.62 -59.56
C PHE E 286 16.22 27.69 -60.68
N LYS E 287 16.10 28.74 -61.50
CA LYS E 287 17.10 29.00 -62.52
C LYS E 287 18.34 29.68 -61.93
N GLU E 288 18.17 30.50 -60.91
CA GLU E 288 19.27 31.23 -60.31
C GLU E 288 19.13 31.25 -58.79
N ALA E 289 20.23 31.56 -58.12
CA ALA E 289 20.29 31.58 -56.67
C ALA E 289 20.90 32.90 -56.20
N LYS E 290 20.23 33.56 -55.27
CA LYS E 290 20.64 34.83 -54.70
C LYS E 290 21.03 34.64 -53.23
N PRO E 291 21.66 35.66 -52.62
CA PRO E 291 21.95 35.56 -51.18
C PRO E 291 20.67 35.40 -50.36
N GLY E 292 20.75 34.55 -49.34
CA GLY E 292 19.61 34.24 -48.50
C GLY E 292 19.27 32.78 -48.62
N GLY E 293 19.17 32.10 -47.48
CA GLY E 293 18.85 30.70 -47.43
C GLY E 293 20.03 29.81 -47.80
N LEU E 294 19.83 28.51 -47.58
CA LEU E 294 20.83 27.51 -47.90
C LEU E 294 20.47 26.88 -49.24
N VAL E 295 21.32 27.08 -50.24
CA VAL E 295 21.07 26.60 -51.59
C VAL E 295 21.77 25.25 -51.79
N ALA E 296 21.11 24.36 -52.50
CA ALA E 296 21.67 23.08 -52.89
C ALA E 296 22.17 23.19 -54.33
N ILE E 297 23.46 22.90 -54.53
CA ILE E 297 24.12 23.13 -55.81
C ILE E 297 24.48 21.76 -56.39
N GLY E 298 23.73 21.33 -57.40
CA GLY E 298 24.04 20.09 -58.08
C GLY E 298 25.02 20.30 -59.22
N THR E 299 26.16 19.61 -59.15
CA THR E 299 27.23 19.78 -60.12
C THR E 299 27.45 18.47 -60.89
N TYR E 300 28.47 18.49 -61.76
CA TYR E 300 28.88 17.32 -62.51
C TYR E 300 30.12 16.65 -61.91
N LEU E 301 30.46 16.98 -60.66
CA LEU E 301 31.66 16.46 -60.05
C LEU E 301 31.49 14.98 -59.69
N ASP E 302 32.62 14.33 -59.45
CA ASP E 302 32.61 12.96 -58.96
C ASP E 302 32.12 12.95 -57.51
N PRO E 303 31.27 11.99 -57.14
CA PRO E 303 30.74 11.98 -55.76
C PRO E 303 31.79 11.79 -54.69
N SER E 304 32.98 11.29 -55.03
CA SER E 304 34.01 11.08 -54.02
C SER E 304 34.67 12.38 -53.60
N LEU E 305 34.53 13.45 -54.38
CA LEU E 305 35.13 14.74 -54.05
C LEU E 305 34.30 15.55 -53.07
N THR E 306 33.08 15.11 -52.76
CA THR E 306 32.16 15.91 -51.97
C THR E 306 31.51 15.17 -50.80
N LYS E 307 31.69 13.86 -50.70
CA LYS E 307 30.94 13.07 -49.73
C LYS E 307 31.28 13.44 -48.29
N ALA E 308 30.25 13.48 -47.44
CA ALA E 308 30.39 13.63 -45.99
C ALA E 308 30.97 14.98 -45.60
N ASP E 309 30.36 16.05 -46.12
CA ASP E 309 30.74 17.43 -45.80
C ASP E 309 32.24 17.66 -45.95
N ASN E 310 32.81 17.12 -47.03
CA ASN E 310 34.24 17.27 -47.28
C ASN E 310 34.61 18.72 -47.55
N LEU E 311 33.81 19.41 -48.38
CA LEU E 311 34.13 20.77 -48.81
C LEU E 311 33.73 21.83 -47.79
N LEU E 312 33.52 21.45 -46.53
CA LEU E 312 33.22 22.44 -45.50
C LEU E 312 34.38 23.42 -45.34
N GLY E 313 34.06 24.71 -45.38
CA GLY E 313 35.04 25.76 -45.29
C GLY E 313 35.47 26.33 -46.64
N SER E 314 35.18 25.63 -47.73
CA SER E 314 35.54 26.10 -49.05
C SER E 314 34.58 27.20 -49.50
N ILE E 315 34.94 27.87 -50.60
CA ILE E 315 34.09 28.87 -51.22
C ILE E 315 33.88 28.49 -52.68
N ILE E 316 32.84 29.07 -53.27
CA ILE E 316 32.51 28.86 -54.68
C ILE E 316 32.39 30.21 -55.35
N THR E 317 33.19 30.43 -56.40
CA THR E 317 33.11 31.61 -57.23
C THR E 317 33.03 31.17 -58.69
N LEU E 318 32.92 32.14 -59.60
CA LEU E 318 32.96 31.83 -61.02
C LEU E 318 34.34 31.29 -61.39
N ALA E 319 34.38 30.57 -62.51
CA ALA E 319 35.61 29.86 -62.89
C ALA E 319 36.77 30.82 -63.14
N ASP E 320 36.48 31.99 -63.72
CA ASP E 320 37.51 32.96 -64.05
C ASP E 320 37.65 34.04 -62.97
N ALA E 321 37.11 33.81 -61.79
CA ALA E 321 37.23 34.78 -60.71
C ALA E 321 38.65 34.79 -60.15
N GLU E 322 39.08 35.96 -59.68
CA GLU E 322 40.41 36.14 -59.12
C GLU E 322 40.30 36.07 -57.59
N VAL E 323 40.71 34.94 -57.03
CA VAL E 323 40.64 34.72 -55.59
C VAL E 323 41.97 34.17 -55.09
N PRO E 324 42.71 34.92 -54.27
CA PRO E 324 43.95 34.39 -53.71
C PRO E 324 43.69 33.26 -52.73
N VAL E 325 44.56 32.25 -52.79
CA VAL E 325 44.54 31.12 -51.87
C VAL E 325 45.82 31.18 -51.05
N LEU E 326 45.70 31.57 -49.78
CA LEU E 326 46.83 31.95 -48.95
C LEU E 326 47.16 30.86 -47.94
N TRP E 327 48.43 30.41 -47.95
CA TRP E 327 48.96 29.60 -46.86
C TRP E 327 49.54 30.44 -45.73
N ASN E 328 49.71 31.74 -45.95
CA ASN E 328 50.15 32.67 -44.92
C ASN E 328 49.28 33.91 -45.02
N ILE E 329 48.84 34.43 -43.87
CA ILE E 329 47.94 35.56 -43.84
C ILE E 329 48.45 36.61 -42.85
N ARG E 330 47.97 37.83 -43.03
CA ARG E 330 48.29 38.96 -42.16
C ARG E 330 46.97 39.58 -41.70
N ILE E 331 46.83 39.74 -40.39
CA ILE E 331 45.57 40.15 -39.78
C ILE E 331 45.81 41.37 -38.89
N LYS E 332 44.99 42.40 -39.07
CA LYS E 332 44.95 43.53 -38.14
C LYS E 332 43.96 43.17 -37.04
N TYR E 333 44.47 42.67 -35.92
CA TYR E 333 43.65 42.03 -34.90
C TYR E 333 43.33 42.98 -33.76
N ASN E 334 42.18 42.73 -33.13
CA ASN E 334 41.80 43.36 -31.87
C ASN E 334 41.48 42.27 -30.86
N LEU E 335 41.88 42.46 -29.61
CA LEU E 335 41.69 41.48 -28.57
C LEU E 335 40.64 41.95 -27.56
N LEU E 336 40.02 40.99 -26.90
CA LEU E 336 39.00 41.24 -25.90
C LEU E 336 39.64 41.62 -24.56
N GLU E 337 38.80 41.85 -23.55
CA GLU E 337 39.28 42.09 -22.20
C GLU E 337 39.45 40.79 -21.43
N ARG E 338 38.42 39.94 -21.45
CA ARG E 338 38.46 38.65 -20.78
C ARG E 338 37.83 37.60 -21.67
N VAL E 339 38.10 36.33 -21.36
CA VAL E 339 37.48 35.23 -22.08
C VAL E 339 36.00 35.17 -21.70
N VAL E 340 35.14 35.16 -22.71
CA VAL E 340 33.70 35.33 -22.48
C VAL E 340 32.95 34.02 -22.34
N GLY E 341 33.51 32.90 -22.82
CA GLY E 341 32.80 31.64 -22.79
C GLY E 341 33.33 30.66 -21.76
N ALA E 342 33.96 31.17 -20.70
CA ALA E 342 34.52 30.33 -19.66
C ALA E 342 33.65 30.37 -18.41
N LYS E 343 33.91 29.40 -17.51
CA LYS E 343 33.21 29.36 -16.24
C LYS E 343 33.47 30.64 -15.43
N GLU E 344 34.73 30.90 -15.11
CA GLU E 344 35.17 32.17 -14.55
C GLU E 344 35.93 32.92 -15.64
N MET E 345 35.42 34.09 -16.02
CA MET E 345 36.00 34.86 -17.11
C MET E 345 37.44 35.24 -16.82
N LEU E 346 38.38 34.37 -17.22
CA LEU E 346 39.80 34.64 -17.03
C LEU E 346 40.27 35.73 -17.98
N LYS E 347 41.44 36.28 -17.68
CA LYS E 347 42.00 37.40 -18.44
C LYS E 347 42.77 36.88 -19.64
N VAL E 348 42.62 37.58 -20.76
CA VAL E 348 43.25 37.15 -22.01
C VAL E 348 44.69 37.65 -22.05
N ASP E 349 45.61 36.77 -22.42
CA ASP E 349 47.01 37.15 -22.55
C ASP E 349 47.32 37.50 -24.00
N PRO E 350 48.19 38.49 -24.22
CA PRO E 350 48.50 38.90 -25.61
C PRO E 350 49.10 37.76 -26.42
N ILE E 351 48.96 37.88 -27.74
CA ILE E 351 49.45 36.85 -28.64
C ILE E 351 50.96 36.77 -28.55
N ARG E 352 51.48 35.56 -28.37
CA ARG E 352 52.91 35.31 -28.35
C ARG E 352 53.33 34.64 -29.65
N ALA E 353 54.63 34.69 -29.92
CA ALA E 353 55.16 34.07 -31.13
C ALA E 353 55.21 32.55 -30.98
N LYS E 354 55.19 31.87 -32.12
CA LYS E 354 55.34 30.42 -32.24
C LYS E 354 54.21 29.63 -31.60
N GLU E 355 53.13 30.27 -31.19
CA GLU E 355 51.99 29.55 -30.64
C GLU E 355 50.96 29.28 -31.72
N THR E 356 50.05 28.35 -31.42
CA THR E 356 49.03 27.92 -32.36
C THR E 356 47.70 28.59 -32.03
N LEU E 357 47.05 29.14 -33.06
CA LEU E 357 45.76 29.80 -32.93
C LEU E 357 44.74 29.11 -33.83
N MET E 358 43.48 29.48 -33.64
CA MET E 358 42.38 29.02 -34.49
C MET E 358 41.73 30.23 -35.12
N LEU E 359 41.65 30.23 -36.45
CA LEU E 359 41.11 31.34 -37.21
C LEU E 359 39.81 30.93 -37.87
N SER E 360 38.80 31.77 -37.74
CA SER E 360 37.49 31.54 -38.35
C SER E 360 37.30 32.57 -39.45
N VAL E 361 37.52 32.15 -40.70
CA VAL E 361 37.39 33.02 -41.86
C VAL E 361 36.22 32.49 -42.69
N GLY E 362 35.15 33.25 -42.73
CA GLY E 362 33.98 32.82 -43.48
C GLY E 362 33.38 31.58 -42.84
N SER E 363 33.26 30.52 -43.63
CA SER E 363 32.78 29.23 -43.15
C SER E 363 33.91 28.25 -42.86
N SER E 364 35.15 28.72 -42.83
CA SER E 364 36.30 27.87 -42.64
C SER E 364 36.84 28.00 -41.22
N THR E 365 37.48 26.93 -40.76
CA THR E 365 38.13 26.89 -39.45
C THR E 365 39.50 26.26 -39.62
N THR E 366 40.55 27.03 -39.39
CA THR E 366 41.91 26.61 -39.66
C THR E 366 42.82 26.94 -38.49
N LEU E 367 43.77 26.05 -38.23
CA LEU E 367 44.81 26.29 -37.22
C LEU E 367 46.07 26.80 -37.90
N GLY E 368 46.80 27.65 -37.18
CA GLY E 368 48.02 28.22 -37.71
C GLY E 368 48.97 28.64 -36.61
N ILE E 369 50.25 28.76 -36.99
CA ILE E 369 51.31 29.14 -36.07
C ILE E 369 51.64 30.61 -36.28
N VAL E 370 51.64 31.38 -35.20
CA VAL E 370 51.93 32.81 -35.30
C VAL E 370 53.43 33.00 -35.55
N THR E 371 53.75 33.80 -36.57
CA THR E 371 55.13 34.07 -36.94
C THR E 371 55.59 35.48 -36.63
N SER E 372 54.67 36.43 -36.48
CA SER E 372 55.03 37.81 -36.19
C SER E 372 53.93 38.44 -35.34
N VAL E 373 54.34 39.16 -34.29
CA VAL E 373 53.42 39.79 -33.36
C VAL E 373 53.72 41.28 -33.30
N LYS E 374 52.68 42.09 -33.44
CA LYS E 374 52.77 43.54 -33.28
C LYS E 374 51.60 44.01 -32.43
N LYS E 375 51.46 45.33 -32.28
CA LYS E 375 50.39 45.86 -31.44
C LYS E 375 49.01 45.47 -31.97
N ASP E 376 48.74 45.76 -33.24
CA ASP E 376 47.45 45.47 -33.86
C ASP E 376 47.64 44.81 -35.21
N GLU E 377 48.64 43.93 -35.33
CA GLU E 377 48.87 43.21 -36.57
C GLU E 377 49.55 41.89 -36.25
N ILE E 378 49.05 40.81 -36.84
CA ILE E 378 49.55 39.46 -36.61
C ILE E 378 49.79 38.79 -37.96
N GLU E 379 50.76 37.87 -37.98
CA GLU E 379 51.07 37.09 -39.18
C GLU E 379 51.03 35.62 -38.80
N VAL E 380 50.22 34.84 -39.53
CA VAL E 380 49.95 33.46 -39.18
C VAL E 380 50.42 32.55 -40.31
N GLU E 381 51.08 31.45 -39.95
CA GLU E 381 51.49 30.40 -40.88
C GLU E 381 50.44 29.30 -40.81
N LEU E 382 49.58 29.24 -41.83
CA LEU E 382 48.42 28.36 -41.78
C LEU E 382 48.81 26.91 -42.03
N ARG E 383 48.11 25.99 -41.36
CA ARG E 383 48.37 24.57 -41.59
C ARG E 383 47.74 24.10 -42.89
N ARG E 384 46.70 24.80 -43.36
CA ARG E 384 46.09 24.55 -44.65
C ARG E 384 45.55 25.88 -45.16
N PRO E 385 45.48 26.07 -46.48
CA PRO E 385 45.22 27.41 -47.02
C PRO E 385 43.76 27.82 -46.85
N VAL E 386 43.56 29.14 -46.92
CA VAL E 386 42.24 29.74 -46.81
C VAL E 386 42.01 30.62 -48.04
N ALA E 387 40.83 30.51 -48.63
CA ALA E 387 40.48 31.32 -49.80
C ALA E 387 39.96 32.68 -49.34
N VAL E 388 40.64 33.73 -49.76
CA VAL E 388 40.28 35.10 -49.40
C VAL E 388 39.71 35.76 -50.65
N TRP E 389 38.40 35.98 -50.65
CA TRP E 389 37.71 36.51 -51.83
C TRP E 389 37.60 38.03 -51.85
N SER E 390 38.09 38.71 -50.81
CA SER E 390 38.04 40.16 -50.76
C SER E 390 38.96 40.64 -49.66
N ASN E 391 39.33 41.92 -49.74
CA ASN E 391 40.15 42.52 -48.69
C ASN E 391 39.28 42.93 -47.51
N ASN E 392 39.87 42.91 -46.32
CA ASN E 392 39.20 43.26 -45.08
C ASN E 392 37.98 42.36 -44.84
N ILE E 393 38.29 41.08 -44.61
CA ILE E 393 37.29 40.07 -44.28
C ILE E 393 37.36 39.79 -42.79
N ARG E 394 36.20 39.72 -42.15
CA ARG E 394 36.14 39.46 -40.71
C ARG E 394 36.69 38.08 -40.39
N THR E 395 37.56 38.02 -39.38
CA THR E 395 38.08 36.76 -38.88
C THR E 395 38.00 36.74 -37.36
N VAL E 396 37.77 35.56 -36.80
CA VAL E 396 37.65 35.36 -35.36
C VAL E 396 38.87 34.59 -34.88
N ILE E 397 39.50 35.07 -33.82
CA ILE E 397 40.72 34.50 -33.27
C ILE E 397 40.37 33.76 -31.99
N SER E 398 40.72 32.49 -31.92
CA SER E 398 40.47 31.67 -30.75
C SER E 398 41.75 31.05 -30.24
N ARG E 399 41.78 30.74 -28.95
CA ARG E 399 42.92 30.12 -28.30
C ARG E 399 42.47 28.92 -27.50
N GLN E 400 43.36 27.92 -27.39
CA GLN E 400 43.07 26.72 -26.62
C GLN E 400 43.38 26.99 -25.16
N ILE E 401 42.34 27.02 -24.32
CA ILE E 401 42.47 27.30 -22.90
C ILE E 401 41.91 26.09 -22.15
N ALA E 402 42.82 25.26 -21.61
CA ALA E 402 42.46 24.07 -20.85
C ALA E 402 41.62 23.10 -21.68
N GLY E 403 42.23 22.60 -22.75
CA GLY E 403 41.59 21.62 -23.62
C GLY E 403 40.37 22.09 -24.37
N ARG E 404 40.04 23.39 -24.31
CA ARG E 404 38.89 23.93 -25.00
C ARG E 404 39.28 25.17 -25.78
N TRP E 405 38.67 25.35 -26.96
CA TRP E 405 38.92 26.53 -27.78
C TRP E 405 37.97 27.65 -27.37
N ARG E 406 38.53 28.83 -27.10
CA ARG E 406 37.76 29.97 -26.64
C ARG E 406 38.05 31.19 -27.49
N MET E 407 37.00 31.93 -27.83
CA MET E 407 37.14 33.15 -28.62
C MET E 407 37.87 34.21 -27.81
N ILE E 408 39.01 34.67 -28.33
CA ILE E 408 39.83 35.65 -27.62
C ILE E 408 39.92 36.99 -28.35
N GLY E 409 39.67 37.03 -29.65
CA GLY E 409 39.79 38.29 -30.37
C GLY E 409 39.28 38.15 -31.79
N TRP E 410 39.45 39.23 -32.55
CA TRP E 410 38.98 39.29 -33.93
C TRP E 410 39.86 40.27 -34.70
N GLY E 411 39.55 40.42 -35.98
CA GLY E 411 40.30 41.33 -36.82
C GLY E 411 39.92 41.18 -38.27
N LEU E 412 40.67 41.88 -39.12
CA LEU E 412 40.47 41.86 -40.57
C LEU E 412 41.73 41.32 -41.23
N VAL E 413 41.55 40.38 -42.15
CA VAL E 413 42.67 39.84 -42.91
C VAL E 413 43.07 40.85 -43.98
N GLU E 414 44.36 41.18 -44.02
CA GLU E 414 44.88 42.20 -44.91
C GLU E 414 45.69 41.52 -46.01
N ILE E 415 45.17 41.59 -47.24
CA ILE E 415 45.87 41.02 -48.38
C ILE E 415 46.60 42.13 -49.14
PG GCP F . -28.50 23.33 -2.11
O1G GCP F . -27.91 24.60 -1.31
O2G GCP F . -29.00 23.78 -3.57
O3G GCP F . -27.45 22.30 -2.24
C3B GCP F . -29.93 22.71 -1.20
PB GCP F . -30.47 21.07 -1.79
O1B GCP F . -30.71 21.11 -3.22
O2B GCP F . -29.42 19.94 -1.42
O3A GCP F . -31.92 20.75 -1.19
PA GCP F . -32.16 19.89 0.13
O1A GCP F . -31.36 20.49 1.23
O2A GCP F . -32.02 18.42 -0.19
O5' GCP F . -33.72 20.24 0.32
C5' GCP F . -34.15 21.60 0.46
C4' GCP F . -35.55 21.61 1.05
O4' GCP F . -36.43 20.90 0.18
C3' GCP F . -35.54 20.88 2.38
O3' GCP F . -36.44 21.53 3.30
C2' GCP F . -36.09 19.51 2.04
O2' GCP F . -36.74 18.88 3.15
C1' GCP F . -37.03 19.81 0.89
N9 GCP F . -37.21 18.60 0.07
C8 GCP F . -36.24 17.85 -0.49
N7 GCP F . -36.76 16.79 -1.17
C5 GCP F . -38.10 16.85 -1.03
C6 GCP F . -39.27 16.05 -1.49
O6 GCP F . -39.10 15.03 -2.19
N1 GCP F . -40.49 16.47 -1.13
C2 GCP F . -40.68 17.57 -0.39
N2 GCP F . -41.95 17.93 -0.06
N3 GCP F . -39.68 18.34 0.07
C4 GCP F . -38.39 18.04 -0.21
NA NA G . -15.69 12.13 -16.20
NA NA H . -26.49 1.58 1.46
NA NA I . -47.79 13.59 -6.95
PG GCP J . -9.41 -41.38 -11.99
O1G GCP J . -9.92 -40.29 -11.10
O2G GCP J . -10.67 -42.03 -12.75
O3G GCP J . -8.69 -42.48 -11.07
C3B GCP J . -8.21 -40.76 -13.21
PB GCP J . -8.76 -39.25 -14.04
O1B GCP J . -8.77 -38.01 -13.03
O2B GCP J . -10.09 -39.44 -14.61
O3A GCP J . -7.89 -38.94 -15.34
PA GCP J . -6.62 -37.95 -15.33
O1A GCP J . -7.07 -36.52 -15.38
O2A GCP J . -5.77 -38.42 -14.21
O5' GCP J . -5.98 -38.41 -16.73
C5' GCP J . -5.56 -39.77 -16.92
C4' GCP J . -4.66 -39.84 -18.14
O4' GCP J . -5.33 -39.25 -19.25
C3' GCP J . -3.42 -39.00 -17.88
O3' GCP J . -2.28 -39.66 -18.45
C2' GCP J . -3.68 -37.71 -18.62
O2' GCP J . -2.49 -37.06 -19.06
C1' GCP J . -4.56 -38.17 -19.78
N9 GCP J . -5.39 -37.05 -20.27
C8 GCP J . -6.24 -36.30 -19.55
N7 GCP J . -6.83 -35.36 -20.33
C5 GCP J . -6.34 -35.50 -21.58
C6 GCP J . -6.52 -34.83 -22.89
O6 GCP J . -7.31 -33.87 -23.01
N1 GCP J . -5.83 -35.29 -23.93
C2 GCP J . -4.97 -36.33 -23.82
N2 GCP J . -4.29 -36.74 -24.92
N3 GCP J . -4.75 -36.98 -22.66
C4 GCP J . -5.39 -36.62 -21.52
NA NA K . -9.61 -33.50 -32.67
NA NA L . -8.14 -19.29 -11.07
NA NA M . -10.23 -16.45 -21.75
PG GCP N . -16.36 -38.70 32.39
O1G GCP N . -15.61 -37.32 32.72
O2G GCP N . -16.83 -38.70 30.99
O3G GCP N . -15.38 -39.95 32.62
C3B GCP N . -17.83 -38.83 33.45
PB GCP N . -17.46 -39.03 35.21
O1B GCP N . -17.01 -37.64 35.88
O2B GCP N . -16.41 -40.06 35.41
O3A GCP N . -18.80 -39.56 35.93
PA GCP N . -19.96 -38.60 36.50
O1A GCP N . -20.50 -37.75 35.38
O2A GCP N . -19.52 -37.97 37.79
O5' GCP N . -21.07 -39.72 36.81
C5' GCP N . -21.62 -40.51 35.75
C4' GCP N . -22.85 -41.23 36.27
O4' GCP N . -22.51 -42.04 37.38
C3' GCP N . -23.87 -40.21 36.73
O3' GCP N . -25.14 -40.51 36.15
C2' GCP N . -23.97 -40.39 38.23
O2' GCP N . -25.33 -40.30 38.65
C1' GCP N . -23.40 -41.78 38.48
N9 GCP N . -22.69 -41.85 39.78
C8 GCP N . -21.58 -41.18 40.12
N7 GCP N . -21.20 -41.47 41.39
C5 GCP N . -22.10 -42.35 41.89
C6 GCP N . -22.30 -43.06 43.17
O6 GCP N . -21.51 -42.92 44.13
N1 GCP N . -23.36 -43.89 43.27
C2 GCP N . -24.23 -44.07 42.25
N2 GCP N . -25.27 -44.91 42.44
N3 GCP N . -24.10 -43.44 41.06
C4 GCP N . -23.08 -42.59 40.82
C1 EDO O . 5.42 -26.72 26.99
O1 EDO O . 4.06 -26.28 27.00
C2 EDO O . 6.34 -25.62 26.49
O2 EDO O . 6.05 -25.32 25.12
C1 EDO P . 3.10 -7.30 20.84
O1 EDO P . 2.97 -6.68 22.13
C2 EDO P . 1.84 -7.05 20.03
O2 EDO P . 1.95 -7.67 18.74
C1 EDO Q . 14.51 -13.12 25.37
O1 EDO Q . 14.14 -12.98 26.75
C2 EDO Q . 13.43 -13.93 24.66
O2 EDO Q . 13.85 -14.18 23.30
PG GCP R . 16.17 24.49 2.80
O1G GCP R . 15.74 25.82 3.59
O2G GCP R . 16.63 23.45 3.74
O3G GCP R . 14.90 23.96 1.97
C3B GCP R . 17.48 24.91 1.61
PB GCP R . 19.11 25.05 2.38
O1B GCP R . 19.05 26.07 3.46
O2B GCP R . 19.61 23.64 2.98
O3A GCP R . 20.14 25.59 1.27
PA GCP R . 21.04 24.62 0.35
O1A GCP R . 22.23 24.13 1.14
O2A GCP R . 20.15 23.64 -0.37
O5' GCP R . 21.55 25.70 -0.73
C5' GCP R . 20.63 26.24 -1.68
C4' GCP R . 21.41 26.99 -2.74
O4' GCP R . 22.31 27.90 -2.12
C3' GCP R . 22.24 26.03 -3.58
O3' GCP R . 21.93 26.22 -4.96
C2' GCP R . 23.69 26.41 -3.33
O2' GCP R . 24.42 26.45 -4.56
C1' GCP R . 23.61 27.79 -2.71
N9 GCP R . 24.68 27.97 -1.69
C8 GCP R . 24.77 27.32 -0.51
N7 GCP R . 25.88 27.71 0.17
C5 GCP R . 26.51 28.62 -0.58
C6 GCP R . 27.74 29.44 -0.46
O6 GCP R . 28.47 29.36 0.56
N1 GCP R . 28.05 30.27 -1.46
C2 GCP R . 27.29 30.38 -2.57
N2 GCP R . 27.66 31.24 -3.53
N3 GCP R . 26.14 29.66 -2.74
C4 GCP R . 25.72 28.79 -1.80
C1 EDO S . 4.85 13.14 24.15
O1 EDO S . 4.29 11.87 23.82
C2 EDO S . 6.33 13.18 23.82
O2 EDO S . 6.52 13.07 22.41
PG GCP T . 21.31 23.03 -28.18
O1G GCP T . 21.97 24.38 -27.60
O2G GCP T . 21.08 23.15 -29.63
O3G GCP T . 22.31 21.82 -27.86
C3B GCP T . 19.74 22.73 -27.33
PB GCP T . 18.45 23.87 -27.89
O1B GCP T . 18.86 25.27 -27.66
O2B GCP T . 18.10 23.65 -29.45
O3A GCP T . 17.14 23.59 -26.99
PA GCP T . 15.98 22.58 -27.48
O1A GCP T . 15.07 23.31 -28.45
O2A GCP T . 16.60 21.26 -27.86
O5' GCP T . 15.18 22.36 -26.09
C5' GCP T . 15.62 21.36 -25.17
C4' GCP T . 14.54 21.09 -24.14
O4' GCP T . 14.01 22.32 -23.66
C3' GCP T . 13.39 20.32 -24.78
O3' GCP T . 13.27 19.04 -24.17
C2' GCP T . 12.15 21.15 -24.52
O2' GCP T . 11.15 20.33 -23.89
C1' GCP T . 12.59 22.26 -23.59
N9 GCP T . 11.98 23.55 -24.02
C8 GCP T . 12.29 24.25 -25.13
N7 GCP T . 11.55 25.38 -25.22
C5 GCP T . 10.73 25.42 -24.15
C6 GCP T . 9.69 26.32 -23.62
O6 GCP T . 9.38 27.36 -24.23
N1 GCP T . 9.08 25.99 -22.48
C2 GCP T . 9.39 24.87 -21.79
N2 GCP T . 8.74 24.61 -20.64
N3 GCP T . 10.34 23.99 -22.21
C4 GCP T . 11.03 24.20 -23.36
#